data_6GNF
#
_entry.id   6GNF
#
_cell.length_a   194.260
_cell.length_b   132.650
_cell.length_c   123.690
_cell.angle_alpha   90.00
_cell.angle_beta   126.30
_cell.angle_gamma   90.00
#
_symmetry.space_group_name_H-M   'C 1 2 1'
#
loop_
_entity.id
_entity.type
_entity.pdbx_description
1 polymer 'Glycogen synthase'
2 branched 4,6-dideoxy-4-{[(1S,4R,5S,6S)-4,5,6-trihydroxy-3-(hydroxymethyl)cyclohex-2-en-1-yl]amino}-alpha-D-glucopyranose-(1-4)-alpha-D-glucopyranose-(1-4)-beta-D-glucopyranose
3 non-polymer "ADENOSINE-5'-DIPHOSPHATE"
4 non-polymer 'SULFATE ION'
5 non-polymer alpha-D-glucopyranose
6 water water
#
_entity_poly.entity_id   1
_entity_poly.type   'polypeptide(L)'
_entity_poly.pdbx_seq_one_letter_code
;MGSSHHHHHHSSGLVPRGSHMLNICFVSTEVAPYSKTGGLGDVTEGLPEELAKIGHKVCTVAPRFDQYEDAWDTEIIQPV
NYGQEKTNVRYFHSYKKGVDHIWVDHHVYLSKTPLVNKKLYGPKDSVDYIDNVERFAMLSQAALAVPLLVPLGAKGSQGV
MGENTIFVCNDWHTSLLPLYLKEYYQSQGIFVNAKTVMLLHNIAFQGRFPSSKFDALNLPAKYLSDLSFNTQFAPPPLDE
KTTEPITSPEPMYMLNWLKAGFLNCDQALTVSPNFAHEVTSSPMGGVELDAVARDVGLTGITNGTKIETWNPQKDKFILA
NYNSRTINSGKKLCKVALQKECGLTVDPDIPLFGFIGRLENQKGADVIIAAMPKLKQLNCQVVILGIGSPKLEQELESVA
DKYPFAKGVARFDSKLAHFITAGADYCLMPSRFEPCGLNQLYAMMYGTIPVVAPVGGLVDTVPPQFGFLMNKIPMPKIPG
VTVSEELLQQGVDAMIVGMKKALQEYGTPKFKKMRLDCMANDVSWKKPAAKYVDIFEQLVNSQV
;
_entity_poly.pdbx_strand_id   A,B,C
#
loop_
_chem_comp.id
_chem_comp.type
_chem_comp.name
_chem_comp.formula
AC1 D-saccharide 4,6-dideoxy-4-{[(1S,4R,5S,6S)-4,5,6-trihydroxy-3-(hydroxymethyl)cyclohex-2-en-1-yl]amino}-alpha-D-glucopyranose 'C13 H23 N O8'
ADP non-polymer ADENOSINE-5'-DIPHOSPHATE 'C10 H15 N5 O10 P2'
BGC D-saccharide, beta linking beta-D-glucopyranose 'C6 H12 O6'
GLC D-saccharide, alpha linking alpha-D-glucopyranose 'C6 H12 O6'
SO4 non-polymer 'SULFATE ION' 'O4 S -2'
#
# COMPACT_ATOMS: atom_id res chain seq x y z
N HIS A 20 13.21 36.76 3.83
CA HIS A 20 12.04 37.32 3.11
C HIS A 20 10.84 36.34 3.03
N MET A 21 10.34 36.06 1.82
CA MET A 21 9.06 35.40 1.65
C MET A 21 9.17 33.89 1.86
N LEU A 22 8.41 33.38 2.83
CA LEU A 22 8.28 31.95 3.08
C LEU A 22 7.18 31.34 2.22
N ASN A 23 7.34 30.07 1.90
CA ASN A 23 6.34 29.29 1.20
C ASN A 23 5.77 28.27 2.18
N ILE A 24 4.50 28.43 2.55
CA ILE A 24 3.89 27.61 3.58
C ILE A 24 2.65 26.92 3.03
N CYS A 25 2.63 25.60 3.15
CA CYS A 25 1.52 24.80 2.66
C CYS A 25 0.87 24.06 3.83
N PHE A 26 -0.32 24.51 4.24
CA PHE A 26 -1.07 23.88 5.35
C PHE A 26 -1.88 22.74 4.82
N VAL A 27 -1.80 21.59 5.49
CA VAL A 27 -2.56 20.43 5.07
C VAL A 27 -3.46 20.01 6.22
N SER A 28 -4.75 19.87 5.96
CA SER A 28 -5.69 19.44 6.98
C SER A 28 -6.95 18.87 6.39
N THR A 29 -7.78 18.30 7.26
CA THR A 29 -9.10 17.83 6.88
C THR A 29 -10.15 18.95 6.92
N GLU A 30 -9.83 20.05 7.58
CA GLU A 30 -10.81 21.11 7.83
C GLU A 30 -10.22 22.46 7.51
N VAL A 31 -11.00 23.30 6.81
CA VAL A 31 -10.68 24.71 6.62
C VAL A 31 -11.98 25.52 6.69
N ALA A 32 -12.17 26.27 7.77
CA ALA A 32 -13.36 27.10 7.89
C ALA A 32 -13.30 28.19 6.85
N PRO A 33 -14.48 28.65 6.37
CA PRO A 33 -15.83 28.19 6.71
C PRO A 33 -16.33 27.05 5.83
N TYR A 34 -15.46 26.47 5.01
CA TYR A 34 -15.86 25.47 4.03
C TYR A 34 -16.16 24.14 4.75
N SER A 35 -15.23 23.76 5.62
CA SER A 35 -15.33 22.53 6.37
C SER A 35 -14.86 22.78 7.81
N LYS A 36 -15.59 22.26 8.79
CA LYS A 36 -15.34 22.59 10.18
C LYS A 36 -16.21 21.73 11.09
N THR A 37 -15.59 21.11 12.08
CA THR A 37 -16.27 20.32 13.12
C THR A 37 -15.90 20.92 14.50
N GLY A 38 -15.06 21.95 14.46
CA GLY A 38 -14.50 22.50 15.68
C GLY A 38 -13.37 23.50 15.42
N GLY A 39 -12.48 23.63 16.40
CA GLY A 39 -11.41 24.62 16.38
C GLY A 39 -10.36 24.43 15.33
N LEU A 40 -10.11 23.20 14.87
CA LEU A 40 -9.10 22.97 13.84
C LEU A 40 -9.37 23.83 12.60
N GLY A 41 -10.60 23.81 12.14
CA GLY A 41 -10.98 24.60 10.97
C GLY A 41 -10.78 26.09 11.15
N ASP A 42 -11.01 26.59 12.36
CA ASP A 42 -10.80 28.01 12.65
C ASP A 42 -9.33 28.38 12.57
N VAL A 43 -8.45 27.54 13.09
CA VAL A 43 -7.02 27.81 13.04
C VAL A 43 -6.51 27.82 11.58
N THR A 44 -6.92 26.82 10.80
CA THR A 44 -6.46 26.75 9.40
C THR A 44 -7.10 27.82 8.51
N GLU A 45 -8.12 28.51 9.02
CA GLU A 45 -8.61 29.72 8.37
C GLU A 45 -7.79 30.93 8.80
N GLY A 46 -7.70 31.16 10.11
CA GLY A 46 -7.14 32.40 10.64
C GLY A 46 -5.64 32.57 10.56
N LEU A 47 -4.90 31.52 10.90
CA LEU A 47 -3.44 31.60 10.91
C LEU A 47 -2.88 31.81 9.50
N PRO A 48 -3.33 31.01 8.51
CA PRO A 48 -2.86 31.27 7.14
C PRO A 48 -3.18 32.66 6.61
N GLU A 49 -4.36 33.19 6.95
CA GLU A 49 -4.73 34.54 6.53
C GLU A 49 -3.79 35.59 7.12
N GLU A 50 -3.39 35.39 8.37
CA GLU A 50 -2.47 36.33 9.03
C GLU A 50 -1.08 36.23 8.41
N LEU A 51 -0.65 35.01 8.11
CA LEU A 51 0.64 34.81 7.47
C LEU A 51 0.72 35.44 6.08
N ALA A 52 -0.38 35.37 5.34
CA ALA A 52 -0.48 36.03 4.03
C ALA A 52 -0.43 37.54 4.17
N LYS A 53 -1.10 38.04 5.19
CA LYS A 53 -1.14 39.47 5.50
C LYS A 53 0.27 40.02 5.75
N ILE A 54 1.08 39.28 6.50
CA ILE A 54 2.48 39.64 6.75
C ILE A 54 3.31 39.63 5.46
N GLY A 55 2.87 38.89 4.44
CA GLY A 55 3.57 38.88 3.14
C GLY A 55 4.08 37.54 2.67
N HIS A 56 3.78 36.46 3.38
CA HIS A 56 4.27 35.15 2.97
C HIS A 56 3.30 34.51 1.97
N LYS A 57 3.82 33.53 1.23
CA LYS A 57 3.02 32.81 0.25
C LYS A 57 2.45 31.58 0.91
N VAL A 58 1.12 31.51 0.99
CA VAL A 58 0.43 30.55 1.83
C VAL A 58 -0.71 29.88 1.07
N CYS A 59 -0.83 28.57 1.23
CA CYS A 59 -1.99 27.85 0.70
C CYS A 59 -2.42 26.79 1.69
N THR A 60 -3.67 26.35 1.55
CA THR A 60 -4.17 25.23 2.33
C THR A 60 -4.56 24.14 1.34
N VAL A 61 -4.41 22.89 1.78
CA VAL A 61 -4.84 21.74 1.02
C VAL A 61 -5.74 20.90 1.91
N ALA A 62 -6.92 20.55 1.41
CA ALA A 62 -7.87 19.75 2.18
C ALA A 62 -8.79 19.03 1.21
N PRO A 63 -9.55 18.05 1.72
CA PRO A 63 -10.46 17.33 0.83
C PRO A 63 -11.63 18.18 0.36
N ARG A 64 -12.09 17.92 -0.86
CA ARG A 64 -13.29 18.59 -1.38
C ARG A 64 -14.52 17.79 -0.95
N PHE A 65 -15.03 18.11 0.24
CA PHE A 65 -16.18 17.40 0.80
C PHE A 65 -17.48 17.85 0.18
N ASP A 66 -17.49 19.09 -0.32
CA ASP A 66 -18.65 19.63 -1.03
C ASP A 66 -18.22 20.38 -2.28
N GLN A 67 -19.19 20.69 -3.13
CA GLN A 67 -18.91 21.43 -4.34
C GLN A 67 -18.88 22.92 -4.04
N TYR A 68 -17.77 23.39 -3.49
CA TYR A 68 -17.67 24.78 -3.03
C TYR A 68 -17.81 25.72 -4.20
N GLU A 69 -18.69 26.72 -4.06
CA GLU A 69 -19.09 27.56 -5.19
C GLU A 69 -17.97 28.43 -5.76
N ASP A 70 -17.05 28.87 -4.91
CA ASP A 70 -15.98 29.76 -5.32
C ASP A 70 -14.73 29.02 -5.84
N ALA A 71 -14.80 27.70 -5.97
CA ALA A 71 -13.64 26.90 -6.35
C ALA A 71 -13.77 26.37 -7.77
N TRP A 72 -12.76 26.60 -8.59
CA TRP A 72 -12.78 26.16 -9.98
C TRP A 72 -11.90 24.93 -10.18
N ASP A 73 -12.25 24.12 -11.18
CA ASP A 73 -11.46 22.96 -11.55
C ASP A 73 -10.18 23.42 -12.26
N THR A 74 -9.03 23.03 -11.74
CA THR A 74 -7.76 23.42 -12.34
C THR A 74 -7.41 22.58 -13.57
N GLU A 75 -8.14 21.49 -13.78
CA GLU A 75 -7.89 20.52 -14.86
C GLU A 75 -6.65 19.66 -14.63
N ILE A 76 -6.01 19.82 -13.48
CA ILE A 76 -4.88 19.00 -13.12
C ILE A 76 -5.38 17.67 -12.57
N ILE A 77 -4.74 16.58 -12.98
CA ILE A 77 -4.98 15.26 -12.39
C ILE A 77 -3.67 14.69 -11.91
N GLN A 78 -3.70 14.02 -10.77
CA GLN A 78 -2.51 13.47 -10.17
C GLN A 78 -2.78 12.03 -9.73
N PRO A 79 -1.94 11.08 -10.19
CA PRO A 79 -2.10 9.70 -9.70
C PRO A 79 -1.69 9.56 -8.23
N VAL A 80 -2.50 8.82 -7.46
CA VAL A 80 -2.21 8.52 -6.07
C VAL A 80 -2.75 7.14 -5.75
N ASN A 81 -2.43 6.63 -4.58
CA ASN A 81 -2.90 5.33 -4.14
C ASN A 81 -4.09 5.47 -3.20
N TYR A 82 -5.13 4.68 -3.46
CA TYR A 82 -6.22 4.52 -2.52
C TYR A 82 -6.10 3.12 -1.97
N GLY A 83 -5.42 2.99 -0.84
CA GLY A 83 -5.01 1.67 -0.37
C GLY A 83 -4.13 1.05 -1.44
N GLN A 84 -4.44 -0.18 -1.83
CA GLN A 84 -3.63 -0.87 -2.82
C GLN A 84 -4.12 -0.62 -4.24
N GLU A 85 -5.21 0.13 -4.39
CA GLU A 85 -5.72 0.53 -5.69
C GLU A 85 -5.09 1.86 -6.15
N LYS A 86 -4.68 1.89 -7.42
CA LYS A 86 -4.17 3.09 -8.07
C LYS A 86 -5.36 3.93 -8.52
N THR A 87 -5.31 5.24 -8.28
CA THR A 87 -6.43 6.12 -8.64
C THR A 87 -5.90 7.53 -8.95
N ASN A 88 -6.79 8.46 -9.26
CA ASN A 88 -6.43 9.84 -9.58
C ASN A 88 -7.22 10.80 -8.73
N VAL A 89 -6.63 11.92 -8.37
CA VAL A 89 -7.38 13.04 -7.81
C VAL A 89 -7.39 14.18 -8.81
N ARG A 90 -8.43 15.02 -8.75
CA ARG A 90 -8.45 16.31 -9.41
C ARG A 90 -8.26 17.37 -8.34
N TYR A 91 -7.76 18.54 -8.73
CA TYR A 91 -7.58 19.64 -7.80
C TYR A 91 -8.49 20.79 -8.19
N PHE A 92 -9.26 21.27 -7.21
CA PHE A 92 -10.04 22.48 -7.37
C PHE A 92 -9.34 23.56 -6.55
N HIS A 93 -9.64 24.81 -6.86
CA HIS A 93 -8.87 25.94 -6.36
C HIS A 93 -9.76 27.13 -6.11
N SER A 94 -9.70 27.68 -4.90
CA SER A 94 -10.31 28.98 -4.61
C SER A 94 -9.28 29.91 -3.99
N TYR A 95 -9.53 31.21 -4.09
CA TYR A 95 -8.59 32.22 -3.65
C TYR A 95 -9.31 33.28 -2.86
N LYS A 96 -8.89 33.49 -1.62
CA LYS A 96 -9.61 34.40 -0.73
C LYS A 96 -8.69 35.04 0.31
N LYS A 97 -8.79 36.37 0.42
CA LYS A 97 -8.00 37.14 1.37
C LYS A 97 -6.53 36.76 1.35
N GLY A 98 -5.97 36.71 0.14
CA GLY A 98 -4.55 36.44 -0.04
C GLY A 98 -4.11 35.01 0.18
N VAL A 99 -5.06 34.08 0.38
CA VAL A 99 -4.72 32.67 0.61
C VAL A 99 -5.35 31.78 -0.47
N ASP A 100 -4.55 30.85 -1.00
CA ASP A 100 -5.01 29.83 -1.93
C ASP A 100 -5.54 28.62 -1.17
N HIS A 101 -6.75 28.22 -1.50
CA HIS A 101 -7.34 27.00 -0.93
C HIS A 101 -7.42 25.99 -2.06
N ILE A 102 -6.69 24.90 -1.89
CA ILE A 102 -6.69 23.82 -2.85
C ILE A 102 -7.51 22.68 -2.28
N TRP A 103 -8.40 22.13 -3.09
CA TRP A 103 -9.30 21.09 -2.65
C TRP A 103 -9.07 19.83 -3.46
N VAL A 104 -8.82 18.74 -2.76
CA VAL A 104 -8.54 17.46 -3.39
C VAL A 104 -9.86 16.76 -3.67
N ASP A 105 -10.13 16.50 -4.94
CA ASP A 105 -11.41 15.95 -5.35
C ASP A 105 -11.32 14.47 -5.69
N HIS A 106 -12.20 13.69 -5.08
CA HIS A 106 -12.30 12.26 -5.32
C HIS A 106 -13.66 11.77 -4.83
N HIS A 107 -14.18 10.72 -5.47
CA HIS A 107 -15.47 10.14 -5.12
C HIS A 107 -15.60 9.84 -3.61
N VAL A 108 -14.52 9.42 -2.96
CA VAL A 108 -14.58 9.02 -1.55
C VAL A 108 -14.69 10.21 -0.60
N TYR A 109 -14.41 11.42 -1.09
CA TYR A 109 -14.61 12.62 -0.27
C TYR A 109 -15.97 13.24 -0.50
N LEU A 110 -16.36 13.36 -1.77
CA LEU A 110 -17.56 14.12 -2.11
C LEU A 110 -18.83 13.37 -1.81
N SER A 111 -18.89 12.12 -2.25
CA SER A 111 -20.12 11.34 -2.28
C SER A 111 -20.39 10.50 -1.01
N LYS A 112 -19.72 10.82 0.10
CA LYS A 112 -20.01 10.16 1.38
C LYS A 112 -21.43 10.49 1.88
N THR A 113 -21.82 11.75 1.70
CA THR A 113 -23.15 12.21 2.07
C THR A 113 -23.54 13.41 1.18
N PRO A 114 -24.83 13.54 0.84
CA PRO A 114 -25.29 14.76 0.15
C PRO A 114 -25.35 16.00 1.07
N LEU A 115 -25.34 15.79 2.39
CA LEU A 115 -25.38 16.90 3.36
C LEU A 115 -24.09 17.72 3.35
N VAL A 116 -24.24 19.04 3.49
CA VAL A 116 -23.12 19.98 3.40
C VAL A 116 -22.39 20.18 4.73
N ASN A 117 -21.08 19.96 4.73
CA ASN A 117 -20.22 20.11 5.93
C ASN A 117 -20.69 19.25 7.11
N LYS A 118 -21.01 17.98 6.83
CA LYS A 118 -21.41 17.03 7.87
C LYS A 118 -20.77 15.69 7.57
N LYS A 119 -20.49 14.92 8.63
CA LYS A 119 -19.96 13.56 8.50
C LYS A 119 -18.65 13.51 7.71
N LEU A 120 -17.71 14.34 8.14
CA LEU A 120 -16.35 14.35 7.59
C LEU A 120 -15.58 13.06 7.94
N TYR A 121 -15.72 12.60 9.18
CA TYR A 121 -14.92 11.47 9.69
C TYR A 121 -15.67 10.14 9.81
N GLY A 122 -17.00 10.20 9.81
CA GLY A 122 -17.83 8.99 9.84
C GLY A 122 -19.32 9.30 9.76
N PRO A 123 -20.16 8.26 9.65
CA PRO A 123 -21.62 8.45 9.53
C PRO A 123 -22.30 8.88 10.85
N LYS A 124 -21.98 8.20 11.95
CA LYS A 124 -22.54 8.49 13.28
C LYS A 124 -21.63 9.49 14.03
N ASP A 125 -21.95 9.72 15.31
CA ASP A 125 -21.20 10.65 16.17
C ASP A 125 -19.74 10.20 16.44
N SER A 126 -19.58 9.07 17.15
CA SER A 126 -18.24 8.55 17.47
C SER A 126 -17.72 7.58 16.42
N VAL A 127 -18.61 7.09 15.55
CA VAL A 127 -18.25 6.07 14.58
C VAL A 127 -17.43 6.67 13.43
N ASP A 128 -16.40 5.93 13.00
CA ASP A 128 -15.55 6.34 11.88
C ASP A 128 -15.87 5.51 10.63
N TYR A 129 -15.64 6.11 9.45
CA TYR A 129 -15.67 5.35 8.21
C TYR A 129 -14.60 4.25 8.27
N ILE A 130 -14.93 3.06 7.78
CA ILE A 130 -13.96 1.95 7.74
C ILE A 130 -12.68 2.37 7.00
N ASP A 131 -12.84 3.13 5.92
CA ASP A 131 -11.77 3.42 4.98
C ASP A 131 -11.02 4.73 5.28
N ASN A 132 -11.02 5.16 6.55
CA ASN A 132 -10.28 6.38 6.90
C ASN A 132 -8.79 6.29 6.65
N VAL A 133 -8.25 5.08 6.80
CA VAL A 133 -6.84 4.82 6.49
C VAL A 133 -6.58 5.22 5.04
N GLU A 134 -7.37 4.70 4.11
CA GLU A 134 -7.13 4.96 2.69
C GLU A 134 -7.40 6.43 2.34
N ARG A 135 -8.48 6.98 2.88
CA ARG A 135 -8.89 8.36 2.59
C ARG A 135 -7.84 9.38 3.00
N PHE A 136 -7.26 9.23 4.18
CA PHE A 136 -6.34 10.22 4.70
C PHE A 136 -4.89 9.98 4.29
N ALA A 137 -4.50 8.74 4.08
CA ALA A 137 -3.24 8.47 3.40
C ALA A 137 -3.26 9.11 1.99
N MET A 138 -4.39 8.99 1.30
CA MET A 138 -4.51 9.59 -0.03
C MET A 138 -4.42 11.12 0.01
N LEU A 139 -4.99 11.73 1.05
CA LEU A 139 -4.87 13.17 1.23
C LEU A 139 -3.42 13.63 1.35
N SER A 140 -2.61 12.89 2.13
CA SER A 140 -1.21 13.26 2.34
C SER A 140 -0.41 13.15 1.04
N GLN A 141 -0.66 12.11 0.27
CA GLN A 141 -0.03 11.94 -1.04
C GLN A 141 -0.44 13.04 -2.01
N ALA A 142 -1.73 13.35 -2.03
CA ALA A 142 -2.23 14.36 -2.97
C ALA A 142 -1.69 15.74 -2.67
N ALA A 143 -1.51 16.04 -1.38
CA ALA A 143 -1.07 17.37 -0.95
C ALA A 143 0.37 17.66 -1.35
N LEU A 144 1.20 16.62 -1.36
CA LEU A 144 2.60 16.79 -1.68
C LEU A 144 2.82 17.30 -3.10
N ALA A 145 1.92 16.95 -4.02
CA ALA A 145 2.04 17.36 -5.41
C ALA A 145 1.62 18.82 -5.63
N VAL A 146 0.91 19.40 -4.67
CA VAL A 146 0.30 20.71 -4.89
C VAL A 146 1.33 21.82 -5.13
N PRO A 147 2.39 21.89 -4.30
CA PRO A 147 3.41 22.90 -4.56
C PRO A 147 4.12 22.76 -5.91
N LEU A 148 4.06 21.59 -6.53
CA LEU A 148 4.73 21.37 -7.81
C LEU A 148 3.81 21.64 -9.01
N LEU A 149 2.50 21.53 -8.82
CA LEU A 149 1.55 21.47 -9.93
C LEU A 149 0.57 22.62 -10.04
N VAL A 150 0.10 23.14 -8.92
CA VAL A 150 -1.03 24.06 -8.91
C VAL A 150 -0.59 25.54 -8.93
N PRO A 151 -0.90 26.27 -10.02
CA PRO A 151 -0.55 27.68 -10.05
C PRO A 151 -1.40 28.50 -9.08
N LEU A 152 -0.75 29.35 -8.30
CA LEU A 152 -1.38 30.03 -7.19
C LEU A 152 -1.67 31.48 -7.55
N GLY A 153 -2.33 32.17 -6.63
CA GLY A 153 -2.69 33.55 -6.79
C GLY A 153 -4.04 33.71 -7.46
N ALA A 154 -4.45 34.96 -7.63
CA ALA A 154 -5.68 35.27 -8.34
C ALA A 154 -5.65 34.60 -9.72
N LYS A 155 -6.55 33.65 -9.93
CA LYS A 155 -6.68 32.90 -11.18
C LYS A 155 -5.37 32.24 -11.63
N GLY A 156 -4.60 31.74 -10.67
CA GLY A 156 -3.37 30.99 -10.98
C GLY A 156 -2.33 31.78 -11.76
N SER A 157 -2.31 33.09 -11.57
CA SER A 157 -1.36 33.94 -12.30
C SER A 157 0.08 33.93 -11.75
N GLN A 158 0.30 33.36 -10.58
CA GLN A 158 1.60 33.49 -9.90
C GLN A 158 2.54 32.31 -10.11
N GLY A 159 2.11 31.28 -10.82
CA GLY A 159 2.91 30.06 -10.92
C GLY A 159 2.85 29.25 -9.64
N VAL A 160 3.53 28.11 -9.63
CA VAL A 160 3.45 27.15 -8.51
C VAL A 160 4.33 27.57 -7.33
N MET A 161 4.06 26.99 -6.16
CA MET A 161 4.81 27.33 -4.95
C MET A 161 6.26 26.86 -5.02
N GLY A 162 6.50 25.69 -5.60
CA GLY A 162 7.86 25.19 -5.79
C GLY A 162 8.37 24.33 -4.67
N GLU A 163 9.65 23.98 -4.73
CA GLU A 163 10.23 22.97 -3.85
C GLU A 163 10.72 23.49 -2.51
N ASN A 164 10.87 24.80 -2.35
CA ASN A 164 11.32 25.37 -1.08
C ASN A 164 10.13 25.67 -0.20
N THR A 165 9.47 24.60 0.22
CA THR A 165 8.17 24.68 0.86
C THR A 165 8.22 24.08 2.25
N ILE A 166 7.50 24.71 3.18
CA ILE A 166 7.27 24.17 4.50
C ILE A 166 5.86 23.59 4.53
N PHE A 167 5.74 22.28 4.73
CA PHE A 167 4.45 21.64 4.88
C PHE A 167 4.04 21.65 6.35
N VAL A 168 2.90 22.26 6.66
CA VAL A 168 2.34 22.21 8.02
C VAL A 168 1.24 21.17 8.05
N CYS A 169 1.54 20.05 8.71
CA CYS A 169 0.62 18.92 8.83
C CYS A 169 -0.19 19.06 10.11
N ASN A 170 -1.50 19.22 9.95
CA ASN A 170 -2.39 19.42 11.08
C ASN A 170 -2.98 18.11 11.53
N ASP A 171 -2.67 17.72 12.77
CA ASP A 171 -3.25 16.56 13.43
C ASP A 171 -2.95 15.22 12.76
N TRP A 172 -3.48 14.15 13.34
CA TRP A 172 -3.12 12.80 12.93
C TRP A 172 -3.46 12.49 11.48
N HIS A 173 -4.49 13.13 10.94
CA HIS A 173 -4.98 12.82 9.58
C HIS A 173 -3.91 12.99 8.52
N THR A 174 -3.04 13.95 8.73
CA THR A 174 -2.00 14.30 7.78
C THR A 174 -0.59 13.92 8.27
N SER A 175 -0.52 13.09 9.31
CA SER A 175 0.75 12.83 9.97
C SER A 175 1.67 11.86 9.21
N LEU A 176 1.17 11.23 8.15
CA LEU A 176 2.03 10.41 7.28
C LEU A 176 2.73 11.21 6.18
N LEU A 177 2.35 12.47 5.98
CA LEU A 177 2.95 13.29 4.93
C LEU A 177 4.49 13.35 4.99
N PRO A 178 5.07 13.47 6.19
CA PRO A 178 6.53 13.46 6.27
C PRO A 178 7.18 12.17 5.79
N LEU A 179 6.48 11.04 5.97
CA LEU A 179 6.99 9.77 5.50
C LEU A 179 6.94 9.70 3.99
N TYR A 180 5.81 10.11 3.40
CA TYR A 180 5.68 10.12 1.95
C TYR A 180 6.64 11.13 1.31
N LEU A 181 6.84 12.27 1.95
CA LEU A 181 7.82 13.26 1.48
C LEU A 181 9.19 12.63 1.31
N LYS A 182 9.62 11.90 2.32
CA LYS A 182 10.92 11.21 2.26
C LYS A 182 10.95 10.11 1.23
N GLU A 183 9.93 9.26 1.24
CA GLU A 183 9.96 8.04 0.44
C GLU A 183 9.72 8.30 -1.04
N TYR A 184 8.70 9.08 -1.36
CA TYR A 184 8.30 9.28 -2.75
C TYR A 184 9.01 10.44 -3.43
N TYR A 185 9.51 11.41 -2.68
CA TYR A 185 10.07 12.63 -3.29
C TYR A 185 11.55 12.81 -3.03
N GLN A 186 11.92 12.96 -1.77
CA GLN A 186 13.31 13.25 -1.42
C GLN A 186 14.28 12.15 -1.80
N SER A 187 13.79 10.92 -1.86
CA SER A 187 14.60 9.80 -2.31
C SER A 187 14.98 9.91 -3.79
N GLN A 188 14.26 10.72 -4.57
CA GLN A 188 14.62 10.99 -5.97
C GLN A 188 15.13 12.41 -6.17
N GLY A 189 15.53 13.10 -5.11
CA GLY A 189 16.02 14.47 -5.23
C GLY A 189 14.99 15.56 -5.48
N ILE A 190 13.72 15.30 -5.15
CA ILE A 190 12.68 16.33 -5.21
C ILE A 190 12.37 16.78 -3.79
N PHE A 191 12.05 18.06 -3.62
CA PHE A 191 11.76 18.63 -2.30
C PHE A 191 12.93 18.45 -1.34
N VAL A 192 14.15 18.44 -1.86
CA VAL A 192 15.30 18.11 -1.04
C VAL A 192 15.45 19.07 0.14
N ASN A 193 15.01 20.32 -0.04
CA ASN A 193 15.08 21.35 1.02
C ASN A 193 13.73 21.67 1.67
N ALA A 194 12.68 20.96 1.29
CA ALA A 194 11.38 21.15 1.92
C ALA A 194 11.44 20.73 3.38
N LYS A 195 10.62 21.36 4.21
CA LYS A 195 10.54 21.04 5.63
C LYS A 195 9.11 20.65 6.02
N THR A 196 8.98 19.85 7.07
CA THR A 196 7.67 19.50 7.58
C THR A 196 7.55 19.91 9.03
N VAL A 197 6.37 20.43 9.36
CA VAL A 197 6.05 20.78 10.73
C VAL A 197 4.78 20.02 11.10
N MET A 198 4.85 19.29 12.21
CA MET A 198 3.71 18.58 12.74
C MET A 198 3.02 19.54 13.71
N LEU A 199 1.84 20.02 13.35
CA LEU A 199 1.07 20.89 14.22
C LEU A 199 -0.02 20.09 14.89
N LEU A 200 0.14 19.88 16.19
CA LEU A 200 -0.77 19.05 16.96
C LEU A 200 -1.87 19.90 17.58
N HIS A 201 -3.12 19.56 17.30
CA HIS A 201 -4.25 20.25 17.91
C HIS A 201 -4.91 19.45 19.03
N ASN A 202 -4.77 18.12 18.99
CA ASN A 202 -5.40 17.26 19.98
C ASN A 202 -4.74 15.88 20.02
N ILE A 203 -4.11 15.56 21.15
CA ILE A 203 -3.34 14.33 21.32
C ILE A 203 -4.21 13.11 21.59
N ALA A 204 -5.49 13.31 21.87
CA ALA A 204 -6.38 12.19 22.16
C ALA A 204 -6.61 11.31 20.92
N PHE A 205 -6.45 11.88 19.73
CA PHE A 205 -6.65 11.11 18.51
C PHE A 205 -5.33 11.09 17.75
N GLN A 206 -4.84 9.87 17.50
CA GLN A 206 -3.47 9.65 17.07
C GLN A 206 -3.32 8.83 15.78
N GLY A 207 -4.43 8.36 15.22
CA GLY A 207 -4.39 7.49 14.07
C GLY A 207 -3.88 6.13 14.47
N ARG A 208 -4.49 5.57 15.52
CA ARG A 208 -4.23 4.20 15.91
C ARG A 208 -5.06 3.29 15.02
N PHE A 209 -4.39 2.39 14.32
CA PHE A 209 -5.06 1.43 13.44
C PHE A 209 -4.43 0.07 13.62
N PRO A 210 -5.18 -1.00 13.30
CA PRO A 210 -4.61 -2.33 13.39
C PRO A 210 -3.41 -2.48 12.47
N SER A 211 -2.46 -3.32 12.86
CA SER A 211 -1.24 -3.49 12.10
C SER A 211 -1.52 -4.13 10.74
N SER A 212 -2.63 -4.86 10.65
CA SER A 212 -3.10 -5.43 9.40
C SER A 212 -3.46 -4.38 8.34
N LYS A 213 -3.57 -3.12 8.75
CA LYS A 213 -3.76 -2.03 7.79
C LYS A 213 -2.46 -1.44 7.28
N PHE A 214 -1.32 -2.09 7.55
CA PHE A 214 -0.02 -1.53 7.12
C PHE A 214 0.13 -1.52 5.60
N ASP A 215 -0.33 -2.57 4.92
CA ASP A 215 -0.13 -2.68 3.48
C ASP A 215 -0.85 -1.56 2.74
N ALA A 216 -1.94 -1.05 3.32
CA ALA A 216 -2.71 0.01 2.71
C ALA A 216 -1.98 1.35 2.65
N LEU A 217 -0.90 1.50 3.42
CA LEU A 217 -0.13 2.75 3.43
C LEU A 217 0.83 2.90 2.24
N ASN A 218 1.14 1.80 1.56
CA ASN A 218 2.15 1.78 0.49
C ASN A 218 3.47 2.41 0.90
N LEU A 219 3.97 1.97 2.06
CA LEU A 219 5.27 2.39 2.54
C LEU A 219 6.11 1.15 2.77
N PRO A 220 7.42 1.25 2.53
CA PRO A 220 8.30 0.13 2.80
C PRO A 220 8.50 -0.11 4.29
N ALA A 221 9.09 -1.25 4.61
CA ALA A 221 9.19 -1.70 5.99
C ALA A 221 10.13 -0.85 6.83
N LYS A 222 10.94 0.01 6.20
CA LYS A 222 11.84 0.87 6.97
C LYS A 222 11.07 1.85 7.85
N TYR A 223 9.80 2.11 7.55
CA TYR A 223 8.98 2.98 8.41
C TYR A 223 8.14 2.21 9.45
N LEU A 224 8.29 0.90 9.50
CA LEU A 224 7.46 0.04 10.33
C LEU A 224 7.70 0.31 11.81
N SER A 225 8.97 0.44 12.18
CA SER A 225 9.34 0.73 13.55
C SER A 225 8.78 2.07 14.05
N ASP A 226 8.84 3.10 13.21
CA ASP A 226 8.30 4.42 13.56
C ASP A 226 6.78 4.35 13.78
N LEU A 227 6.10 3.55 12.96
CA LEU A 227 4.65 3.38 13.06
C LEU A 227 4.23 2.48 14.22
N SER A 228 5.14 1.68 14.74
CA SER A 228 4.81 0.65 15.70
C SER A 228 4.44 1.21 17.07
N PHE A 229 3.56 0.50 17.77
CA PHE A 229 2.98 1.00 19.01
C PHE A 229 2.32 -0.11 19.82
N ASN A 230 2.49 -0.06 21.13
CA ASN A 230 1.89 -1.03 22.03
C ASN A 230 1.05 -0.36 23.09
N THR A 231 -0.17 -0.86 23.29
CA THR A 231 -1.09 -0.25 24.24
C THR A 231 -2.23 -1.20 24.60
N GLN A 232 -3.00 -0.82 25.62
CA GLN A 232 -4.20 -1.53 26.02
C GLN A 232 -5.49 -0.86 25.49
N PHE A 233 -5.34 0.29 24.82
CA PHE A 233 -6.48 1.12 24.45
C PHE A 233 -6.57 1.36 22.92
N ALA A 234 -7.30 0.50 22.22
CA ALA A 234 -7.54 0.69 20.78
C ALA A 234 -8.85 1.45 20.55
N PRO A 235 -8.99 2.12 19.39
CA PRO A 235 -10.31 2.67 19.07
C PRO A 235 -11.29 1.55 18.75
N PRO A 236 -12.59 1.89 18.61
CA PRO A 236 -13.58 0.88 18.23
C PRO A 236 -13.20 0.21 16.91
N PRO A 237 -13.60 -1.06 16.73
CA PRO A 237 -13.15 -1.79 15.54
C PRO A 237 -13.70 -1.19 14.24
N LEU A 238 -12.96 -1.34 13.15
CA LEU A 238 -13.35 -0.79 11.85
C LEU A 238 -14.52 -1.59 11.22
N ASP A 239 -15.73 -1.41 11.75
CA ASP A 239 -16.95 -2.00 11.17
C ASP A 239 -18.07 -0.99 10.87
N GLU A 240 -17.76 0.30 11.05
CA GLU A 240 -18.67 1.41 10.74
C GLU A 240 -20.00 1.39 11.51
N LYS A 241 -20.00 0.84 12.73
CA LYS A 241 -21.13 0.99 13.64
C LYS A 241 -20.75 0.88 15.12
N THR A 242 -20.00 -0.15 15.48
CA THR A 242 -19.60 -0.39 16.87
C THR A 242 -19.00 0.86 17.52
N THR A 243 -19.54 1.25 18.67
CA THR A 243 -19.15 2.46 19.36
C THR A 243 -18.27 2.18 20.60
N GLU A 244 -18.23 0.92 21.05
CA GLU A 244 -17.47 0.51 22.23
CA GLU A 244 -17.47 0.51 22.23
C GLU A 244 -15.98 0.34 21.89
N PRO A 245 -15.09 1.20 22.48
CA PRO A 245 -13.65 1.02 22.21
C PRO A 245 -13.09 -0.28 22.78
N ILE A 246 -12.05 -0.82 22.14
CA ILE A 246 -11.46 -2.10 22.58
C ILE A 246 -10.37 -1.84 23.61
N THR A 247 -10.73 -1.96 24.89
CA THR A 247 -9.76 -2.03 25.98
C THR A 247 -9.30 -3.49 26.08
N SER A 248 -8.11 -3.70 26.63
CA SER A 248 -7.56 -5.05 26.78
C SER A 248 -6.82 -5.21 28.11
N PRO A 249 -6.84 -6.42 28.71
CA PRO A 249 -5.97 -6.65 29.87
C PRO A 249 -4.48 -6.65 29.45
N GLU A 250 -4.19 -7.11 28.24
CA GLU A 250 -2.83 -7.15 27.71
C GLU A 250 -2.56 -5.95 26.81
N PRO A 251 -1.29 -5.52 26.69
CA PRO A 251 -0.96 -4.51 25.69
C PRO A 251 -0.75 -5.14 24.31
N MET A 252 -1.53 -4.69 23.32
CA MET A 252 -1.53 -5.29 21.99
C MET A 252 -0.80 -4.40 20.99
N TYR A 253 -0.32 -5.02 19.92
CA TYR A 253 0.47 -4.32 18.91
C TYR A 253 -0.44 -3.67 17.88
N MET A 254 -0.09 -2.47 17.43
CA MET A 254 -0.84 -1.77 16.39
C MET A 254 0.02 -0.66 15.77
N LEU A 255 -0.58 0.08 14.83
CA LEU A 255 0.05 1.25 14.22
C LEU A 255 -0.42 2.53 14.90
N ASN A 256 0.41 3.57 14.82
CA ASN A 256 0.12 4.88 15.38
C ASN A 256 0.73 5.93 14.46
N TRP A 257 -0.12 6.57 13.66
CA TRP A 257 0.32 7.52 12.63
C TRP A 257 1.00 8.74 13.25
N LEU A 258 0.42 9.27 14.32
CA LEU A 258 0.92 10.50 14.92
C LEU A 258 2.33 10.30 15.46
N LYS A 259 2.56 9.13 16.06
CA LYS A 259 3.89 8.76 16.51
C LYS A 259 4.89 8.82 15.36
N ALA A 260 4.55 8.19 14.23
CA ALA A 260 5.42 8.21 13.06
C ALA A 260 5.64 9.62 12.56
N GLY A 261 4.59 10.45 12.60
CA GLY A 261 4.68 11.84 12.21
C GLY A 261 5.64 12.63 13.10
N PHE A 262 5.54 12.42 14.40
CA PHE A 262 6.48 13.06 15.33
C PHE A 262 7.91 12.66 15.03
N LEU A 263 8.12 11.38 14.74
CA LEU A 263 9.47 10.86 14.53
C LEU A 263 10.07 11.25 13.20
N ASN A 264 9.26 11.72 12.25
CA ASN A 264 9.75 12.02 10.91
C ASN A 264 9.70 13.48 10.52
N CYS A 265 9.03 14.32 11.30
CA CYS A 265 8.94 15.74 10.96
C CYS A 265 10.23 16.44 11.31
N ASP A 266 10.39 17.66 10.81
CA ASP A 266 11.54 18.49 11.17
C ASP A 266 11.29 19.23 12.47
N GLN A 267 10.02 19.51 12.79
CA GLN A 267 9.70 20.12 14.08
C GLN A 267 8.25 19.88 14.46
N ALA A 268 8.03 19.63 15.75
CA ALA A 268 6.71 19.36 16.27
C ALA A 268 6.26 20.55 17.10
N LEU A 269 5.06 21.07 16.79
CA LEU A 269 4.47 22.20 17.51
C LEU A 269 3.09 21.84 18.00
N THR A 270 2.60 22.60 18.97
CA THR A 270 1.21 22.48 19.39
C THR A 270 0.60 23.84 19.76
N VAL A 271 -0.63 23.83 20.26
CA VAL A 271 -1.46 25.04 20.25
C VAL A 271 -1.55 25.79 21.60
N SER A 272 -0.68 25.43 22.55
CA SER A 272 -0.42 26.27 23.73
C SER A 272 0.82 25.74 24.48
N PRO A 273 1.63 26.64 25.07
CA PRO A 273 2.81 26.23 25.84
C PRO A 273 2.47 25.28 26.99
N ASN A 274 1.35 25.50 27.66
CA ASN A 274 1.02 24.67 28.82
C ASN A 274 0.57 23.28 28.39
N PHE A 275 -0.11 23.19 27.25
CA PHE A 275 -0.48 21.89 26.71
C PHE A 275 0.76 21.09 26.30
N ALA A 276 1.73 21.78 25.69
CA ALA A 276 3.00 21.13 25.30
C ALA A 276 3.66 20.53 26.54
N HIS A 277 3.67 21.31 27.61
CA HIS A 277 4.17 20.88 28.90
C HIS A 277 3.46 19.63 29.39
N GLU A 278 2.12 19.62 29.29
CA GLU A 278 1.34 18.46 29.74
C GLU A 278 1.66 17.22 28.94
N VAL A 279 1.80 17.39 27.63
CA VAL A 279 2.03 16.26 26.73
C VAL A 279 3.37 15.58 27.02
N THR A 280 4.41 16.39 27.24
CA THR A 280 5.76 15.83 27.43
C THR A 280 6.01 15.37 28.86
N SER A 281 5.09 15.66 29.78
CA SER A 281 5.34 15.42 31.21
C SER A 281 4.83 14.10 31.78
N SER A 282 3.84 13.46 31.16
CA SER A 282 3.34 12.19 31.69
C SER A 282 2.53 11.40 30.68
N PRO A 283 2.44 10.06 30.88
CA PRO A 283 1.60 9.22 30.02
C PRO A 283 0.14 9.66 29.95
N MET A 284 -0.37 10.28 31.02
CA MET A 284 -1.74 10.80 31.04
C MET A 284 -1.87 11.99 30.11
N GLY A 285 -0.98 12.95 30.28
CA GLY A 285 -1.04 14.21 29.54
C GLY A 285 -0.76 14.04 28.07
N GLY A 286 0.15 13.14 27.74
CA GLY A 286 0.50 12.85 26.34
C GLY A 286 -0.18 11.62 25.77
N VAL A 287 -1.15 11.07 26.51
CA VAL A 287 -1.89 9.89 26.05
C VAL A 287 -0.94 8.87 25.41
N GLU A 288 0.08 8.51 26.20
CA GLU A 288 1.09 7.50 25.87
C GLU A 288 2.15 7.93 24.84
N LEU A 289 2.06 9.14 24.31
CA LEU A 289 3.09 9.64 23.39
C LEU A 289 4.03 10.64 24.06
N ASP A 290 4.03 10.68 25.38
CA ASP A 290 4.85 11.63 26.14
C ASP A 290 6.35 11.46 25.89
N ALA A 291 6.81 10.21 25.82
CA ALA A 291 8.23 9.94 25.60
C ALA A 291 8.64 10.30 24.18
N VAL A 292 7.79 9.98 23.21
CA VAL A 292 8.05 10.39 21.83
C VAL A 292 8.12 11.92 21.71
N ALA A 293 7.16 12.60 22.31
CA ALA A 293 7.13 14.07 22.29
C ALA A 293 8.37 14.68 22.94
N ARG A 294 8.77 14.14 24.10
CA ARG A 294 10.02 14.52 24.75
C ARG A 294 11.24 14.29 23.87
N ASP A 295 11.32 13.11 23.28
CA ASP A 295 12.42 12.74 22.42
C ASP A 295 12.56 13.73 21.27
N VAL A 296 11.45 14.06 20.63
CA VAL A 296 11.46 14.91 19.44
C VAL A 296 11.49 16.40 19.81
N GLY A 297 10.99 16.75 20.99
CA GLY A 297 10.83 18.15 21.38
C GLY A 297 9.53 18.70 20.83
N LEU A 298 8.78 19.38 21.68
CA LEU A 298 7.46 19.88 21.34
C LEU A 298 7.29 21.27 21.95
N THR A 299 7.04 22.27 21.09
CA THR A 299 6.84 23.66 21.52
C THR A 299 5.39 24.05 21.28
N GLY A 300 4.85 24.87 22.19
CA GLY A 300 3.49 25.34 22.11
C GLY A 300 3.41 26.82 21.77
N ILE A 301 2.42 27.15 20.93
CA ILE A 301 2.10 28.54 20.61
C ILE A 301 0.59 28.71 20.75
N THR A 302 0.17 29.58 21.65
CA THR A 302 -1.24 29.78 21.93
C THR A 302 -1.98 30.30 20.70
N ASN A 303 -3.09 29.65 20.35
CA ASN A 303 -3.91 30.08 19.23
C ASN A 303 -4.41 31.50 19.45
N GLY A 304 -4.48 32.27 18.37
CA GLY A 304 -5.27 33.48 18.35
C GLY A 304 -6.59 33.18 17.66
N THR A 305 -7.27 34.22 17.24
CA THR A 305 -8.55 34.09 16.56
C THR A 305 -8.82 35.30 15.68
N LYS A 306 -9.64 35.09 14.65
CA LYS A 306 -10.07 36.19 13.79
C LYS A 306 -11.11 37.03 14.51
N ILE A 307 -11.12 38.31 14.15
CA ILE A 307 -11.98 39.27 14.81
C ILE A 307 -13.25 39.50 13.99
N GLU A 308 -13.18 39.35 12.67
CA GLU A 308 -14.29 39.67 11.76
C GLU A 308 -15.69 39.21 12.19
N THR A 309 -15.90 37.91 12.34
CA THR A 309 -17.22 37.39 12.71
C THR A 309 -17.54 37.61 14.20
N TRP A 310 -16.51 37.50 15.05
CA TRP A 310 -16.69 37.54 16.49
C TRP A 310 -16.13 38.81 17.13
N ASN A 311 -16.95 39.85 17.16
CA ASN A 311 -16.69 41.03 17.97
C ASN A 311 -17.97 41.80 18.18
N PRO A 312 -18.15 42.34 19.40
CA PRO A 312 -19.41 42.94 19.76
C PRO A 312 -19.79 44.15 18.93
N GLN A 313 -18.79 44.82 18.33
CA GLN A 313 -19.05 46.05 17.57
C GLN A 313 -19.76 45.77 16.25
N LYS A 314 -19.37 44.70 15.56
CA LYS A 314 -19.91 44.38 14.23
C LYS A 314 -20.73 43.09 14.15
N ASP A 315 -20.82 42.34 15.25
CA ASP A 315 -21.58 41.08 15.28
C ASP A 315 -22.92 41.24 14.55
N LYS A 316 -23.20 40.32 13.63
CA LYS A 316 -24.39 40.42 12.77
C LYS A 316 -25.60 39.64 13.25
N PHE A 317 -25.51 38.98 14.39
CA PHE A 317 -26.61 38.18 14.91
C PHE A 317 -27.29 38.80 16.12
N ILE A 318 -26.49 39.39 17.01
CA ILE A 318 -27.00 39.87 18.30
C ILE A 318 -27.91 41.09 18.16
N LEU A 319 -28.73 41.32 19.17
CA LEU A 319 -29.72 42.38 19.14
C LEU A 319 -29.15 43.78 19.29
N ALA A 320 -27.99 43.91 19.92
CA ALA A 320 -27.36 45.21 20.08
C ALA A 320 -25.85 45.09 20.07
N ASN A 321 -25.23 45.85 19.18
CA ASN A 321 -23.79 45.97 19.15
C ASN A 321 -23.31 46.89 20.28
N TYR A 322 -22.06 46.71 20.69
CA TYR A 322 -21.48 47.52 21.74
C TYR A 322 -19.97 47.48 21.68
N ASN A 323 -19.33 48.40 22.38
CA ASN A 323 -17.88 48.41 22.58
C ASN A 323 -17.61 48.59 24.06
N SER A 324 -16.35 48.75 24.45
CA SER A 324 -16.01 48.85 25.87
C SER A 324 -16.69 50.05 26.54
N ARG A 325 -16.86 51.14 25.81
CA ARG A 325 -17.54 52.31 26.36
C ARG A 325 -19.03 52.09 26.58
N THR A 326 -19.68 51.38 25.66
CA THR A 326 -21.14 51.22 25.72
C THR A 326 -21.57 49.84 26.23
N ILE A 327 -20.66 49.13 26.88
CA ILE A 327 -20.93 47.77 27.36
C ILE A 327 -22.11 47.71 28.34
N ASN A 328 -22.27 48.73 29.18
CA ASN A 328 -23.36 48.74 30.16
C ASN A 328 -24.75 48.78 29.51
N SER A 329 -24.86 49.45 28.37
CA SER A 329 -26.11 49.48 27.60
C SER A 329 -26.29 48.20 26.76
N GLY A 330 -25.46 48.04 25.74
CA GLY A 330 -25.65 47.00 24.73
C GLY A 330 -25.60 45.57 25.26
N LYS A 331 -24.71 45.32 26.21
CA LYS A 331 -24.57 43.98 26.76
C LYS A 331 -25.75 43.60 27.65
N LYS A 332 -26.32 44.57 28.36
CA LYS A 332 -27.53 44.32 29.14
C LYS A 332 -28.69 43.92 28.23
N LEU A 333 -28.81 44.60 27.09
CA LEU A 333 -29.87 44.29 26.14
C LEU A 333 -29.66 42.88 25.59
N CYS A 334 -28.42 42.54 25.26
CA CYS A 334 -28.08 41.18 24.84
C CYS A 334 -28.42 40.14 25.91
N LYS A 335 -28.16 40.47 27.18
CA LYS A 335 -28.48 39.58 28.29
C LYS A 335 -29.98 39.30 28.36
N VAL A 336 -30.77 40.36 28.40
CA VAL A 336 -32.24 40.22 28.40
C VAL A 336 -32.76 39.47 27.17
N ALA A 337 -32.12 39.67 26.02
CA ALA A 337 -32.49 38.96 24.79
C ALA A 337 -32.21 37.45 24.90
N LEU A 338 -31.05 37.11 25.44
CA LEU A 338 -30.69 35.71 25.69
C LEU A 338 -31.68 35.06 26.66
N GLN A 339 -31.94 35.74 27.76
CA GLN A 339 -32.87 35.25 28.76
C GLN A 339 -34.22 34.93 28.15
N LYS A 340 -34.79 35.88 27.41
CA LYS A 340 -36.07 35.66 26.74
C LYS A 340 -36.00 34.53 25.71
N GLU A 341 -34.95 34.51 24.92
CA GLU A 341 -34.79 33.48 23.89
C GLU A 341 -34.80 32.07 24.51
N CYS A 342 -34.28 31.93 25.72
CA CYS A 342 -34.11 30.63 26.36
C CYS A 342 -35.26 30.28 27.32
N GLY A 343 -36.25 31.15 27.42
CA GLY A 343 -37.38 30.92 28.32
C GLY A 343 -37.07 31.16 29.78
N LEU A 344 -35.98 31.89 30.05
CA LEU A 344 -35.55 32.17 31.43
C LEU A 344 -36.15 33.48 31.91
N THR A 345 -36.25 33.63 33.23
CA THR A 345 -36.75 34.87 33.82
C THR A 345 -35.86 36.01 33.36
N VAL A 346 -36.49 37.07 32.84
CA VAL A 346 -35.77 38.22 32.35
C VAL A 346 -35.42 39.15 33.50
N ASP A 347 -34.12 39.23 33.80
CA ASP A 347 -33.61 40.05 34.89
C ASP A 347 -32.11 40.18 34.72
N PRO A 348 -31.62 41.38 34.36
CA PRO A 348 -30.19 41.52 34.09
C PRO A 348 -29.30 41.44 35.33
N ASP A 349 -29.89 41.36 36.53
CA ASP A 349 -29.11 41.26 37.77
C ASP A 349 -28.82 39.83 38.21
N ILE A 350 -29.38 38.84 37.52
CA ILE A 350 -29.07 37.44 37.81
C ILE A 350 -27.88 37.01 36.98
N PRO A 351 -26.78 36.56 37.63
CA PRO A 351 -25.59 36.18 36.87
C PRO A 351 -25.86 34.97 35.97
N LEU A 352 -25.43 35.05 34.72
CA LEU A 352 -25.71 34.00 33.74
C LEU A 352 -24.43 33.34 33.24
N PHE A 353 -24.41 32.02 33.28
CA PHE A 353 -23.30 31.20 32.78
C PHE A 353 -23.69 30.54 31.46
N GLY A 354 -22.78 30.58 30.48
CA GLY A 354 -23.03 29.99 29.17
C GLY A 354 -22.00 28.94 28.79
N PHE A 355 -22.47 27.81 28.28
CA PHE A 355 -21.60 26.76 27.76
C PHE A 355 -21.90 26.52 26.29
N ILE A 356 -20.85 26.45 25.48
CA ILE A 356 -21.00 26.08 24.08
C ILE A 356 -19.92 25.05 23.76
N GLY A 357 -20.31 23.85 23.38
CA GLY A 357 -19.32 22.85 23.00
C GLY A 357 -19.86 21.48 22.71
N ARG A 358 -19.03 20.66 22.08
CA ARG A 358 -19.34 19.25 21.82
C ARG A 358 -19.78 18.58 23.13
N LEU A 359 -20.80 17.74 23.05
CA LEU A 359 -21.28 16.99 24.22
C LEU A 359 -20.48 15.68 24.35
N GLU A 360 -19.19 15.83 24.64
CA GLU A 360 -18.25 14.72 24.67
C GLU A 360 -17.43 14.83 25.96
N ASN A 361 -16.83 13.72 26.38
CA ASN A 361 -16.06 13.67 27.62
C ASN A 361 -15.11 14.85 27.81
N GLN A 362 -14.38 15.21 26.75
CA GLN A 362 -13.40 16.29 26.82
C GLN A 362 -13.95 17.58 27.45
N LYS A 363 -15.17 17.96 27.09
CA LYS A 363 -15.73 19.28 27.43
C LYS A 363 -16.49 19.37 28.74
N GLY A 364 -16.84 18.23 29.33
CA GLY A 364 -17.47 18.20 30.64
C GLY A 364 -18.90 18.69 30.70
N ALA A 365 -19.63 18.58 29.59
CA ALA A 365 -21.04 18.89 29.56
C ALA A 365 -21.83 17.99 30.53
N ASP A 366 -21.40 16.74 30.66
CA ASP A 366 -22.01 15.81 31.62
C ASP A 366 -21.91 16.30 33.07
N VAL A 367 -20.84 17.03 33.37
CA VAL A 367 -20.63 17.63 34.69
C VAL A 367 -21.66 18.73 34.97
N ILE A 368 -21.93 19.55 33.96
CA ILE A 368 -22.88 20.66 34.11
C ILE A 368 -24.27 20.12 34.39
N ILE A 369 -24.69 19.13 33.61
CA ILE A 369 -26.00 18.52 33.77
C ILE A 369 -26.13 17.86 35.14
N ALA A 370 -25.10 17.13 35.56
CA ALA A 370 -25.11 16.46 36.86
C ALA A 370 -25.07 17.44 38.03
N ALA A 371 -24.58 18.66 37.78
CA ALA A 371 -24.43 19.67 38.82
C ALA A 371 -25.74 20.39 39.19
N MET A 372 -26.79 20.17 38.40
CA MET A 372 -28.03 20.95 38.52
C MET A 372 -28.63 20.98 39.94
N PRO A 373 -28.70 19.81 40.62
CA PRO A 373 -29.26 19.83 41.97
C PRO A 373 -28.54 20.79 42.91
N LYS A 374 -27.22 20.91 42.78
CA LYS A 374 -26.43 21.81 43.61
C LYS A 374 -26.44 23.26 43.11
N LEU A 375 -26.76 23.46 41.84
CA LEU A 375 -26.65 24.79 41.23
C LEU A 375 -27.73 25.78 41.70
N LYS A 376 -28.90 25.28 42.03
CA LYS A 376 -30.00 26.16 42.43
C LYS A 376 -29.60 27.07 43.61
N GLN A 377 -28.75 26.54 44.47
CA GLN A 377 -28.24 27.28 45.63
C GLN A 377 -27.47 28.55 45.25
N LEU A 378 -26.88 28.58 44.04
CA LEU A 378 -26.02 29.68 43.63
C LEU A 378 -26.77 30.92 43.13
N ASN A 379 -28.07 30.79 42.87
CA ASN A 379 -28.90 31.91 42.35
C ASN A 379 -28.34 32.47 41.05
N CYS A 380 -28.18 31.59 40.07
CA CYS A 380 -27.65 31.96 38.76
C CYS A 380 -28.47 31.29 37.66
N GLN A 381 -28.18 31.66 36.42
CA GLN A 381 -28.78 31.02 35.27
C GLN A 381 -27.71 30.30 34.46
N VAL A 382 -28.10 29.22 33.80
CA VAL A 382 -27.17 28.43 32.99
C VAL A 382 -27.79 28.11 31.64
N VAL A 383 -27.04 28.39 30.58
CA VAL A 383 -27.46 28.05 29.23
C VAL A 383 -26.41 27.13 28.63
N ILE A 384 -26.86 26.03 28.03
CA ILE A 384 -25.97 24.99 27.52
C ILE A 384 -26.30 24.66 26.06
N LEU A 385 -25.31 24.83 25.18
CA LEU A 385 -25.50 24.58 23.75
C LEU A 385 -24.46 23.58 23.25
N GLY A 386 -24.92 22.47 22.67
CA GLY A 386 -24.02 21.43 22.16
C GLY A 386 -24.70 20.26 21.48
N ILE A 387 -23.91 19.51 20.71
CA ILE A 387 -24.35 18.25 20.09
C ILE A 387 -23.31 17.13 20.30
N GLY A 388 -23.78 15.89 20.32
CA GLY A 388 -22.90 14.72 20.47
C GLY A 388 -23.66 13.44 20.71
N SER A 389 -23.64 12.94 21.94
CA SER A 389 -24.30 11.68 22.27
C SER A 389 -25.81 11.83 22.26
N PRO A 390 -26.51 10.89 21.60
CA PRO A 390 -27.98 10.88 21.61
C PRO A 390 -28.59 11.07 22.99
N LYS A 391 -28.05 10.42 24.02
CA LYS A 391 -28.66 10.51 25.35
C LYS A 391 -28.08 11.60 26.23
N LEU A 392 -26.98 12.23 25.81
CA LEU A 392 -26.59 13.50 26.40
C LEU A 392 -27.49 14.60 25.86
N GLU A 393 -27.69 14.60 24.53
CA GLU A 393 -28.63 15.51 23.87
C GLU A 393 -30.05 15.41 24.41
N GLN A 394 -30.49 14.19 24.68
CA GLN A 394 -31.83 13.97 25.25
C GLN A 394 -31.92 14.49 26.68
N GLU A 395 -30.83 14.34 27.43
CA GLU A 395 -30.78 14.86 28.80
C GLU A 395 -30.74 16.38 28.79
N LEU A 396 -29.92 16.92 27.89
CA LEU A 396 -29.77 18.35 27.74
C LEU A 396 -31.13 19.03 27.58
N GLU A 397 -31.93 18.54 26.63
CA GLU A 397 -33.24 19.13 26.33
C GLU A 397 -34.23 19.00 27.48
N SER A 398 -34.02 18.02 28.36
CA SER A 398 -34.93 17.79 29.49
C SER A 398 -34.61 18.66 30.69
N VAL A 399 -33.50 19.38 30.65
CA VAL A 399 -33.00 20.13 31.82
C VAL A 399 -33.95 21.24 32.30
N ALA A 400 -34.60 21.91 31.35
CA ALA A 400 -35.49 23.03 31.65
C ALA A 400 -36.69 22.61 32.48
N ASP A 401 -37.15 21.38 32.29
CA ASP A 401 -38.33 20.87 33.00
C ASP A 401 -38.11 20.88 34.51
N LYS A 402 -37.06 20.18 34.95
CA LYS A 402 -36.75 20.09 36.38
C LYS A 402 -36.10 21.38 36.93
N TYR A 403 -35.37 22.09 36.09
CA TYR A 403 -34.61 23.25 36.54
C TYR A 403 -34.96 24.50 35.73
N PRO A 404 -35.76 25.41 36.34
CA PRO A 404 -36.26 26.59 35.62
C PRO A 404 -35.17 27.61 35.28
N PHE A 405 -34.11 27.65 36.09
CA PHE A 405 -32.99 28.57 35.89
C PHE A 405 -32.02 28.13 34.79
N ALA A 406 -32.27 26.98 34.18
CA ALA A 406 -31.35 26.43 33.19
C ALA A 406 -32.08 26.08 31.90
N LYS A 407 -31.30 26.01 30.81
CA LYS A 407 -31.85 25.72 29.51
C LYS A 407 -30.81 25.01 28.65
N GLY A 408 -31.22 23.91 28.03
CA GLY A 408 -30.34 23.14 27.17
C GLY A 408 -30.87 23.13 25.75
N VAL A 409 -29.95 23.18 24.78
CA VAL A 409 -30.31 23.18 23.37
C VAL A 409 -29.37 22.24 22.63
N ALA A 410 -29.93 21.16 22.09
CA ALA A 410 -29.13 20.17 21.38
C ALA A 410 -29.13 20.44 19.88
N ARG A 411 -28.43 21.48 19.47
CA ARG A 411 -28.31 21.83 18.06
C ARG A 411 -26.97 22.48 17.80
N PHE A 412 -26.57 22.48 16.53
CA PHE A 412 -25.51 23.38 16.09
C PHE A 412 -26.21 24.63 15.61
N ASP A 413 -26.00 25.74 16.31
CA ASP A 413 -26.77 26.95 16.10
C ASP A 413 -25.89 28.18 16.31
N SER A 414 -25.38 28.74 15.23
CA SER A 414 -24.48 29.90 15.31
C SER A 414 -25.16 31.10 15.93
N LYS A 415 -26.40 31.36 15.53
CA LYS A 415 -27.15 32.48 16.07
C LYS A 415 -27.22 32.43 17.60
N LEU A 416 -27.55 31.26 18.15
CA LEU A 416 -27.67 31.12 19.61
C LEU A 416 -26.29 31.17 20.28
N ALA A 417 -25.27 30.66 19.61
CA ALA A 417 -23.91 30.78 20.11
C ALA A 417 -23.53 32.26 20.30
N HIS A 418 -23.90 33.08 19.31
CA HIS A 418 -23.63 34.51 19.37
C HIS A 418 -24.41 35.16 20.51
N PHE A 419 -25.69 34.82 20.62
CA PHE A 419 -26.52 35.31 21.72
C PHE A 419 -25.91 34.97 23.09
N ILE A 420 -25.35 33.77 23.23
CA ILE A 420 -24.79 33.31 24.51
C ILE A 420 -23.50 34.05 24.83
N THR A 421 -22.62 34.15 23.84
CA THR A 421 -21.33 34.82 24.01
C THR A 421 -21.50 36.28 24.44
N ALA A 422 -22.46 36.97 23.84
CA ALA A 422 -22.70 38.37 24.13
C ALA A 422 -23.54 38.54 25.40
N GLY A 423 -24.55 37.70 25.56
CA GLY A 423 -25.53 37.88 26.64
C GLY A 423 -25.09 37.37 27.99
N ALA A 424 -24.29 36.31 28.00
CA ALA A 424 -23.84 35.69 29.24
C ALA A 424 -22.84 36.59 29.97
N ASP A 425 -22.82 36.48 31.29
CA ASP A 425 -21.82 37.15 32.11
C ASP A 425 -20.55 36.32 32.16
N TYR A 426 -20.71 35.00 32.14
CA TYR A 426 -19.60 34.08 32.28
C TYR A 426 -19.61 33.01 31.17
N CYS A 427 -18.41 32.66 30.72
CA CYS A 427 -18.21 31.56 29.77
C CYS A 427 -17.66 30.35 30.52
N LEU A 428 -18.48 29.31 30.61
CA LEU A 428 -18.20 28.16 31.46
C LEU A 428 -17.62 27.00 30.67
N MET A 429 -16.37 26.63 30.97
CA MET A 429 -15.67 25.55 30.26
C MET A 429 -15.04 24.54 31.22
N PRO A 430 -15.83 23.56 31.69
CA PRO A 430 -15.32 22.53 32.60
C PRO A 430 -14.62 21.39 31.85
N SER A 431 -13.63 21.74 31.05
CA SER A 431 -12.93 20.76 30.22
C SER A 431 -12.05 19.84 31.06
N ARG A 432 -12.02 18.56 30.69
CA ARG A 432 -11.12 17.59 31.32
C ARG A 432 -9.71 17.67 30.73
N PHE A 433 -9.61 18.04 29.46
CA PHE A 433 -8.35 18.45 28.85
C PHE A 433 -8.68 19.42 27.73
N GLU A 434 -7.78 20.36 27.44
CA GLU A 434 -8.05 21.41 26.47
C GLU A 434 -6.75 21.96 25.89
N PRO A 435 -6.34 21.46 24.72
CA PRO A 435 -5.13 21.92 24.08
C PRO A 435 -5.00 23.44 24.01
N CYS A 436 -6.07 24.13 23.61
CA CYS A 436 -6.12 25.59 23.69
C CYS A 436 -7.49 26.08 24.08
N GLY A 437 -8.48 25.77 23.24
CA GLY A 437 -9.84 26.27 23.43
C GLY A 437 -10.01 27.57 22.67
N LEU A 438 -11.21 27.78 22.13
CA LEU A 438 -11.50 29.00 21.38
C LEU A 438 -12.60 29.85 22.03
N ASN A 439 -13.59 29.20 22.65
CA ASN A 439 -14.69 29.91 23.30
C ASN A 439 -14.24 31.04 24.20
N GLN A 440 -13.21 30.80 25.01
CA GLN A 440 -12.78 31.77 26.00
C GLN A 440 -12.20 33.02 25.35
N LEU A 441 -11.61 32.86 24.16
CA LEU A 441 -11.06 33.99 23.42
C LEU A 441 -12.18 34.86 22.89
N TYR A 442 -13.16 34.22 22.26
CA TYR A 442 -14.35 34.93 21.81
C TYR A 442 -15.01 35.65 22.97
N ALA A 443 -15.22 34.93 24.07
CA ALA A 443 -15.89 35.47 25.23
C ALA A 443 -15.23 36.76 25.71
N MET A 444 -13.91 36.74 25.83
CA MET A 444 -13.18 37.91 26.31
C MET A 444 -13.35 39.12 25.40
N MET A 445 -13.39 38.93 24.10
CA MET A 445 -13.63 40.04 23.17
C MET A 445 -14.99 40.69 23.37
N TYR A 446 -15.95 39.91 23.89
CA TYR A 446 -17.30 40.40 24.19
C TYR A 446 -17.44 40.90 25.64
N GLY A 447 -16.37 40.86 26.42
CA GLY A 447 -16.43 41.27 27.82
C GLY A 447 -17.09 40.23 28.71
N THR A 448 -17.13 39.00 28.22
CA THR A 448 -17.72 37.89 28.94
C THR A 448 -16.58 37.12 29.61
N ILE A 449 -16.72 36.89 30.91
CA ILE A 449 -15.61 36.44 31.74
C ILE A 449 -15.50 34.91 31.77
N PRO A 450 -14.34 34.37 31.37
CA PRO A 450 -14.18 32.91 31.41
C PRO A 450 -14.08 32.33 32.83
N VAL A 451 -14.77 31.21 33.04
CA VAL A 451 -14.62 30.40 34.24
C VAL A 451 -14.30 29.01 33.72
N VAL A 452 -13.05 28.60 33.87
CA VAL A 452 -12.49 27.49 33.10
C VAL A 452 -11.75 26.47 33.96
N ALA A 453 -11.65 25.25 33.45
CA ALA A 453 -10.85 24.22 34.09
C ALA A 453 -9.37 24.57 33.97
N PRO A 454 -8.58 24.21 35.00
CA PRO A 454 -7.14 24.50 35.01
C PRO A 454 -6.35 23.47 34.21
N VAL A 455 -6.56 23.42 32.89
CA VAL A 455 -5.85 22.46 32.03
C VAL A 455 -5.47 23.09 30.70
N GLY A 456 -4.35 22.64 30.15
CA GLY A 456 -3.90 23.04 28.83
C GLY A 456 -3.86 24.55 28.64
N GLY A 457 -4.30 25.01 27.47
CA GLY A 457 -4.23 26.42 27.12
C GLY A 457 -5.20 27.32 27.84
N LEU A 458 -6.14 26.75 28.60
CA LEU A 458 -7.02 27.55 29.44
C LEU A 458 -6.22 28.24 30.54
N VAL A 459 -5.19 27.57 31.04
CA VAL A 459 -4.28 28.18 32.00
C VAL A 459 -3.53 29.35 31.35
N ASP A 460 -3.08 29.16 30.12
CA ASP A 460 -2.36 30.20 29.40
C ASP A 460 -3.22 31.41 29.05
N THR A 461 -4.47 31.17 28.67
CA THR A 461 -5.33 32.20 28.12
C THR A 461 -6.20 32.93 29.14
N VAL A 462 -6.36 32.35 30.32
CA VAL A 462 -7.19 32.95 31.38
C VAL A 462 -6.39 33.09 32.67
N PRO A 463 -5.44 34.04 32.70
CA PRO A 463 -4.80 34.41 33.96
C PRO A 463 -5.79 35.15 34.88
N PRO A 464 -5.39 35.41 36.14
CA PRO A 464 -6.33 35.98 37.13
C PRO A 464 -6.96 37.35 36.80
N GLN A 465 -6.33 38.14 35.94
CA GLN A 465 -6.88 39.45 35.54
CA GLN A 465 -6.86 39.46 35.54
C GLN A 465 -8.12 39.29 34.67
N PHE A 466 -8.21 38.20 33.92
CA PHE A 466 -9.29 38.03 32.96
C PHE A 466 -10.42 37.10 33.39
N GLY A 467 -10.16 36.19 34.32
CA GLY A 467 -11.17 35.22 34.71
C GLY A 467 -10.76 34.33 35.85
N PHE A 468 -11.49 33.23 36.03
CA PHE A 468 -11.33 32.36 37.19
C PHE A 468 -11.11 30.90 36.80
N LEU A 469 -10.33 30.19 37.61
CA LEU A 469 -10.07 28.77 37.44
C LEU A 469 -10.91 27.93 38.39
N MET A 470 -11.41 26.81 37.88
CA MET A 470 -12.05 25.78 38.69
C MET A 470 -10.96 24.90 39.31
N ASN A 471 -11.38 23.94 40.11
CA ASN A 471 -10.50 22.83 40.44
C ASN A 471 -10.53 21.85 39.27
N LYS A 472 -9.61 20.90 39.27
CA LYS A 472 -9.47 19.94 38.17
C LYS A 472 -10.71 19.07 38.01
N ILE A 473 -11.15 18.88 36.77
CA ILE A 473 -12.27 17.98 36.47
C ILE A 473 -11.66 16.62 36.18
N PRO A 474 -11.90 15.62 37.06
CA PRO A 474 -11.16 14.38 36.93
C PRO A 474 -11.56 13.56 35.72
N MET A 475 -10.56 12.90 35.11
CA MET A 475 -10.77 12.06 33.94
C MET A 475 -11.31 10.71 34.36
N PRO A 476 -11.94 9.97 33.42
CA PRO A 476 -12.30 8.57 33.71
C PRO A 476 -11.05 7.75 34.03
N LYS A 477 -11.17 6.73 34.88
CA LYS A 477 -9.99 5.93 35.26
C LYS A 477 -9.27 5.28 34.07
N ILE A 478 -10.02 4.94 33.02
CA ILE A 478 -9.44 4.59 31.71
C ILE A 478 -10.30 5.18 30.59
N PRO A 479 -9.69 5.43 29.41
CA PRO A 479 -10.51 5.92 28.28
C PRO A 479 -11.58 4.90 27.90
N GLY A 480 -12.60 5.34 27.18
CA GLY A 480 -13.71 4.46 26.79
C GLY A 480 -14.70 4.25 27.93
N VAL A 481 -14.19 3.76 29.08
CA VAL A 481 -15.00 3.65 30.30
C VAL A 481 -15.77 4.93 30.56
N THR A 482 -17.09 4.81 30.66
CA THR A 482 -17.93 5.92 31.04
C THR A 482 -17.56 6.31 32.47
N VAL A 483 -17.41 7.61 32.71
CA VAL A 483 -16.95 8.08 34.02
C VAL A 483 -17.88 7.61 35.14
N SER A 484 -17.32 7.30 36.30
CA SER A 484 -18.12 6.79 37.42
C SER A 484 -18.91 7.91 38.04
N GLU A 485 -20.02 7.56 38.69
CA GLU A 485 -20.82 8.52 39.43
C GLU A 485 -19.97 9.22 40.49
N GLU A 486 -19.03 8.47 41.04
CA GLU A 486 -18.05 8.98 41.99
C GLU A 486 -17.28 10.17 41.41
N LEU A 487 -16.53 9.92 40.34
CA LEU A 487 -15.68 10.94 39.72
C LEU A 487 -16.48 12.08 39.08
N LEU A 488 -17.66 11.76 38.57
CA LEU A 488 -18.58 12.77 38.04
C LEU A 488 -18.91 13.81 39.11
N GLN A 489 -19.15 13.34 40.34
CA GLN A 489 -19.55 14.23 41.41
C GLN A 489 -18.36 15.07 41.92
N GLN A 490 -17.16 14.54 41.80
CA GLN A 490 -15.95 15.31 42.11
C GLN A 490 -15.79 16.47 41.13
N GLY A 491 -16.08 16.18 39.86
CA GLY A 491 -16.08 17.21 38.82
C GLY A 491 -17.09 18.30 39.12
N VAL A 492 -18.30 17.90 39.51
CA VAL A 492 -19.36 18.85 39.86
C VAL A 492 -18.86 19.81 40.94
N ASP A 493 -18.31 19.26 42.01
CA ASP A 493 -17.78 20.05 43.12
C ASP A 493 -16.62 20.95 42.66
N ALA A 494 -15.74 20.40 41.82
CA ALA A 494 -14.61 21.14 41.28
C ALA A 494 -15.04 22.33 40.43
N MET A 495 -16.09 22.14 39.62
CA MET A 495 -16.62 23.20 38.77
C MET A 495 -17.22 24.31 39.64
N ILE A 496 -18.01 23.92 40.63
CA ILE A 496 -18.73 24.86 41.47
C ILE A 496 -17.79 25.75 42.30
N VAL A 497 -16.65 25.20 42.71
CA VAL A 497 -15.61 26.00 43.37
C VAL A 497 -15.23 27.21 42.50
N GLY A 498 -15.01 26.96 41.21
CA GLY A 498 -14.68 28.03 40.27
C GLY A 498 -15.82 29.02 40.11
N MET A 499 -17.04 28.51 39.99
CA MET A 499 -18.21 29.37 39.81
C MET A 499 -18.42 30.28 41.02
N LYS A 500 -18.22 29.74 42.22
CA LYS A 500 -18.34 30.52 43.46
C LYS A 500 -17.28 31.60 43.55
N LYS A 501 -16.04 31.28 43.16
CA LYS A 501 -14.98 32.29 43.10
C LYS A 501 -15.47 33.49 42.28
N ALA A 502 -16.04 33.20 41.11
CA ALA A 502 -16.49 34.25 40.19
C ALA A 502 -17.67 35.03 40.75
N LEU A 503 -18.64 34.33 41.32
CA LEU A 503 -19.86 34.97 41.82
C LEU A 503 -19.59 35.87 43.02
N GLN A 504 -18.52 35.58 43.77
CA GLN A 504 -18.10 36.45 44.86
C GLN A 504 -17.82 37.87 44.40
N GLU A 505 -17.41 38.03 43.14
CA GLU A 505 -17.13 39.35 42.57
C GLU A 505 -18.23 39.88 41.65
N TYR A 506 -19.25 39.08 41.37
CA TYR A 506 -20.27 39.47 40.41
C TYR A 506 -20.92 40.80 40.82
N GLY A 507 -21.02 41.72 39.86
CA GLY A 507 -21.66 43.01 40.08
C GLY A 507 -20.82 44.09 40.75
N THR A 508 -19.66 43.73 41.28
CA THR A 508 -18.81 44.67 42.00
C THR A 508 -17.98 45.50 41.03
N PRO A 509 -17.33 46.57 41.52
CA PRO A 509 -16.42 47.33 40.66
C PRO A 509 -15.36 46.46 39.99
N LYS A 510 -14.90 45.40 40.67
CA LYS A 510 -13.92 44.48 40.10
C LYS A 510 -14.46 43.72 38.90
N PHE A 511 -15.74 43.35 38.98
CA PHE A 511 -16.45 42.72 37.88
C PHE A 511 -16.42 43.62 36.65
N LYS A 512 -16.83 44.87 36.82
CA LYS A 512 -16.81 45.85 35.73
C LYS A 512 -15.42 46.02 35.12
N LYS A 513 -14.40 46.04 35.99
CA LYS A 513 -13.03 46.20 35.54
C LYS A 513 -12.55 44.97 34.75
N MET A 514 -12.91 43.78 35.25
CA MET A 514 -12.51 42.53 34.61
C MET A 514 -13.05 42.42 33.18
N ARG A 515 -14.26 42.90 32.96
CA ARG A 515 -14.85 42.90 31.62
C ARG A 515 -14.10 43.81 30.67
N LEU A 516 -13.75 45.01 31.14
CA LEU A 516 -12.99 45.96 30.34
C LEU A 516 -11.61 45.41 30.04
N ASP A 517 -10.99 44.75 31.01
CA ASP A 517 -9.67 44.14 30.84
C ASP A 517 -9.74 43.00 29.81
N CYS A 518 -10.83 42.23 29.86
CA CYS A 518 -11.08 41.20 28.89
C CYS A 518 -11.21 41.78 27.49
N MET A 519 -12.00 42.84 27.35
CA MET A 519 -12.22 43.44 26.03
C MET A 519 -10.94 44.07 25.46
N ALA A 520 -10.04 44.53 26.35
CA ALA A 520 -8.77 45.11 25.92
C ALA A 520 -7.72 44.05 25.60
N ASN A 521 -8.00 42.79 25.96
CA ASN A 521 -7.08 41.68 25.73
C ASN A 521 -6.98 41.32 24.26
N ASP A 522 -5.77 41.45 23.71
CA ASP A 522 -5.56 41.16 22.29
C ASP A 522 -5.36 39.65 22.07
N VAL A 523 -6.32 39.04 21.39
CA VAL A 523 -6.31 37.60 21.13
C VAL A 523 -6.27 37.33 19.61
N SER A 524 -5.81 38.29 18.83
CA SER A 524 -5.71 38.12 17.38
C SER A 524 -4.54 37.21 17.02
N TRP A 525 -4.42 36.88 15.74
CA TRP A 525 -3.35 36.02 15.24
C TRP A 525 -2.00 36.73 15.12
N LYS A 526 -1.97 38.05 15.28
CA LYS A 526 -0.79 38.87 15.05
C LYS A 526 0.47 38.35 15.77
N LYS A 527 0.41 38.25 17.09
CA LYS A 527 1.56 37.79 17.89
C LYS A 527 1.92 36.32 17.71
N PRO A 528 0.92 35.43 17.77
CA PRO A 528 1.28 34.03 17.56
C PRO A 528 1.80 33.74 16.14
N ALA A 529 1.23 34.39 15.13
CA ALA A 529 1.70 34.20 13.75
C ALA A 529 3.18 34.55 13.64
N ALA A 530 3.55 35.65 14.30
CA ALA A 530 4.94 36.08 14.33
C ALA A 530 5.87 35.02 14.94
N LYS A 531 5.37 34.29 15.94
CA LYS A 531 6.13 33.20 16.54
C LYS A 531 6.29 32.03 15.58
N TYR A 532 5.23 31.70 14.84
CA TYR A 532 5.32 30.69 13.80
C TYR A 532 6.38 31.07 12.75
N VAL A 533 6.36 32.33 12.34
CA VAL A 533 7.32 32.82 11.34
C VAL A 533 8.75 32.62 11.84
N ASP A 534 9.01 32.94 13.11
CA ASP A 534 10.34 32.73 13.69
C ASP A 534 10.79 31.28 13.63
N ILE A 535 9.90 30.38 14.04
CA ILE A 535 10.18 28.95 13.97
C ILE A 535 10.42 28.51 12.53
N PHE A 536 9.58 28.98 11.60
CA PHE A 536 9.71 28.64 10.19
C PHE A 536 11.05 29.13 9.63
N GLU A 537 11.44 30.34 9.99
CA GLU A 537 12.69 30.92 9.48
C GLU A 537 13.92 30.15 9.95
N GLN A 538 13.86 29.62 11.17
CA GLN A 538 14.95 28.78 11.70
C GLN A 538 15.08 27.46 10.94
N LEU A 539 13.95 26.89 10.53
CA LEU A 539 13.96 25.63 9.79
C LEU A 539 14.60 25.75 8.41
N VAL A 540 14.29 26.81 7.69
CA VAL A 540 14.79 26.96 6.32
C VAL A 540 16.18 27.58 6.23
N ASN A 541 16.73 28.07 7.34
CA ASN A 541 18.06 28.68 7.37
C ASN A 541 19.05 27.87 8.23
N LEU B 14 0.77 -52.93 11.85
CA LEU B 14 0.18 -52.08 10.78
C LEU B 14 0.60 -52.61 9.41
N VAL B 15 -0.27 -52.44 8.43
CA VAL B 15 0.03 -52.80 7.05
C VAL B 15 0.20 -51.55 6.17
N PRO B 16 0.92 -51.69 5.03
CA PRO B 16 1.03 -50.56 4.11
C PRO B 16 -0.34 -50.10 3.67
N ARG B 17 -0.56 -48.79 3.62
CA ARG B 17 -1.87 -48.21 3.25
C ARG B 17 -2.97 -48.54 4.29
N GLY B 18 -2.56 -48.75 5.54
CA GLY B 18 -3.49 -49.00 6.64
C GLY B 18 -3.94 -47.68 7.27
N SER B 19 -5.10 -47.71 7.90
CA SER B 19 -5.79 -46.48 8.36
C SER B 19 -5.08 -45.78 9.52
N HIS B 20 -4.37 -46.55 10.34
CA HIS B 20 -3.69 -46.00 11.53
C HIS B 20 -2.46 -45.13 11.18
N MET B 21 -2.10 -45.08 9.90
CA MET B 21 -0.85 -44.50 9.45
C MET B 21 -0.90 -42.97 9.39
N LEU B 22 -0.04 -42.33 10.16
CA LEU B 22 0.16 -40.88 10.13
C LEU B 22 1.14 -40.47 9.03
N ASN B 23 0.96 -39.27 8.52
CA ASN B 23 1.87 -38.64 7.58
C ASN B 23 2.58 -37.49 8.28
N ILE B 24 3.88 -37.64 8.52
CA ILE B 24 4.64 -36.68 9.30
C ILE B 24 5.82 -36.15 8.49
N CYS B 25 5.88 -34.83 8.36
CA CYS B 25 6.94 -34.17 7.61
C CYS B 25 7.75 -33.27 8.54
N PHE B 26 8.98 -33.68 8.87
CA PHE B 26 9.87 -32.91 9.75
C PHE B 26 10.63 -31.90 8.93
N VAL B 27 10.66 -30.66 9.38
CA VAL B 27 11.38 -29.62 8.67
C VAL B 27 12.43 -29.03 9.61
N SER B 28 13.69 -29.00 9.17
CA SER B 28 14.76 -28.44 9.99
C SER B 28 15.94 -28.01 9.16
N THR B 29 16.89 -27.36 9.80
CA THR B 29 18.17 -27.02 9.18
C THR B 29 19.18 -28.16 9.28
N GLU B 30 18.94 -29.13 10.17
CA GLU B 30 19.90 -30.18 10.47
C GLU B 30 19.25 -31.55 10.49
N VAL B 31 19.91 -32.53 9.89
CA VAL B 31 19.54 -33.95 10.01
C VAL B 31 20.81 -34.79 10.07
N ALA B 32 21.11 -35.36 11.23
CA ALA B 32 22.29 -36.20 11.37
C ALA B 32 22.08 -37.47 10.57
N PRO B 33 23.17 -38.08 10.06
CA PRO B 33 24.56 -37.64 10.15
C PRO B 33 24.99 -36.72 8.99
N TYR B 34 24.04 -36.23 8.22
CA TYR B 34 24.32 -35.41 7.05
C TYR B 34 24.76 -34.02 7.49
N SER B 35 26.01 -33.69 7.13
CA SER B 35 26.69 -32.43 7.54
C SER B 35 26.85 -32.30 9.08
N LYS B 36 27.57 -31.25 9.48
CA LYS B 36 27.83 -30.94 10.90
C LYS B 36 26.55 -30.78 11.73
N THR B 37 26.46 -31.59 12.79
CA THR B 37 25.27 -31.70 13.64
C THR B 37 25.58 -31.46 15.12
N GLY B 38 24.78 -30.60 15.78
CA GLY B 38 24.55 -30.59 17.24
C GLY B 38 23.39 -31.47 17.64
N GLY B 39 22.78 -31.20 18.78
CA GLY B 39 21.69 -32.04 19.29
C GLY B 39 20.39 -32.04 18.44
N LEU B 40 20.12 -30.91 17.80
CA LEU B 40 18.96 -30.83 16.89
C LEU B 40 19.03 -31.93 15.83
N GLY B 41 20.18 -32.06 15.19
CA GLY B 41 20.41 -33.06 14.17
C GLY B 41 20.17 -34.48 14.65
N ASP B 42 20.56 -34.75 15.89
CA ASP B 42 20.36 -36.08 16.47
C ASP B 42 18.88 -36.42 16.63
N VAL B 43 18.09 -35.44 17.06
CA VAL B 43 16.66 -35.65 17.22
C VAL B 43 15.98 -35.90 15.88
N THR B 44 16.31 -35.09 14.87
CA THR B 44 15.69 -35.25 13.56
C THR B 44 16.18 -36.50 12.83
N GLU B 45 17.23 -37.15 13.34
CA GLU B 45 17.61 -38.48 12.87
C GLU B 45 16.81 -39.56 13.61
N GLY B 46 16.90 -39.54 14.94
CA GLY B 46 16.40 -40.66 15.74
C GLY B 46 14.88 -40.74 15.88
N LEU B 47 14.23 -39.61 16.09
CA LEU B 47 12.79 -39.62 16.30
C LEU B 47 12.03 -40.05 15.02
N PRO B 48 12.38 -39.47 13.85
CA PRO B 48 11.72 -39.95 12.63
C PRO B 48 11.95 -41.42 12.33
N GLU B 49 13.15 -41.93 12.61
CA GLU B 49 13.43 -43.35 12.40
C GLU B 49 12.56 -44.23 13.29
N GLU B 50 12.33 -43.80 14.52
CA GLU B 50 11.49 -44.55 15.46
C GLU B 50 10.04 -44.52 15.00
N LEU B 51 9.59 -43.36 14.54
CA LEU B 51 8.23 -43.21 14.03
C LEU B 51 7.96 -44.08 12.80
N ALA B 52 8.96 -44.20 11.93
CA ALA B 52 8.87 -45.08 10.76
C ALA B 52 8.82 -46.54 11.18
N LYS B 53 9.62 -46.88 12.19
CA LYS B 53 9.67 -48.23 12.76
C LYS B 53 8.31 -48.67 13.29
N ILE B 54 7.60 -47.77 13.96
CA ILE B 54 6.23 -48.01 14.42
C ILE B 54 5.25 -48.20 13.26
N GLY B 55 5.56 -47.68 12.08
CA GLY B 55 4.71 -47.89 10.90
C GLY B 55 4.19 -46.63 10.22
N HIS B 56 4.57 -45.45 10.71
CA HIS B 56 4.06 -44.21 10.12
C HIS B 56 4.88 -43.79 8.91
N LYS B 57 4.31 -42.93 8.07
CA LYS B 57 4.98 -42.43 6.89
C LYS B 57 5.65 -41.12 7.26
N VAL B 58 6.97 -41.09 7.15
CA VAL B 58 7.79 -40.02 7.72
C VAL B 58 8.82 -39.54 6.73
N CYS B 59 9.00 -38.24 6.63
CA CYS B 59 10.09 -37.68 5.85
C CYS B 59 10.68 -36.49 6.57
N THR B 60 11.90 -36.13 6.21
CA THR B 60 12.53 -34.91 6.69
C THR B 60 12.81 -34.03 5.49
N VAL B 61 12.76 -32.72 5.72
CA VAL B 61 13.11 -31.73 4.72
C VAL B 61 14.12 -30.78 5.32
N ALA B 62 15.24 -30.59 4.64
CA ALA B 62 16.29 -29.72 5.13
C ALA B 62 17.10 -29.21 3.95
N PRO B 63 17.94 -28.19 4.16
CA PRO B 63 18.76 -27.68 3.05
C PRO B 63 19.84 -28.67 2.62
N ARG B 64 20.15 -28.67 1.34
CA ARG B 64 21.25 -29.49 0.81
C ARG B 64 22.56 -28.68 0.93
N PHE B 65 23.20 -28.80 2.09
CA PHE B 65 24.42 -28.05 2.37
C PHE B 65 25.62 -28.70 1.72
N ASP B 66 25.55 -29.99 1.47
CA ASP B 66 26.60 -30.72 0.73
C ASP B 66 25.99 -31.66 -0.29
N GLN B 67 26.83 -32.16 -1.18
CA GLN B 67 26.39 -33.09 -2.21
C GLN B 67 26.38 -34.51 -1.63
N TYR B 68 25.33 -34.82 -0.88
CA TYR B 68 25.24 -36.10 -0.16
C TYR B 68 25.24 -37.26 -1.13
N GLU B 69 26.08 -38.25 -0.88
CA GLU B 69 26.32 -39.33 -1.85
C GLU B 69 25.13 -40.24 -2.11
N ASP B 70 24.29 -40.42 -1.10
CA ASP B 70 23.14 -41.33 -1.22
C ASP B 70 21.88 -40.64 -1.74
N ALA B 71 21.97 -39.37 -2.15
CA ALA B 71 20.80 -38.58 -2.54
C ALA B 71 20.77 -38.37 -4.04
N TRP B 72 19.65 -38.66 -4.68
CA TRP B 72 19.52 -38.47 -6.12
C TRP B 72 18.65 -37.25 -6.43
N ASP B 73 18.88 -36.66 -7.60
CA ASP B 73 18.09 -35.54 -8.09
C ASP B 73 16.73 -36.06 -8.54
N THR B 74 15.66 -35.52 -7.98
CA THR B 74 14.31 -35.94 -8.35
C THR B 74 13.85 -35.31 -9.64
N GLU B 75 14.57 -34.31 -10.12
CA GLU B 75 14.22 -33.54 -11.33
C GLU B 75 13.05 -32.61 -11.13
N ILE B 76 12.55 -32.50 -9.90
CA ILE B 76 11.48 -31.59 -9.59
C ILE B 76 12.07 -30.21 -9.33
N ILE B 77 11.42 -29.18 -9.88
CA ILE B 77 11.76 -27.80 -9.57
C ILE B 77 10.51 -27.09 -9.05
N GLN B 78 10.69 -26.24 -8.04
CA GLN B 78 9.58 -25.54 -7.42
C GLN B 78 9.93 -24.06 -7.31
N PRO B 79 9.06 -23.17 -7.83
CA PRO B 79 9.32 -21.75 -7.63
C PRO B 79 9.09 -21.31 -6.18
N VAL B 80 10.00 -20.49 -5.66
CA VAL B 80 9.87 -19.94 -4.32
C VAL B 80 10.45 -18.53 -4.34
N ASN B 81 10.26 -17.80 -3.25
CA ASN B 81 10.81 -16.46 -3.13
C ASN B 81 12.08 -16.44 -2.32
N TYR B 82 13.10 -15.78 -2.85
CA TYR B 82 14.31 -15.49 -2.10
C TYR B 82 14.26 -13.99 -1.83
N GLY B 83 13.74 -13.63 -0.67
CA GLY B 83 13.39 -12.23 -0.40
C GLY B 83 12.40 -11.80 -1.47
N GLN B 84 12.66 -10.68 -2.11
CA GLN B 84 11.73 -10.15 -3.10
C GLN B 84 12.04 -10.67 -4.52
N GLU B 85 13.09 -11.48 -4.63
CA GLU B 85 13.44 -12.14 -5.89
C GLU B 85 12.73 -13.50 -5.99
N LYS B 86 12.19 -13.77 -7.18
CA LYS B 86 11.61 -15.07 -7.52
C LYS B 86 12.74 -16.01 -7.93
N THR B 87 12.73 -17.24 -7.44
CA THR B 87 13.78 -18.21 -7.76
C THR B 87 13.21 -19.64 -7.71
N ASN B 88 14.04 -20.64 -8.00
CA ASN B 88 13.63 -22.04 -8.00
C ASN B 88 14.50 -22.86 -7.09
N VAL B 89 13.93 -23.87 -6.46
CA VAL B 89 14.72 -24.90 -5.79
C VAL B 89 14.58 -26.23 -6.53
N ARG B 90 15.61 -27.07 -6.44
CA ARG B 90 15.51 -28.46 -6.86
C ARG B 90 15.46 -29.31 -5.61
N TYR B 91 14.86 -30.49 -5.70
CA TYR B 91 14.77 -31.40 -4.57
C TYR B 91 15.59 -32.64 -4.86
N PHE B 92 16.46 -32.98 -3.91
CA PHE B 92 17.20 -34.23 -3.93
C PHE B 92 16.57 -35.12 -2.85
N HIS B 93 16.82 -36.42 -2.96
CA HIS B 93 16.08 -37.39 -2.17
C HIS B 93 16.97 -38.57 -1.81
N SER B 94 17.03 -38.88 -0.53
CA SER B 94 17.63 -40.13 -0.08
C SER B 94 16.66 -40.89 0.82
N TYR B 95 16.86 -42.21 0.88
CA TYR B 95 15.94 -43.08 1.61
C TYR B 95 16.73 -44.03 2.48
N LYS B 96 16.49 -43.98 3.79
CA LYS B 96 17.30 -44.75 4.71
C LYS B 96 16.50 -45.18 5.95
N LYS B 97 16.58 -46.47 6.28
CA LYS B 97 15.90 -47.03 7.45
C LYS B 97 14.42 -46.60 7.51
N GLY B 98 13.73 -46.70 6.38
CA GLY B 98 12.33 -46.38 6.32
C GLY B 98 11.95 -44.92 6.34
N VAL B 99 12.93 -44.01 6.28
CA VAL B 99 12.67 -42.58 6.30
C VAL B 99 13.16 -41.92 5.01
N ASP B 100 12.32 -41.05 4.44
CA ASP B 100 12.69 -40.23 3.29
C ASP B 100 13.36 -38.94 3.75
N HIS B 101 14.52 -38.65 3.21
CA HIS B 101 15.20 -37.38 3.47
C HIS B 101 15.19 -36.59 2.20
N ILE B 102 14.49 -35.46 2.23
CA ILE B 102 14.39 -34.57 1.10
C ILE B 102 15.31 -33.40 1.36
N TRP B 103 16.10 -33.04 0.36
CA TRP B 103 17.07 -31.97 0.49
C TRP B 103 16.78 -30.87 -0.50
N VAL B 104 16.64 -29.65 0.02
CA VAL B 104 16.32 -28.50 -0.80
C VAL B 104 17.62 -27.92 -1.35
N ASP B 105 17.73 -27.92 -2.67
CA ASP B 105 18.97 -27.51 -3.32
C ASP B 105 18.86 -26.11 -3.91
N HIS B 106 19.83 -25.26 -3.57
CA HIS B 106 19.92 -23.90 -4.10
C HIS B 106 21.33 -23.39 -3.88
N HIS B 107 21.78 -22.50 -4.75
CA HIS B 107 23.13 -21.94 -4.65
C HIS B 107 23.44 -21.33 -3.27
N VAL B 108 22.45 -20.77 -2.59
CA VAL B 108 22.69 -20.11 -1.29
C VAL B 108 22.89 -21.11 -0.17
N TYR B 109 22.54 -22.38 -0.38
CA TYR B 109 22.83 -23.42 0.62
C TYR B 109 24.13 -24.17 0.34
N LEU B 110 24.34 -24.60 -0.90
CA LEU B 110 25.50 -25.44 -1.24
C LEU B 110 26.82 -24.69 -1.08
N SER B 111 26.89 -23.49 -1.65
CA SER B 111 28.10 -22.64 -1.57
C SER B 111 28.04 -21.60 -0.44
N TYR B 129 25.19 -15.24 8.69
CA TYR B 129 25.05 -14.72 7.33
C TYR B 129 24.02 -13.58 7.33
N ILE B 130 24.29 -12.52 6.58
CA ILE B 130 23.35 -11.40 6.46
C ILE B 130 21.97 -11.88 5.98
N ASP B 131 21.99 -12.84 5.04
CA ASP B 131 20.78 -13.24 4.31
C ASP B 131 20.06 -14.44 4.95
N ASN B 132 20.20 -14.63 6.25
CA ASN B 132 19.50 -15.74 6.91
C ASN B 132 17.98 -15.61 6.83
N VAL B 133 17.49 -14.38 6.82
CA VAL B 133 16.06 -14.12 6.61
C VAL B 133 15.61 -14.79 5.32
N GLU B 134 16.28 -14.47 4.22
CA GLU B 134 15.88 -14.98 2.92
C GLU B 134 16.08 -16.51 2.83
N ARG B 135 17.21 -17.00 3.33
CA ARG B 135 17.56 -18.43 3.27
C ARG B 135 16.56 -19.32 3.98
N PHE B 136 16.13 -18.91 5.16
CA PHE B 136 15.27 -19.77 5.96
C PHE B 136 13.78 -19.56 5.70
N ALA B 137 13.38 -18.34 5.30
CA ALA B 137 12.04 -18.16 4.73
C ALA B 137 11.89 -19.06 3.50
N MET B 138 12.92 -19.12 2.67
CA MET B 138 12.87 -19.96 1.47
C MET B 138 12.75 -21.45 1.83
N LEU B 139 13.44 -21.89 2.87
CA LEU B 139 13.33 -23.27 3.33
C LEU B 139 11.89 -23.64 3.72
N SER B 140 11.21 -22.74 4.43
CA SER B 140 9.84 -22.99 4.87
C SER B 140 8.88 -23.10 3.67
N GLN B 141 9.05 -22.22 2.70
CA GLN B 141 8.26 -22.27 1.47
C GLN B 141 8.53 -23.55 0.70
N ALA B 142 9.80 -23.92 0.57
CA ALA B 142 10.17 -25.10 -0.22
C ALA B 142 9.63 -26.38 0.40
N ALA B 143 9.61 -26.43 1.73
CA ALA B 143 9.20 -27.63 2.43
C ALA B 143 7.72 -27.92 2.26
N LEU B 144 6.92 -26.87 2.16
CA LEU B 144 5.48 -27.03 2.04
C LEU B 144 5.07 -27.77 0.76
N ALA B 145 5.86 -27.63 -0.29
CA ALA B 145 5.56 -28.28 -1.57
C ALA B 145 5.93 -29.76 -1.57
N VAL B 146 6.73 -30.21 -0.61
CA VAL B 146 7.28 -31.56 -0.66
C VAL B 146 6.20 -32.64 -0.57
N PRO B 147 5.25 -32.50 0.38
CA PRO B 147 4.18 -33.51 0.42
C PRO B 147 3.30 -33.56 -0.83
N LEU B 148 3.33 -32.53 -1.66
CA LEU B 148 2.52 -32.51 -2.87
C LEU B 148 3.26 -33.01 -4.10
N LEU B 149 4.60 -32.93 -4.10
CA LEU B 149 5.40 -33.11 -5.31
C LEU B 149 6.33 -34.31 -5.31
N VAL B 150 6.92 -34.63 -4.17
CA VAL B 150 8.02 -35.60 -4.13
C VAL B 150 7.53 -37.01 -3.83
N PRO B 151 7.70 -37.95 -4.79
CA PRO B 151 7.30 -39.33 -4.52
C PRO B 151 8.24 -39.96 -3.53
N LEU B 152 7.68 -40.66 -2.54
CA LEU B 152 8.43 -41.16 -1.41
C LEU B 152 8.62 -42.66 -1.51
N GLY B 153 9.38 -43.21 -0.57
CA GLY B 153 9.67 -44.62 -0.51
C GLY B 153 10.91 -44.96 -1.29
N ALA B 154 11.26 -46.24 -1.30
CA ALA B 154 12.38 -46.73 -2.07
C ALA B 154 12.20 -46.30 -3.52
N LYS B 155 13.12 -45.45 -3.99
CA LYS B 155 13.11 -44.95 -5.37
C LYS B 155 11.81 -44.27 -5.80
N GLY B 156 11.14 -43.62 -4.86
CA GLY B 156 9.93 -42.86 -5.15
C GLY B 156 8.78 -43.70 -5.64
N SER B 157 8.74 -44.97 -5.23
CA SER B 157 7.72 -45.90 -5.67
C SER B 157 6.35 -45.74 -4.99
N GLN B 158 6.27 -44.95 -3.92
CA GLN B 158 5.07 -44.90 -3.09
C GLN B 158 4.15 -43.72 -3.38
N GLY B 159 4.50 -42.87 -4.33
CA GLY B 159 3.72 -41.65 -4.55
C GLY B 159 3.95 -40.63 -3.46
N VAL B 160 3.30 -39.48 -3.57
CA VAL B 160 3.54 -38.37 -2.65
C VAL B 160 2.82 -38.52 -1.32
N MET B 161 3.24 -37.78 -0.31
CA MET B 161 2.64 -37.86 1.02
C MET B 161 1.21 -37.35 1.05
N GLY B 162 0.92 -36.30 0.29
CA GLY B 162 -0.44 -35.78 0.16
C GLY B 162 -0.78 -34.70 1.17
N GLU B 163 -2.05 -34.32 1.20
CA GLU B 163 -2.48 -33.15 1.95
C GLU B 163 -2.82 -33.40 3.42
N ASN B 164 -2.99 -34.66 3.82
CA ASN B 164 -3.26 -34.97 5.22
C ASN B 164 -1.97 -35.15 5.98
N THR B 165 -1.24 -34.06 6.11
CA THR B 165 0.12 -34.09 6.61
C THR B 165 0.26 -33.24 7.87
N ILE B 166 1.08 -33.74 8.80
CA ILE B 166 1.49 -32.98 9.97
C ILE B 166 2.90 -32.47 9.71
N PHE B 167 3.06 -31.15 9.66
CA PHE B 167 4.38 -30.54 9.54
C PHE B 167 4.97 -30.32 10.93
N VAL B 168 6.14 -30.90 11.20
CA VAL B 168 6.86 -30.64 12.44
C VAL B 168 7.99 -29.64 12.17
N CYS B 169 7.80 -28.42 12.63
CA CYS B 169 8.75 -27.33 12.43
C CYS B 169 9.72 -27.26 13.59
N ASN B 170 10.99 -27.51 13.30
CA ASN B 170 12.02 -27.53 14.32
C ASN B 170 12.71 -26.19 14.45
N ASP B 171 12.56 -25.56 15.62
CA ASP B 171 13.24 -24.31 15.98
C ASP B 171 12.87 -23.11 15.12
N TRP B 172 13.49 -21.96 15.42
CA TRP B 172 13.10 -20.70 14.82
C TRP B 172 13.24 -20.66 13.30
N HIS B 173 14.20 -21.42 12.77
CA HIS B 173 14.51 -21.38 11.34
C HIS B 173 13.32 -21.71 10.46
N THR B 174 12.46 -22.59 10.96
CA THR B 174 11.30 -23.08 10.23
C THR B 174 9.99 -22.54 10.78
N SER B 175 10.06 -21.53 11.65
CA SER B 175 8.87 -21.11 12.42
C SER B 175 7.88 -20.25 11.61
N LEU B 176 8.24 -19.84 10.39
CA LEU B 176 7.29 -19.16 9.51
C LEU B 176 6.43 -20.12 8.67
N LEU B 177 6.77 -21.41 8.68
CA LEU B 177 6.03 -22.38 7.87
C LEU B 177 4.51 -22.37 8.12
N PRO B 178 4.08 -22.25 9.38
CA PRO B 178 2.64 -22.17 9.64
C PRO B 178 1.97 -20.97 9.01
N LEU B 179 2.69 -19.86 8.90
CA LEU B 179 2.14 -18.66 8.27
C LEU B 179 2.00 -18.89 6.78
N TYR B 180 3.04 -19.42 6.14
CA TYR B 180 3.00 -19.70 4.71
C TYR B 180 1.94 -20.76 4.38
N LEU B 181 1.81 -21.76 5.25
CA LEU B 181 0.76 -22.77 5.09
C LEU B 181 -0.61 -22.13 4.96
N LYS B 182 -0.91 -21.22 5.88
CA LYS B 182 -2.19 -20.51 5.85
C LYS B 182 -2.32 -19.62 4.63
N GLU B 183 -1.30 -18.81 4.38
CA GLU B 183 -1.42 -17.77 3.38
C GLU B 183 -1.35 -18.29 1.94
N TYR B 184 -0.40 -19.15 1.66
CA TYR B 184 -0.18 -19.60 0.29
C TYR B 184 -0.98 -20.84 -0.09
N TYR B 185 -1.40 -21.64 0.89
CA TYR B 185 -2.05 -22.92 0.58
C TYR B 185 -3.50 -22.99 1.04
N GLN B 186 -3.72 -22.89 2.34
CA GLN B 186 -5.05 -23.07 2.89
C GLN B 186 -6.04 -21.99 2.43
N SER B 187 -5.53 -20.81 2.10
CA SER B 187 -6.39 -19.76 1.55
C SER B 187 -6.94 -20.13 0.17
N GLN B 188 -6.31 -21.09 -0.52
CA GLN B 188 -6.80 -21.59 -1.81
C GLN B 188 -7.38 -22.99 -1.70
N GLY B 189 -7.68 -23.46 -0.49
CA GLY B 189 -8.22 -24.81 -0.31
C GLY B 189 -7.25 -25.97 -0.48
N ILE B 190 -5.95 -25.71 -0.32
CA ILE B 190 -4.94 -26.77 -0.33
C ILE B 190 -4.47 -26.98 1.11
N PHE B 191 -4.15 -28.22 1.47
CA PHE B 191 -3.71 -28.55 2.84
C PHE B 191 -4.75 -28.15 3.88
N VAL B 192 -6.03 -28.19 3.51
CA VAL B 192 -7.06 -27.67 4.39
C VAL B 192 -7.07 -28.40 5.73
N ASN B 193 -6.69 -29.68 5.74
CA ASN B 193 -6.64 -30.49 6.96
C ASN B 193 -5.23 -30.74 7.50
N ALA B 194 -4.22 -30.17 6.87
CA ALA B 194 -2.86 -30.29 7.38
C ALA B 194 -2.74 -29.62 8.73
N LYS B 195 -1.81 -30.12 9.55
CA LYS B 195 -1.55 -29.57 10.89
C LYS B 195 -0.09 -29.18 11.02
N THR B 196 0.19 -28.20 11.88
CA THR B 196 1.57 -27.83 12.16
C THR B 196 1.86 -27.99 13.64
N VAL B 197 3.07 -28.47 13.91
CA VAL B 197 3.56 -28.58 15.27
C VAL B 197 4.88 -27.82 15.33
N MET B 198 4.97 -26.90 16.29
CA MET B 198 6.19 -26.16 16.53
C MET B 198 6.99 -26.95 17.57
N LEU B 199 8.10 -27.54 17.15
CA LEU B 199 8.97 -28.26 18.08
C LEU B 199 10.15 -27.40 18.43
N LEU B 200 10.18 -26.95 19.67
CA LEU B 200 11.19 -26.02 20.15
C LEU B 200 12.34 -26.79 20.79
N HIS B 201 13.56 -26.56 20.30
CA HIS B 201 14.75 -27.17 20.88
C HIS B 201 15.56 -26.20 21.73
N ASN B 202 15.45 -24.91 21.46
CA ASN B 202 16.22 -23.89 22.18
C ASN B 202 15.60 -22.51 22.04
N ILE B 203 15.12 -21.98 23.17
CA ILE B 203 14.40 -20.71 23.20
C ILE B 203 15.32 -19.49 23.14
N ALA B 204 16.62 -19.69 23.28
CA ALA B 204 17.57 -18.57 23.26
C ALA B 204 17.66 -17.91 21.89
N PHE B 205 17.32 -18.65 20.83
CA PHE B 205 17.37 -18.12 19.47
C PHE B 205 15.97 -18.19 18.91
N GLN B 206 15.47 -17.03 18.49
CA GLN B 206 14.04 -16.85 18.21
C GLN B 206 13.73 -16.27 16.82
N GLY B 207 14.76 -15.95 16.04
CA GLY B 207 14.57 -15.29 14.77
C GLY B 207 14.14 -13.86 14.98
N ARG B 208 14.88 -13.14 15.81
CA ARG B 208 14.68 -11.72 15.98
C ARG B 208 15.40 -11.01 14.85
N PHE B 209 14.65 -10.22 14.08
CA PHE B 209 15.19 -9.46 12.96
C PHE B 209 14.60 -8.07 12.96
N PRO B 210 15.32 -7.10 12.36
CA PRO B 210 14.77 -5.76 12.28
C PRO B 210 13.45 -5.73 11.53
N SER B 211 12.58 -4.80 11.87
CA SER B 211 11.27 -4.72 11.25
C SER B 211 11.36 -4.35 9.78
N SER B 212 12.46 -3.69 9.42
CA SER B 212 12.76 -3.36 8.03
C SER B 212 12.98 -4.59 7.16
N LYS B 213 13.13 -5.77 7.76
CA LYS B 213 13.19 -7.02 6.99
C LYS B 213 11.82 -7.66 6.77
N PHE B 214 10.74 -6.93 7.05
CA PHE B 214 9.41 -7.51 6.91
C PHE B 214 9.02 -7.80 5.45
N ASP B 215 9.41 -6.91 4.54
CA ASP B 215 9.03 -7.08 3.14
C ASP B 215 9.66 -8.33 2.55
N ALA B 216 10.82 -8.74 3.06
CA ALA B 216 11.49 -9.94 2.56
C ALA B 216 10.74 -11.23 2.84
N LEU B 217 9.77 -11.20 3.76
CA LEU B 217 9.00 -12.40 4.09
C LEU B 217 7.89 -12.72 3.09
N ASN B 218 7.50 -11.76 2.26
CA ASN B 218 6.37 -11.90 1.33
C ASN B 218 5.11 -12.39 2.01
N LEU B 219 4.78 -11.73 3.12
CA LEU B 219 3.54 -11.99 3.82
C LEU B 219 2.76 -10.71 3.94
N PRO B 220 1.42 -10.81 3.90
CA PRO B 220 0.60 -9.63 4.07
C PRO B 220 0.57 -9.13 5.51
N ALA B 221 0.05 -7.92 5.69
CA ALA B 221 0.10 -7.23 6.96
C ALA B 221 -0.74 -7.90 8.05
N LYS B 222 -1.61 -8.82 7.68
CA LYS B 222 -2.41 -9.52 8.71
C LYS B 222 -1.55 -10.35 9.64
N TYR B 223 -0.32 -10.69 9.25
CA TYR B 223 0.59 -11.41 10.13
C TYR B 223 1.56 -10.50 10.91
N LEU B 224 1.43 -9.20 10.73
CA LEU B 224 2.39 -8.25 11.30
C LEU B 224 2.33 -8.23 12.81
N SER B 225 1.13 -8.26 13.36
CA SER B 225 0.95 -8.27 14.80
C SER B 225 1.56 -9.51 15.45
N ASP B 226 1.38 -10.68 14.84
CA ASP B 226 1.96 -11.92 15.33
C ASP B 226 3.49 -11.87 15.34
N LEU B 227 4.07 -11.25 14.31
CA LEU B 227 5.52 -11.12 14.19
C LEU B 227 6.10 -10.04 15.11
N SER B 228 5.26 -9.12 15.58
CA SER B 228 5.74 -7.95 16.30
C SER B 228 6.27 -8.25 17.69
N PHE B 229 7.24 -7.47 18.14
CA PHE B 229 7.98 -7.76 19.35
C PHE B 229 8.74 -6.55 19.86
N ASN B 230 8.77 -6.38 21.17
CA ASN B 230 9.51 -5.28 21.81
C ASN B 230 10.47 -5.80 22.83
N THR B 231 11.70 -5.30 22.79
CA THR B 231 12.75 -5.76 23.72
C THR B 231 13.94 -4.80 23.74
N GLN B 232 14.83 -5.01 24.71
CA GLN B 232 16.08 -4.29 24.82
C GLN B 232 17.28 -5.10 24.31
N MET B 252 13.09 -1.56 21.95
CA MET B 252 12.92 -1.21 20.55
C MET B 252 12.03 -2.23 19.83
N TYR B 253 11.42 -1.80 18.74
CA TYR B 253 10.51 -2.64 17.98
CA TYR B 253 10.49 -2.63 17.97
C TYR B 253 11.26 -3.49 16.96
N MET B 254 10.83 -4.74 16.80
CA MET B 254 11.43 -5.65 15.81
C MET B 254 10.51 -6.82 15.50
N LEU B 255 10.96 -7.73 14.65
CA LEU B 255 10.24 -8.97 14.35
C LEU B 255 10.79 -10.12 15.19
N ASN B 256 9.94 -11.13 15.39
CA ASN B 256 10.30 -12.33 16.13
C ASN B 256 9.57 -13.51 15.51
N TRP B 257 10.30 -14.32 14.74
CA TRP B 257 9.71 -15.42 13.98
C TRP B 257 9.12 -16.50 14.87
N LEU B 258 9.81 -16.83 15.94
CA LEU B 258 9.39 -17.92 16.81
C LEU B 258 8.07 -17.58 17.48
N LYS B 259 7.92 -16.32 17.88
CA LYS B 259 6.67 -15.81 18.41
C LYS B 259 5.53 -16.05 17.43
N ALA B 260 5.72 -15.63 16.19
CA ALA B 260 4.71 -15.84 15.15
C ALA B 260 4.41 -17.31 14.95
N GLY B 261 5.44 -18.15 15.00
CA GLY B 261 5.27 -19.59 14.88
C GLY B 261 4.44 -20.17 15.99
N PHE B 262 4.71 -19.74 17.23
CA PHE B 262 3.89 -20.16 18.37
C PHE B 262 2.45 -19.78 18.19
N LEU B 263 2.21 -18.56 17.70
CA LEU B 263 0.86 -18.03 17.58
C LEU B 263 0.07 -18.64 16.43
N ASN B 264 0.75 -19.29 15.49
CA ASN B 264 0.06 -19.81 14.31
C ASN B 264 0.05 -21.32 14.18
N CYS B 265 0.79 -22.03 15.01
CA CYS B 265 0.82 -23.49 14.92
C CYS B 265 -0.44 -24.06 15.56
N ASP B 266 -0.67 -25.34 15.31
CA ASP B 266 -1.78 -26.05 15.94
C ASP B 266 -1.38 -26.55 17.32
N GLN B 267 -0.09 -26.83 17.53
CA GLN B 267 0.39 -27.19 18.86
C GLN B 267 1.88 -26.95 19.01
N ALA B 268 2.27 -26.49 20.19
CA ALA B 268 3.66 -26.18 20.48
C ALA B 268 4.19 -27.20 21.46
N LEU B 269 5.33 -27.82 21.10
CA LEU B 269 5.99 -28.82 21.93
C LEU B 269 7.43 -28.41 22.16
N THR B 270 8.03 -29.01 23.19
CA THR B 270 9.47 -28.87 23.40
C THR B 270 10.09 -30.17 23.94
N VAL B 271 11.38 -30.12 24.27
CA VAL B 271 12.17 -31.35 24.38
C VAL B 271 12.42 -31.85 25.81
N SER B 272 11.68 -31.29 26.78
CA SER B 272 11.55 -31.88 28.12
C SER B 272 10.43 -31.18 28.90
N PRO B 273 9.68 -31.93 29.73
CA PRO B 273 8.62 -31.32 30.55
C PRO B 273 9.11 -30.20 31.43
N ASN B 274 10.30 -30.34 32.00
CA ASN B 274 10.79 -29.33 32.92
C ASN B 274 11.21 -28.07 32.19
N PHE B 275 11.76 -28.22 30.98
CA PHE B 275 12.09 -27.04 30.17
C PHE B 275 10.83 -26.28 29.79
N ALA B 276 9.77 -27.01 29.45
CA ALA B 276 8.48 -26.40 29.11
C ALA B 276 8.00 -25.55 30.28
N HIS B 277 8.10 -26.13 31.47
CA HIS B 277 7.77 -25.45 32.72
C HIS B 277 8.58 -24.17 32.88
N GLU B 278 9.88 -24.25 32.62
CA GLU B 278 10.75 -23.07 32.75
C GLU B 278 10.36 -21.97 31.77
N VAL B 279 10.05 -22.37 30.54
CA VAL B 279 9.73 -21.42 29.49
C VAL B 279 8.46 -20.64 29.81
N THR B 280 7.43 -21.34 30.30
CA THR B 280 6.14 -20.70 30.57
C THR B 280 6.09 -19.96 31.90
N SER B 281 7.11 -20.12 32.74
CA SER B 281 7.05 -19.63 34.11
C SER B 281 7.65 -18.24 34.37
N SER B 282 8.58 -17.79 33.53
CA SER B 282 9.17 -16.47 33.76
C SER B 282 9.87 -15.91 32.52
N PRO B 283 10.01 -14.57 32.46
CA PRO B 283 10.74 -13.93 31.38
C PRO B 283 12.18 -14.43 31.20
N MET B 284 12.81 -14.88 32.29
CA MET B 284 14.17 -15.44 32.23
C MET B 284 14.15 -16.78 31.51
N GLY B 285 13.27 -17.66 31.97
CA GLY B 285 13.20 -19.03 31.47
C GLY B 285 12.73 -19.11 30.04
N GLY B 286 11.79 -18.24 29.67
CA GLY B 286 11.27 -18.20 28.31
C GLY B 286 11.90 -17.13 27.43
N VAL B 287 12.95 -16.48 27.93
CA VAL B 287 13.65 -15.44 27.18
C VAL B 287 12.64 -14.50 26.50
N GLU B 288 11.75 -13.97 27.33
CA GLU B 288 10.71 -13.00 26.95
C GLU B 288 9.52 -13.56 26.17
N LEU B 289 9.52 -14.85 25.85
CA LEU B 289 8.36 -15.47 25.16
C LEU B 289 7.51 -16.30 26.12
N ASP B 290 7.69 -16.09 27.43
CA ASP B 290 6.95 -16.84 28.44
C ASP B 290 5.44 -16.65 28.33
N ALA B 291 5.00 -15.43 28.10
CA ALA B 291 3.57 -15.13 28.02
C ALA B 291 2.96 -15.74 26.76
N VAL B 292 3.68 -15.65 25.64
CA VAL B 292 3.23 -16.29 24.41
C VAL B 292 3.13 -17.81 24.59
N ALA B 293 4.15 -18.42 25.17
CA ALA B 293 4.14 -19.85 25.42
C ALA B 293 2.99 -20.29 26.33
N ARG B 294 2.75 -19.52 27.39
CA ARG B 294 1.57 -19.72 28.26
C ARG B 294 0.27 -19.63 27.49
N ASP B 295 0.14 -18.56 26.72
CA ASP B 295 -1.06 -18.32 25.94
C ASP B 295 -1.37 -19.50 25.01
N VAL B 296 -0.35 -19.98 24.33
CA VAL B 296 -0.51 -21.05 23.34
C VAL B 296 -0.50 -22.45 23.98
N GLY B 297 0.11 -22.57 25.15
CA GLY B 297 0.26 -23.88 25.78
C GLY B 297 1.46 -24.59 25.16
N LEU B 298 2.32 -25.11 26.03
CA LEU B 298 3.57 -25.71 25.60
C LEU B 298 3.79 -26.97 26.42
N THR B 299 3.89 -28.12 25.75
CA THR B 299 4.12 -29.42 26.39
C THR B 299 5.52 -29.89 26.05
N GLY B 300 6.15 -30.57 27.01
CA GLY B 300 7.49 -31.10 26.84
C GLY B 300 7.50 -32.60 26.77
N ILE B 301 8.35 -33.14 25.91
CA ILE B 301 8.61 -34.58 25.81
C ILE B 301 10.12 -34.77 25.80
N THR B 302 10.65 -35.49 26.78
CA THR B 302 12.08 -35.70 26.92
C THR B 302 12.64 -36.45 25.74
N ASN B 303 13.72 -35.93 25.14
CA ASN B 303 14.39 -36.62 24.03
C ASN B 303 14.90 -37.98 24.46
N GLY B 304 14.80 -38.94 23.56
CA GLY B 304 15.59 -40.16 23.67
C GLY B 304 16.83 -40.01 22.79
N THR B 305 17.44 -41.15 22.49
CA THR B 305 18.61 -41.19 21.64
C THR B 305 18.75 -42.54 20.98
N LYS B 306 19.42 -42.58 19.84
CA LYS B 306 19.77 -43.84 19.19
C LYS B 306 20.92 -44.48 19.92
N ILE B 307 20.96 -45.81 19.89
CA ILE B 307 21.96 -46.55 20.65
C ILE B 307 23.14 -47.05 19.81
N GLU B 308 22.93 -47.15 18.50
CA GLU B 308 23.91 -47.73 17.56
C GLU B 308 25.38 -47.34 17.78
N THR B 309 25.70 -46.06 17.64
CA THR B 309 27.10 -45.59 17.77
C THR B 309 27.57 -45.55 19.22
N TRP B 310 26.65 -45.22 20.14
CA TRP B 310 26.98 -44.99 21.54
C TRP B 310 26.49 -46.08 22.48
N ASN B 311 27.28 -47.14 22.60
CA ASN B 311 27.07 -48.13 23.66
C ASN B 311 28.35 -48.88 23.91
N PRO B 312 28.63 -49.19 25.18
CA PRO B 312 29.93 -49.75 25.55
C PRO B 312 30.20 -51.12 24.95
N GLN B 313 29.14 -51.85 24.58
CA GLN B 313 29.30 -53.21 24.04
C GLN B 313 29.89 -53.21 22.64
N LYS B 314 29.45 -52.27 21.80
CA LYS B 314 29.86 -52.25 20.39
C LYS B 314 30.69 -51.02 19.99
N ASP B 315 30.91 -50.08 20.91
CA ASP B 315 31.69 -48.87 20.63
C ASP B 315 32.95 -49.21 19.83
N LYS B 316 33.18 -48.51 18.72
CA LYS B 316 34.28 -48.84 17.80
C LYS B 316 35.55 -48.03 18.00
N PHE B 317 35.57 -47.14 18.99
CA PHE B 317 36.73 -46.28 19.24
C PHE B 317 37.50 -46.68 20.49
N ILE B 318 36.78 -47.07 21.54
CA ILE B 318 37.40 -47.30 22.86
C ILE B 318 38.26 -48.55 22.89
N LEU B 319 39.18 -48.60 23.85
CA LEU B 319 40.14 -49.69 23.95
C LEU B 319 39.56 -51.01 24.40
N ALA B 320 38.46 -50.96 25.16
CA ALA B 320 37.82 -52.19 25.61
C ALA B 320 36.33 -52.04 25.73
N ASN B 321 35.62 -52.92 25.04
CA ASN B 321 34.18 -53.00 25.16
C ASN B 321 33.80 -53.65 26.49
N TYR B 322 32.60 -53.37 26.96
CA TYR B 322 32.11 -53.95 28.20
C TYR B 322 30.60 -53.86 28.26
N ASN B 323 30.03 -54.62 29.19
CA ASN B 323 28.61 -54.55 29.51
C ASN B 323 28.47 -54.44 31.02
N SER B 324 27.25 -54.47 31.53
CA SER B 324 27.05 -54.28 32.97
C SER B 324 27.76 -55.35 33.81
N ARG B 325 27.85 -56.57 33.29
CA ARG B 325 28.57 -57.64 33.99
C ARG B 325 30.07 -57.42 34.03
N THR B 326 30.65 -56.92 32.94
CA THR B 326 32.12 -56.78 32.84
C THR B 326 32.61 -55.36 33.05
N ILE B 327 31.76 -54.51 33.60
CA ILE B 327 32.10 -53.10 33.78
C ILE B 327 33.36 -52.88 34.63
N ASN B 328 33.58 -53.71 35.65
CA ASN B 328 34.74 -53.56 36.50
C ASN B 328 36.08 -53.77 35.77
N SER B 329 36.08 -54.66 34.77
CA SER B 329 37.26 -54.88 33.92
C SER B 329 37.38 -53.80 32.83
N GLY B 330 36.45 -53.81 31.87
CA GLY B 330 36.56 -52.99 30.67
C GLY B 330 36.59 -51.50 30.91
N LYS B 331 35.78 -51.03 31.86
CA LYS B 331 35.71 -49.60 32.14
C LYS B 331 36.97 -49.09 32.83
N LYS B 332 37.60 -49.93 33.66
CA LYS B 332 38.88 -49.57 34.26
C LYS B 332 39.95 -49.39 33.20
N LEU B 333 39.96 -50.29 32.21
CA LEU B 333 40.93 -50.20 31.13
C LEU B 333 40.68 -48.91 30.32
N CYS B 334 39.42 -48.61 30.06
CA CYS B 334 39.06 -47.35 29.39
C CYS B 334 39.51 -46.13 30.20
N LYS B 335 39.36 -46.20 31.53
CA LYS B 335 39.80 -45.12 32.41
C LYS B 335 41.31 -44.88 32.29
N VAL B 336 42.09 -45.94 32.47
CA VAL B 336 43.54 -45.85 32.32
C VAL B 336 43.96 -45.36 30.92
N ALA B 337 43.22 -45.78 29.90
CA ALA B 337 43.48 -45.33 28.53
C ALA B 337 43.24 -43.82 28.35
N LEU B 338 42.13 -43.34 28.92
CA LEU B 338 41.83 -41.90 28.91
C LEU B 338 42.91 -41.12 29.64
N GLN B 339 43.26 -41.58 30.83
CA GLN B 339 44.30 -40.94 31.63
C GLN B 339 45.59 -40.79 30.83
N LYS B 340 46.07 -41.89 30.26
CA LYS B 340 47.29 -41.83 29.45
C LYS B 340 47.13 -40.93 28.23
N GLU B 341 46.01 -41.03 27.55
CA GLU B 341 45.77 -40.21 26.36
C GLU B 341 45.87 -38.71 26.67
N CYS B 342 45.46 -38.32 27.89
CA CYS B 342 45.38 -36.92 28.27
C CYS B 342 46.61 -36.43 29.04
N GLY B 343 47.60 -37.29 29.21
CA GLY B 343 48.82 -36.93 29.94
C GLY B 343 48.63 -36.87 31.45
N LEU B 344 47.57 -37.50 31.96
CA LEU B 344 47.28 -37.50 33.38
C LEU B 344 47.91 -38.70 34.07
N THR B 345 48.12 -38.60 35.37
CA THR B 345 48.65 -39.72 36.13
C THR B 345 47.71 -40.90 36.00
N VAL B 346 48.26 -42.06 35.64
CA VAL B 346 47.47 -43.26 35.45
C VAL B 346 47.22 -43.92 36.80
N ASP B 347 45.96 -43.90 37.22
CA ASP B 347 45.54 -44.48 38.49
C ASP B 347 44.02 -44.58 38.48
N PRO B 348 43.49 -45.82 38.41
CA PRO B 348 42.04 -45.96 38.30
C PRO B 348 41.27 -45.62 39.58
N ASP B 349 41.97 -45.34 40.68
CA ASP B 349 41.32 -44.97 41.94
C ASP B 349 41.07 -43.47 42.11
N ILE B 350 41.58 -42.65 41.19
CA ILE B 350 41.33 -41.21 41.24
C ILE B 350 40.06 -40.92 40.45
N PRO B 351 39.04 -40.31 41.09
CA PRO B 351 37.79 -40.05 40.37
C PRO B 351 38.01 -39.04 39.24
N LEU B 352 37.45 -39.34 38.07
CA LEU B 352 37.66 -38.51 36.89
C LEU B 352 36.35 -37.92 36.39
N PHE B 353 36.35 -36.61 36.16
CA PHE B 353 35.22 -35.87 35.61
C PHE B 353 35.49 -35.49 34.15
N GLY B 354 34.50 -35.69 33.30
CA GLY B 354 34.64 -35.38 31.87
C GLY B 354 33.60 -34.38 31.38
N PHE B 355 34.03 -33.39 30.61
CA PHE B 355 33.13 -32.42 29.98
C PHE B 355 33.29 -32.49 28.47
N ILE B 356 32.17 -32.53 27.76
CA ILE B 356 32.19 -32.43 26.31
C ILE B 356 31.10 -31.46 25.89
N GLY B 357 31.49 -30.36 25.24
CA GLY B 357 30.49 -29.42 24.77
C GLY B 357 31.03 -28.14 24.18
N ARG B 358 30.15 -27.42 23.48
CA ARG B 358 30.47 -26.10 22.93
C ARG B 358 31.05 -25.21 24.03
N LEU B 359 32.08 -24.44 23.71
CA LEU B 359 32.68 -23.49 24.65
C LEU B 359 31.92 -22.16 24.62
N GLU B 360 30.66 -22.20 25.05
CA GLU B 360 29.75 -21.07 24.94
C GLU B 360 29.00 -20.93 26.25
N ASN B 361 28.46 -19.73 26.50
CA ASN B 361 27.81 -19.43 27.77
C ASN B 361 26.86 -20.51 28.28
N GLN B 362 26.03 -21.04 27.38
CA GLN B 362 25.05 -22.06 27.76
C GLN B 362 25.63 -23.21 28.57
N LYS B 363 26.81 -23.70 28.18
CA LYS B 363 27.37 -24.95 28.71
C LYS B 363 28.28 -24.80 29.95
N GLY B 364 28.69 -23.58 30.26
CA GLY B 364 29.44 -23.32 31.49
C GLY B 364 30.86 -23.85 31.51
N ALA B 365 31.48 -23.97 30.34
CA ALA B 365 32.90 -24.34 30.25
C ALA B 365 33.78 -23.30 30.96
N ASP B 366 33.39 -22.04 30.88
CA ASP B 366 34.10 -20.95 31.58
C ASP B 366 34.13 -21.15 33.10
N VAL B 367 33.08 -21.77 33.63
CA VAL B 367 32.98 -22.10 35.05
C VAL B 367 34.02 -23.15 35.44
N ILE B 368 34.18 -24.17 34.60
CA ILE B 368 35.11 -25.26 34.88
C ILE B 368 36.54 -24.72 34.93
N ILE B 369 36.89 -23.92 33.93
CA ILE B 369 38.23 -23.33 33.86
C ILE B 369 38.50 -22.42 35.07
N ALA B 370 37.52 -21.59 35.41
CA ALA B 370 37.66 -20.68 36.54
C ALA B 370 37.72 -21.42 37.89
N ALA B 371 37.19 -22.65 37.93
CA ALA B 371 37.12 -23.42 39.16
C ALA B 371 38.44 -24.11 39.54
N MET B 372 39.42 -24.09 38.64
CA MET B 372 40.65 -24.87 38.81
C MET B 372 41.38 -24.64 40.13
N PRO B 373 41.53 -23.38 40.56
CA PRO B 373 42.21 -23.14 41.84
C PRO B 373 41.56 -23.87 43.01
N LYS B 374 40.23 -23.97 43.02
CA LYS B 374 39.51 -24.67 44.08
C LYS B 374 39.47 -26.19 43.88
N LEU B 375 39.66 -26.65 42.64
CA LEU B 375 39.47 -28.06 42.32
C LEU B 375 40.55 -28.98 42.88
N LYS B 376 41.77 -28.46 43.00
CA LYS B 376 42.89 -29.30 43.46
C LYS B 376 42.58 -29.95 44.81
N GLN B 377 41.82 -29.24 45.65
CA GLN B 377 41.43 -29.74 46.97
C GLN B 377 40.59 -31.02 46.90
N LEU B 378 39.89 -31.25 45.79
CA LEU B 378 38.98 -32.39 45.68
C LEU B 378 39.65 -33.73 45.36
N ASN B 379 40.92 -33.70 44.97
CA ASN B 379 41.67 -34.91 44.59
C ASN B 379 41.00 -35.70 43.48
N CYS B 380 40.74 -35.02 42.38
CA CYS B 380 40.09 -35.62 41.22
C CYS B 380 40.81 -35.20 39.94
N GLN B 381 40.40 -35.79 38.82
CA GLN B 381 40.91 -35.40 37.52
C GLN B 381 39.77 -34.81 36.70
N VAL B 382 40.12 -33.89 35.80
CA VAL B 382 39.13 -33.24 34.94
C VAL B 382 39.62 -33.21 33.50
N VAL B 383 38.77 -33.65 32.59
CA VAL B 383 39.08 -33.60 31.17
C VAL B 383 38.00 -32.77 30.49
N ILE B 384 38.41 -31.83 29.64
CA ILE B 384 37.49 -30.88 29.01
C ILE B 384 37.69 -30.85 27.51
N LEU B 385 36.63 -31.15 26.76
CA LEU B 385 36.68 -31.19 25.31
C LEU B 385 35.62 -30.27 24.71
N GLY B 386 36.06 -29.31 23.89
CA GLY B 386 35.14 -28.35 23.28
C GLY B 386 35.76 -27.35 22.33
N ILE B 387 34.92 -26.73 21.50
CA ILE B 387 35.33 -25.64 20.62
C ILE B 387 34.34 -24.46 20.69
N GLY B 388 34.83 -23.25 20.41
CA GLY B 388 33.99 -22.05 20.42
C GLY B 388 34.82 -20.78 20.33
N SER B 389 34.91 -20.05 21.44
CA SER B 389 35.62 -18.77 21.45
C SER B 389 37.12 -18.98 21.33
N PRO B 390 37.78 -18.21 20.45
CA PRO B 390 39.23 -18.25 20.33
C PRO B 390 39.97 -18.20 21.66
N LYS B 391 39.55 -17.34 22.59
CA LYS B 391 40.28 -17.20 23.85
C LYS B 391 39.74 -18.07 24.98
N LEU B 392 38.61 -18.72 24.77
CA LEU B 392 38.23 -19.85 25.64
C LEU B 392 39.07 -21.07 25.25
N GLU B 393 39.14 -21.32 23.94
CA GLU B 393 39.99 -22.39 23.39
C GLU B 393 41.47 -22.24 23.77
N GLN B 394 41.96 -21.01 23.76
CA GLN B 394 43.33 -20.73 24.15
C GLN B 394 43.55 -20.98 25.64
N GLU B 395 42.55 -20.63 26.45
CA GLU B 395 42.60 -20.88 27.89
C GLU B 395 42.54 -22.37 28.17
N LEU B 396 41.63 -23.04 27.47
CA LEU B 396 41.44 -24.47 27.61
C LEU B 396 42.76 -25.22 27.47
N GLU B 397 43.47 -24.95 26.38
CA GLU B 397 44.73 -25.63 26.09
C GLU B 397 45.83 -25.32 27.10
N SER B 398 45.73 -24.18 27.79
CA SER B 398 46.75 -23.77 28.76
C SER B 398 46.53 -24.37 30.14
N VAL B 399 45.40 -25.06 30.34
CA VAL B 399 44.99 -25.54 31.67
C VAL B 399 45.96 -26.57 32.27
N ALA B 400 46.51 -27.43 31.41
CA ALA B 400 47.40 -28.51 31.85
C ALA B 400 48.68 -27.98 32.47
N ASP B 401 49.15 -26.83 32.00
CA ASP B 401 50.39 -26.23 32.50
C ASP B 401 50.30 -25.94 34.00
N LYS B 402 49.32 -25.14 34.39
CA LYS B 402 49.15 -24.75 35.80
C LYS B 402 48.54 -25.89 36.62
N TYR B 403 47.70 -26.73 36.01
CA TYR B 403 46.97 -27.75 36.75
C TYR B 403 47.23 -29.14 36.17
N PRO B 404 48.06 -29.95 36.86
CA PRO B 404 48.46 -31.27 36.34
C PRO B 404 47.33 -32.29 36.32
N PHE B 405 46.34 -32.13 37.20
CA PHE B 405 45.19 -33.04 37.28
C PHE B 405 44.13 -32.78 36.20
N ALA B 406 44.35 -31.77 35.36
CA ALA B 406 43.36 -31.39 34.37
C ALA B 406 43.95 -31.33 32.98
N LYS B 407 43.09 -31.43 31.98
CA LYS B 407 43.52 -31.43 30.59
C LYS B 407 42.41 -30.86 29.71
N GLY B 408 42.79 -29.91 28.86
CA GLY B 408 41.85 -29.29 27.94
C GLY B 408 42.24 -29.57 26.50
N VAL B 409 41.24 -29.78 25.65
CA VAL B 409 41.46 -30.07 24.24
C VAL B 409 40.48 -29.26 23.41
N ALA B 410 41.00 -28.33 22.63
CA ALA B 410 40.16 -27.45 21.81
C ALA B 410 40.04 -28.01 20.41
N ARG B 411 39.26 -29.08 20.27
CA ARG B 411 39.00 -29.69 18.97
C ARG B 411 37.64 -30.34 18.96
N PHE B 412 37.11 -30.56 17.76
CA PHE B 412 36.00 -31.48 17.61
C PHE B 412 36.63 -32.84 17.31
N ASP B 413 36.47 -33.78 18.22
CA ASP B 413 37.20 -35.04 18.18
C ASP B 413 36.31 -36.18 18.71
N SER B 414 35.69 -36.91 17.80
CA SER B 414 34.79 -38.01 18.18
C SER B 414 35.49 -39.09 18.96
N LYS B 415 36.69 -39.47 18.53
CA LYS B 415 37.47 -40.50 19.20
C LYS B 415 37.67 -40.15 20.68
N LEU B 416 38.07 -38.91 20.96
CA LEU B 416 38.33 -38.49 22.34
C LEU B 416 37.02 -38.36 23.13
N ALA B 417 35.95 -37.96 22.47
CA ALA B 417 34.63 -37.93 23.10
C ALA B 417 34.25 -39.32 23.60
N HIS B 418 34.51 -40.33 22.77
CA HIS B 418 34.23 -41.72 23.12
C HIS B 418 35.10 -42.15 24.30
N PHE B 419 36.39 -41.85 24.23
CA PHE B 419 37.31 -42.14 25.34
C PHE B 419 36.83 -41.52 26.65
N ILE B 420 36.31 -40.30 26.60
CA ILE B 420 35.88 -39.59 27.81
C ILE B 420 34.60 -40.20 28.38
N THR B 421 33.64 -40.46 27.51
CA THR B 421 32.36 -41.04 27.93
C THR B 421 32.54 -42.39 28.61
N ALA B 422 33.42 -43.22 28.07
CA ALA B 422 33.68 -44.55 28.63
C ALA B 422 34.63 -44.50 29.82
N GLY B 423 35.67 -43.68 29.72
CA GLY B 423 36.74 -43.67 30.72
C GLY B 423 36.43 -42.90 31.98
N ALA B 424 35.66 -41.83 31.85
CA ALA B 424 35.33 -40.97 32.98
C ALA B 424 34.40 -41.68 33.95
N ASP B 425 34.51 -41.30 35.22
CA ASP B 425 33.58 -41.78 36.24
C ASP B 425 32.33 -40.93 36.23
N TYR B 426 32.52 -39.65 35.94
CA TYR B 426 31.43 -38.67 36.00
C TYR B 426 31.35 -37.83 34.71
N CYS B 427 30.13 -37.53 34.30
CA CYS B 427 29.86 -36.64 33.18
C CYS B 427 29.40 -35.28 33.71
N LEU B 428 30.25 -34.27 33.55
CA LEU B 428 30.07 -32.97 34.19
C LEU B 428 29.44 -31.96 33.23
N MET B 429 28.23 -31.51 33.55
CA MET B 429 27.49 -30.55 32.71
C MET B 429 26.97 -29.36 33.52
N PRO B 430 27.82 -28.34 33.70
CA PRO B 430 27.42 -27.12 34.43
C PRO B 430 26.68 -26.13 33.55
N SER B 431 25.60 -26.59 32.92
CA SER B 431 24.85 -25.77 31.99
C SER B 431 24.08 -24.67 32.72
N ARG B 432 24.01 -23.49 32.11
CA ARG B 432 23.20 -22.39 32.61
C ARG B 432 21.75 -22.54 32.20
N PHE B 433 21.51 -23.12 31.04
CA PHE B 433 20.19 -23.59 30.66
C PHE B 433 20.39 -24.78 29.72
N GLU B 434 19.44 -25.71 29.72
CA GLU B 434 19.59 -26.93 28.94
C GLU B 434 18.23 -27.54 28.63
N PRO B 435 17.68 -27.23 27.44
CA PRO B 435 16.38 -27.76 27.06
C PRO B 435 16.23 -29.26 27.29
N CYS B 436 17.23 -30.04 26.90
CA CYS B 436 17.26 -31.47 27.26
C CYS B 436 18.66 -31.96 27.58
N GLY B 437 19.55 -31.86 26.61
CA GLY B 437 20.92 -32.35 26.73
C GLY B 437 21.03 -33.77 26.22
N LEU B 438 22.16 -34.12 25.65
CA LEU B 438 22.37 -35.45 25.11
C LEU B 438 23.52 -36.21 25.79
N ASN B 439 24.58 -35.50 26.18
CA ASN B 439 25.72 -36.12 26.85
C ASN B 439 25.36 -37.05 27.99
N GLN B 440 24.41 -36.62 28.82
CA GLN B 440 24.07 -37.38 30.02
C GLN B 440 23.40 -38.70 29.67
N LEU B 441 22.70 -38.75 28.53
CA LEU B 441 22.05 -39.98 28.07
C LEU B 441 23.10 -40.98 27.62
N TYR B 442 24.04 -40.50 26.80
CA TYR B 442 25.17 -41.34 26.41
C TYR B 442 25.93 -41.84 27.62
N ALA B 443 26.26 -40.92 28.52
CA ALA B 443 27.04 -41.26 29.71
C ALA B 443 26.41 -42.41 30.48
N MET B 444 25.10 -42.32 30.72
CA MET B 444 24.40 -43.35 31.48
C MET B 444 24.48 -44.72 30.82
N MET B 445 24.38 -44.78 29.50
CA MET B 445 24.52 -46.06 28.80
C MET B 445 25.89 -46.70 29.00
N TYR B 446 26.90 -45.87 29.27
CA TYR B 446 28.26 -46.34 29.54
C TYR B 446 28.54 -46.57 31.04
N GLY B 447 27.55 -46.34 31.89
CA GLY B 447 27.74 -46.48 33.34
C GLY B 447 28.49 -45.32 33.93
N THR B 448 28.50 -44.20 33.21
CA THR B 448 29.18 -42.99 33.64
C THR B 448 28.12 -42.08 34.25
N ILE B 449 28.40 -41.60 35.46
CA ILE B 449 27.38 -40.95 36.29
C ILE B 449 27.30 -39.45 36.02
N PRO B 450 26.11 -38.95 35.63
CA PRO B 450 25.98 -37.50 35.40
C PRO B 450 26.03 -36.66 36.69
N VAL B 451 26.76 -35.55 36.62
CA VAL B 451 26.75 -34.51 37.64
C VAL B 451 26.40 -33.23 36.88
N VAL B 452 25.18 -32.77 37.07
CA VAL B 452 24.57 -31.80 36.16
C VAL B 452 23.94 -30.61 36.88
N ALA B 453 23.81 -29.51 36.14
CA ALA B 453 23.10 -28.35 36.63
C ALA B 453 21.61 -28.65 36.75
N PRO B 454 20.95 -28.07 37.76
CA PRO B 454 19.52 -28.31 37.96
C PRO B 454 18.67 -27.42 37.06
N VAL B 455 18.74 -27.64 35.75
CA VAL B 455 17.99 -26.83 34.81
C VAL B 455 17.46 -27.69 33.68
N GLY B 456 16.29 -27.32 33.19
CA GLY B 456 15.70 -27.96 32.03
C GLY B 456 15.60 -29.45 32.13
N GLY B 457 15.89 -30.14 31.03
CA GLY B 457 15.76 -31.59 30.95
C GLY B 457 16.80 -32.38 31.71
N LEU B 458 17.81 -31.71 32.26
CA LEU B 458 18.77 -32.37 33.12
C LEU B 458 18.09 -32.82 34.41
N VAL B 459 17.14 -32.03 34.89
CA VAL B 459 16.32 -32.41 36.04
C VAL B 459 15.49 -33.65 35.71
N ASP B 460 14.91 -33.69 34.52
CA ASP B 460 14.08 -34.82 34.08
C ASP B 460 14.88 -36.10 33.87
N THR B 461 16.09 -35.97 33.32
CA THR B 461 16.86 -37.13 32.88
C THR B 461 17.82 -37.70 33.92
N VAL B 462 18.12 -36.91 34.96
CA VAL B 462 19.03 -37.32 36.02
C VAL B 462 18.35 -37.18 37.39
N PRO B 463 17.40 -38.08 37.69
CA PRO B 463 16.87 -38.17 39.05
C PRO B 463 17.92 -38.75 40.00
N PRO B 464 17.65 -38.78 41.31
CA PRO B 464 18.65 -39.18 42.31
C PRO B 464 19.24 -40.60 42.20
N GLN B 465 18.51 -41.53 41.56
CA GLN B 465 19.02 -42.90 41.37
C GLN B 465 20.16 -42.96 40.36
N PHE B 466 20.18 -42.02 39.42
CA PHE B 466 21.17 -42.07 38.33
C PHE B 466 22.36 -41.11 38.48
N GLY B 467 22.20 -40.03 39.24
CA GLY B 467 23.26 -39.04 39.35
C GLY B 467 22.97 -37.93 40.33
N PHE B 468 23.74 -36.84 40.22
CA PHE B 468 23.71 -35.75 41.20
C PHE B 468 23.49 -34.40 40.56
N LEU B 469 22.82 -33.51 41.29
CA LEU B 469 22.57 -32.13 40.86
C LEU B 469 23.51 -31.16 41.55
N MET B 470 23.97 -30.17 40.79
CA MET B 470 24.69 -29.02 41.32
C MET B 470 23.70 -28.01 41.86
N ASN B 471 24.20 -26.91 42.42
CA ASN B 471 23.39 -25.73 42.60
C ASN B 471 23.33 -25.00 41.25
N LYS B 472 22.43 -24.02 41.16
CA LYS B 472 22.19 -23.30 39.91
C LYS B 472 23.41 -22.51 39.46
N ILE B 473 23.74 -22.59 38.17
CA ILE B 473 24.83 -21.80 37.60
C ILE B 473 24.23 -20.49 37.10
N PRO B 474 24.56 -19.37 37.75
CA PRO B 474 23.83 -18.14 37.44
C PRO B 474 24.12 -17.58 36.05
N MET B 475 23.09 -17.03 35.42
CA MET B 475 23.20 -16.43 34.10
C MET B 475 23.82 -15.04 34.19
N PRO B 476 24.36 -14.52 33.08
CA PRO B 476 24.76 -13.11 33.04
C PRO B 476 23.55 -12.20 33.30
N LYS B 477 23.77 -11.03 33.91
CA LYS B 477 22.65 -10.14 34.26
C LYS B 477 21.82 -9.71 33.04
N ILE B 478 22.46 -9.60 31.87
CA ILE B 478 21.73 -9.49 30.59
C ILE B 478 22.44 -10.31 29.52
N PRO B 479 21.70 -10.74 28.48
CA PRO B 479 22.37 -11.47 27.40
C PRO B 479 23.42 -10.58 26.70
N GLY B 480 24.35 -11.21 25.98
CA GLY B 480 25.44 -10.47 25.34
C GLY B 480 26.54 -10.13 26.31
N VAL B 481 26.20 -9.40 27.39
CA VAL B 481 27.14 -9.08 28.47
C VAL B 481 27.91 -10.31 28.91
N THR B 482 29.23 -10.22 28.84
CA THR B 482 30.10 -11.25 29.37
C THR B 482 29.89 -11.31 30.89
N VAL B 483 29.76 -12.53 31.43
CA VAL B 483 29.42 -12.73 32.83
C VAL B 483 30.47 -12.08 33.74
N SER B 484 30.02 -11.53 34.86
CA SER B 484 30.92 -10.85 35.78
C SER B 484 31.76 -11.86 36.56
N GLU B 485 32.92 -11.42 37.01
CA GLU B 485 33.78 -12.26 37.86
C GLU B 485 33.01 -12.69 39.10
N GLU B 486 32.14 -11.82 39.59
CA GLU B 486 31.24 -12.11 40.69
C GLU B 486 30.40 -13.36 40.42
N LEU B 487 29.56 -13.29 39.39
CA LEU B 487 28.64 -14.38 39.08
C LEU B 487 29.35 -15.65 38.61
N LEU B 488 30.49 -15.49 37.93
CA LEU B 488 31.34 -16.61 37.54
C LEU B 488 31.75 -17.43 38.77
N GLN B 489 32.12 -16.74 39.84
CA GLN B 489 32.60 -17.41 41.05
C GLN B 489 31.45 -18.10 41.81
N GLN B 490 30.24 -17.56 41.68
CA GLN B 490 29.06 -18.21 42.25
C GLN B 490 28.79 -19.53 41.54
N GLY B 491 28.96 -19.52 40.22
CA GLY B 491 28.85 -20.72 39.41
C GLY B 491 29.87 -21.78 39.83
N VAL B 492 31.12 -21.35 40.01
CA VAL B 492 32.18 -22.24 40.46
C VAL B 492 31.77 -22.96 41.75
N ASP B 493 31.33 -22.19 42.73
CA ASP B 493 30.91 -22.74 44.01
C ASP B 493 29.70 -23.66 43.84
N ALA B 494 28.76 -23.27 42.98
CA ALA B 494 27.56 -24.06 42.73
C ALA B 494 27.89 -25.41 42.07
N MET B 495 28.86 -25.40 41.16
CA MET B 495 29.29 -26.63 40.49
C MET B 495 29.94 -27.57 41.50
N ILE B 496 30.84 -27.02 42.30
CA ILE B 496 31.61 -27.82 43.26
C ILE B 496 30.74 -28.50 44.31
N VAL B 497 29.65 -27.84 44.72
CA VAL B 497 28.67 -28.47 45.61
C VAL B 497 28.18 -29.79 45.03
N GLY B 498 27.86 -29.80 43.74
CA GLY B 498 27.42 -31.02 43.07
C GLY B 498 28.51 -32.08 42.98
N MET B 499 29.73 -31.63 42.68
CA MET B 499 30.86 -32.55 42.56
C MET B 499 31.16 -33.22 43.90
N LYS B 500 31.08 -32.44 44.99
CA LYS B 500 31.30 -32.97 46.34
C LYS B 500 30.22 -33.98 46.74
N LYS B 501 28.97 -33.70 46.40
CA LYS B 501 27.90 -34.67 46.63
C LYS B 501 28.27 -36.01 46.03
N ALA B 502 28.75 -35.97 44.78
CA ALA B 502 29.08 -37.20 44.05
C ALA B 502 30.30 -37.91 44.62
N LEU B 503 31.33 -37.14 44.98
CA LEU B 503 32.57 -37.70 45.47
C LEU B 503 32.40 -38.35 46.85
N GLN B 504 31.43 -37.88 47.63
CA GLN B 504 31.21 -38.53 48.92
C GLN B 504 30.72 -39.99 48.77
N GLU B 505 30.21 -40.36 47.59
CA GLU B 505 29.85 -41.76 47.32
C GLU B 505 30.84 -42.49 46.42
N TYR B 506 31.84 -41.79 45.90
CA TYR B 506 32.78 -42.41 44.95
C TYR B 506 33.42 -43.65 45.54
N GLY B 507 33.42 -44.74 44.79
CA GLY B 507 34.05 -45.99 45.19
C GLY B 507 33.27 -46.88 46.14
N THR B 508 32.16 -46.38 46.68
CA THR B 508 31.37 -47.13 47.66
C THR B 508 30.44 -48.11 46.93
N PRO B 509 29.82 -49.04 47.68
CA PRO B 509 28.82 -49.91 47.07
C PRO B 509 27.70 -49.17 46.33
N LYS B 510 27.33 -47.98 46.83
CA LYS B 510 26.31 -47.16 46.18
C LYS B 510 26.77 -46.65 44.81
N PHE B 511 28.05 -46.32 44.71
CA PHE B 511 28.66 -45.94 43.44
C PHE B 511 28.51 -47.07 42.42
N LYS B 512 28.91 -48.27 42.79
CA LYS B 512 28.78 -49.44 41.92
C LYS B 512 27.34 -49.68 41.49
N LYS B 513 26.41 -49.50 42.42
CA LYS B 513 24.99 -49.70 42.12
C LYS B 513 24.46 -48.63 41.17
N MET B 514 24.88 -47.38 41.38
CA MET B 514 24.43 -46.27 40.55
C MET B 514 24.84 -46.46 39.09
N ARG B 515 26.04 -47.00 38.86
CA ARG B 515 26.50 -47.28 37.51
C ARG B 515 25.63 -48.33 36.82
N LEU B 516 25.32 -49.40 37.55
CA LEU B 516 24.47 -50.47 37.01
C LEU B 516 23.08 -49.95 36.72
N ASP B 517 22.56 -49.10 37.60
CA ASP B 517 21.24 -48.48 37.41
C ASP B 517 21.24 -47.56 36.19
N CYS B 518 22.34 -46.83 36.00
CA CYS B 518 22.52 -46.01 34.81
C CYS B 518 22.50 -46.87 33.55
N MET B 519 23.27 -47.95 33.56
CA MET B 519 23.35 -48.81 32.37
C MET B 519 22.01 -49.48 32.04
N ALA B 520 21.20 -49.73 33.07
CA ALA B 520 19.88 -50.34 32.88
C ALA B 520 18.82 -49.32 32.42
N ASN B 521 19.15 -48.04 32.52
CA ASN B 521 18.24 -46.95 32.17
C ASN B 521 17.97 -46.87 30.67
N ASP B 522 16.71 -47.04 30.29
CA ASP B 522 16.33 -47.01 28.88
C ASP B 522 16.14 -45.56 28.41
N VAL B 523 17.02 -45.13 27.51
CA VAL B 523 17.00 -43.76 27.00
C VAL B 523 16.76 -43.73 25.48
N SER B 524 16.16 -44.81 24.95
CA SER B 524 15.82 -44.90 23.54
C SER B 524 14.61 -44.02 23.18
N TRP B 525 14.32 -43.94 21.88
CA TRP B 525 13.21 -43.15 21.36
C TRP B 525 11.83 -43.80 21.53
N LYS B 526 11.81 -45.06 21.94
CA LYS B 526 10.59 -45.86 22.02
C LYS B 526 9.42 -45.18 22.77
N LYS B 527 9.65 -44.82 24.04
CA LYS B 527 8.63 -44.18 24.87
C LYS B 527 8.27 -42.76 24.45
N PRO B 528 9.29 -41.90 24.22
CA PRO B 528 8.92 -40.56 23.79
C PRO B 528 8.24 -40.51 22.41
N ALA B 529 8.66 -41.37 21.49
CA ALA B 529 8.02 -41.42 20.16
C ALA B 529 6.54 -41.72 20.32
N ALA B 530 6.23 -42.66 21.20
CA ALA B 530 4.83 -43.02 21.49
C ALA B 530 4.02 -41.83 22.00
N LYS B 531 4.65 -40.95 22.75
CA LYS B 531 3.99 -39.74 23.23
C LYS B 531 3.74 -38.76 22.10
N TYR B 532 4.70 -38.62 21.19
CA TYR B 532 4.49 -37.81 19.99
C TYR B 532 3.31 -38.33 19.16
N VAL B 533 3.24 -39.64 19.00
CA VAL B 533 2.16 -40.26 18.24
C VAL B 533 0.81 -39.92 18.85
N ASP B 534 0.71 -39.98 20.18
CA ASP B 534 -0.54 -39.61 20.88
C ASP B 534 -0.96 -38.18 20.59
N ILE B 535 -0.01 -37.26 20.72
CA ILE B 535 -0.27 -35.86 20.42
C ILE B 535 -0.68 -35.68 18.96
N PHE B 536 0.03 -36.34 18.05
CA PHE B 536 -0.28 -36.26 16.62
C PHE B 536 -1.68 -36.80 16.31
N GLU B 537 -2.05 -37.90 16.95
CA GLU B 537 -3.36 -38.51 16.71
C GLU B 537 -4.51 -37.62 17.17
N GLN B 538 -4.30 -36.87 18.26
CA GLN B 538 -5.29 -35.92 18.75
C GLN B 538 -5.48 -34.76 17.77
N LEU B 539 -4.40 -34.32 17.13
CA LEU B 539 -4.48 -33.21 16.18
C LEU B 539 -5.30 -33.54 14.94
N VAL B 540 -5.11 -34.74 14.40
CA VAL B 540 -5.78 -35.11 13.14
C VAL B 540 -7.18 -35.70 13.34
N ASN B 541 -7.59 -35.96 14.59
CA ASN B 541 -8.92 -36.53 14.86
C ASN B 541 -9.80 -35.58 15.67
N SER C 12 7.33 2.54 -5.79
CA SER C 12 7.46 4.02 -5.77
C SER C 12 6.18 4.66 -6.30
N GLY C 13 5.69 5.69 -5.59
CA GLY C 13 4.58 6.52 -6.07
C GLY C 13 5.01 7.33 -7.29
N LEU C 14 4.05 7.68 -8.15
CA LEU C 14 4.33 8.29 -9.45
C LEU C 14 4.13 9.82 -9.40
N VAL C 15 5.22 10.56 -9.15
CA VAL C 15 5.10 11.94 -8.67
C VAL C 15 5.55 12.97 -9.71
N PRO C 16 5.09 14.23 -9.57
CA PRO C 16 5.57 15.28 -10.47
C PRO C 16 7.09 15.41 -10.39
N ARG C 17 7.72 15.58 -11.55
CA ARG C 17 9.18 15.66 -11.68
C ARG C 17 9.92 14.36 -11.31
N GLY C 18 9.20 13.24 -11.33
CA GLY C 18 9.76 11.94 -10.98
C GLY C 18 10.53 11.33 -12.12
N SER C 19 11.38 10.36 -11.81
CA SER C 19 12.25 9.75 -12.84
C SER C 19 11.49 8.87 -13.82
N HIS C 20 10.36 8.28 -13.39
CA HIS C 20 9.56 7.41 -14.25
C HIS C 20 8.89 8.19 -15.40
N MET C 21 8.88 9.51 -15.32
CA MET C 21 7.99 10.32 -16.13
C MET C 21 8.54 10.51 -17.55
N LEU C 22 7.77 10.05 -18.54
CA LEU C 22 8.07 10.27 -19.94
C LEU C 22 7.52 11.60 -20.44
N ASN C 23 8.21 12.16 -21.42
CA ASN C 23 7.76 13.36 -22.11
C ASN C 23 7.33 12.96 -23.53
N ILE C 24 6.03 13.06 -23.80
CA ILE C 24 5.48 12.59 -25.05
C ILE C 24 4.74 13.72 -25.76
N CYS C 25 5.13 13.99 -27.00
CA CYS C 25 4.55 15.04 -27.80
C CYS C 25 3.89 14.45 -29.05
N PHE C 26 2.56 14.40 -29.07
CA PHE C 26 1.79 13.85 -30.21
C PHE C 26 1.61 14.93 -31.24
N VAL C 27 1.89 14.61 -32.50
CA VAL C 27 1.72 15.57 -33.58
C VAL C 27 0.73 15.00 -34.58
N SER C 28 -0.30 15.75 -34.91
CA SER C 28 -1.29 15.29 -35.89
C SER C 28 -2.06 16.44 -36.50
N THR C 29 -2.87 16.11 -37.50
CA THR C 29 -3.78 17.07 -38.10
C THR C 29 -5.12 17.11 -37.34
N GLU C 30 -5.40 16.13 -36.50
CA GLU C 30 -6.70 16.00 -35.85
C GLU C 30 -6.56 15.71 -34.36
N VAL C 31 -7.35 16.38 -33.53
CA VAL C 31 -7.49 16.05 -32.10
C VAL C 31 -8.95 16.25 -31.70
N ALA C 32 -9.66 15.15 -31.45
CA ALA C 32 -11.05 15.26 -31.01
C ALA C 32 -11.09 15.87 -29.62
N PRO C 33 -12.17 16.59 -29.28
CA PRO C 33 -13.33 16.91 -30.12
C PRO C 33 -13.17 18.20 -30.93
N TYR C 34 -11.97 18.75 -30.98
CA TYR C 34 -11.72 20.02 -31.65
C TYR C 34 -11.75 19.83 -33.17
N SER C 35 -11.00 18.85 -33.64
CA SER C 35 -10.87 18.58 -35.05
C SER C 35 -10.93 17.07 -35.24
N LYS C 36 -11.67 16.60 -36.24
CA LYS C 36 -11.93 15.19 -36.40
C LYS C 36 -12.68 14.95 -37.70
N THR C 37 -12.18 13.99 -38.49
CA THR C 37 -12.81 13.53 -39.73
C THR C 37 -13.07 12.02 -39.61
N GLY C 38 -12.65 11.46 -38.46
CA GLY C 38 -12.65 10.01 -38.28
C GLY C 38 -11.91 9.56 -37.03
N GLY C 39 -11.42 8.34 -37.07
CA GLY C 39 -10.79 7.70 -35.93
C GLY C 39 -9.49 8.29 -35.46
N LEU C 40 -8.72 8.93 -36.35
CA LEU C 40 -7.45 9.53 -35.96
C LEU C 40 -7.64 10.49 -34.78
N GLY C 41 -8.61 11.37 -34.91
CA GLY C 41 -8.91 12.34 -33.87
C GLY C 41 -9.26 11.70 -32.54
N ASP C 42 -9.97 10.57 -32.58
CA ASP C 42 -10.34 9.87 -31.36
C ASP C 42 -9.12 9.28 -30.64
N VAL C 43 -8.19 8.74 -31.41
CA VAL C 43 -6.97 8.19 -30.82
C VAL C 43 -6.13 9.28 -30.16
N THR C 44 -5.95 10.40 -30.86
CA THR C 44 -5.14 11.50 -30.31
C THR C 44 -5.85 12.22 -29.16
N GLU C 45 -7.14 11.95 -28.95
CA GLU C 45 -7.82 12.38 -27.74
C GLU C 45 -7.60 11.39 -26.60
N GLY C 46 -7.96 10.12 -26.85
CA GLY C 46 -8.03 9.12 -25.79
C GLY C 46 -6.70 8.58 -25.28
N LEU C 47 -5.77 8.31 -26.18
CA LEU C 47 -4.49 7.73 -25.79
C LEU C 47 -3.66 8.72 -24.95
N PRO C 48 -3.54 9.99 -25.41
CA PRO C 48 -2.83 10.96 -24.57
C PRO C 48 -3.45 11.17 -23.19
N GLU C 49 -4.77 11.17 -23.11
CA GLU C 49 -5.45 11.32 -21.81
C GLU C 49 -5.12 10.16 -20.87
N GLU C 50 -5.03 8.95 -21.42
CA GLU C 50 -4.71 7.78 -20.62
C GLU C 50 -3.25 7.83 -20.16
N LEU C 51 -2.36 8.27 -21.04
CA LEU C 51 -0.95 8.42 -20.70
C LEU C 51 -0.75 9.46 -19.60
N ALA C 52 -1.51 10.55 -19.64
CA ALA C 52 -1.44 11.56 -18.59
C ALA C 52 -1.97 11.03 -17.26
N LYS C 53 -3.03 10.23 -17.35
CA LYS C 53 -3.63 9.57 -16.18
C LYS C 53 -2.63 8.67 -15.44
N ILE C 54 -1.83 7.92 -16.21
CA ILE C 54 -0.76 7.09 -15.66
C ILE C 54 0.36 7.93 -15.02
N GLY C 55 0.47 9.21 -15.39
CA GLY C 55 1.46 10.09 -14.77
C GLY C 55 2.52 10.67 -15.70
N HIS C 56 2.41 10.45 -16.99
CA HIS C 56 3.41 11.00 -17.92
C HIS C 56 3.05 12.41 -18.37
N LYS C 57 4.03 13.15 -18.85
CA LYS C 57 3.84 14.50 -19.34
C LYS C 57 3.57 14.43 -20.83
N VAL C 58 2.37 14.88 -21.22
CA VAL C 58 1.84 14.65 -22.55
C VAL C 58 1.25 15.92 -23.13
N CYS C 59 1.53 16.16 -24.40
CA CYS C 59 0.88 17.25 -25.12
C CYS C 59 0.57 16.80 -26.53
N THR C 60 -0.36 17.50 -27.17
CA THR C 60 -0.65 17.32 -28.58
C THR C 60 -0.35 18.61 -29.31
N VAL C 61 0.08 18.49 -30.56
CA VAL C 61 0.30 19.63 -31.43
C VAL C 61 -0.45 19.40 -32.73
N ALA C 62 -1.27 20.38 -33.12
CA ALA C 62 -2.04 20.26 -34.33
C ALA C 62 -2.37 21.64 -34.85
N PRO C 63 -2.85 21.75 -36.10
CA PRO C 63 -3.19 23.07 -36.63
C PRO C 63 -4.41 23.68 -35.95
N ARG C 64 -4.42 24.99 -35.83
CA ARG C 64 -5.58 25.72 -35.30
C ARG C 64 -6.54 26.01 -36.46
N PHE C 65 -7.41 25.05 -36.74
CA PHE C 65 -8.35 25.17 -37.85
C PHE C 65 -9.53 26.07 -37.51
N ASP C 66 -9.83 26.18 -36.22
CA ASP C 66 -10.87 27.09 -35.73
C ASP C 66 -10.40 27.83 -34.48
N GLN C 67 -11.13 28.86 -34.12
CA GLN C 67 -10.83 29.64 -32.94
C GLN C 67 -11.40 28.97 -31.69
N TYR C 68 -10.71 27.95 -31.21
CA TYR C 68 -11.20 27.12 -30.11
C TYR C 68 -11.35 27.95 -28.84
N GLU C 69 -12.52 27.85 -28.20
CA GLU C 69 -12.88 28.73 -27.09
C GLU C 69 -12.00 28.60 -25.85
N ASP C 70 -11.52 27.40 -25.57
CA ASP C 70 -10.73 27.16 -24.36
C ASP C 70 -9.22 27.37 -24.56
N ALA C 71 -8.82 27.89 -25.71
CA ALA C 71 -7.40 28.03 -26.03
C ALA C 71 -6.96 29.47 -26.00
N TRP C 72 -5.90 29.77 -25.27
CA TRP C 72 -5.40 31.14 -25.17
C TRP C 72 -4.15 31.32 -26.02
N ASP C 73 -3.91 32.55 -26.46
CA ASP C 73 -2.72 32.91 -27.21
C ASP C 73 -1.53 32.94 -26.23
N THR C 74 -0.49 32.17 -26.51
CA THR C 74 0.68 32.14 -25.65
C THR C 74 1.60 33.34 -25.88
N GLU C 75 1.37 34.07 -26.96
CA GLU C 75 2.19 35.21 -27.39
C GLU C 75 3.54 34.80 -27.95
N ILE C 76 3.77 33.51 -28.08
CA ILE C 76 4.99 33.00 -28.70
C ILE C 76 4.84 33.06 -30.21
N ILE C 77 5.89 33.49 -30.90
CA ILE C 77 5.97 33.40 -32.36
C ILE C 77 7.23 32.65 -32.75
N GLN C 78 7.12 31.81 -33.76
CA GLN C 78 8.23 30.99 -34.20
C GLN C 78 8.37 31.09 -35.72
N PRO C 79 9.57 31.45 -36.22
CA PRO C 79 9.75 31.43 -37.68
C PRO C 79 9.78 30.01 -38.24
N VAL C 80 9.11 29.82 -39.38
CA VAL C 80 9.11 28.54 -40.09
C VAL C 80 9.02 28.83 -41.58
N ASN C 81 9.19 27.80 -42.38
CA ASN C 81 9.10 27.93 -43.83
C ASN C 81 7.73 27.49 -44.32
N TYR C 82 7.14 28.31 -45.19
CA TYR C 82 5.96 27.92 -45.93
C TYR C 82 6.43 27.77 -47.37
N GLY C 83 6.78 26.54 -47.75
CA GLY C 83 7.49 26.33 -49.01
C GLY C 83 8.78 27.13 -48.95
N GLN C 84 9.04 27.92 -49.97
CA GLN C 84 10.28 28.68 -50.03
C GLN C 84 10.13 30.06 -49.40
N GLU C 85 8.93 30.39 -48.93
CA GLU C 85 8.66 31.63 -48.22
C GLU C 85 8.88 31.46 -46.71
N LYS C 86 9.57 32.43 -46.11
CA LYS C 86 9.76 32.49 -44.67
C LYS C 86 8.52 33.11 -44.03
N THR C 87 8.03 32.51 -42.95
CA THR C 87 6.82 33.01 -42.29
C THR C 87 6.89 32.72 -40.78
N ASN C 88 5.85 33.09 -40.04
CA ASN C 88 5.78 32.87 -38.60
C ASN C 88 4.52 32.15 -38.22
N VAL C 89 4.58 31.31 -37.21
CA VAL C 89 3.37 30.78 -36.59
C VAL C 89 3.22 31.35 -35.18
N ARG C 90 1.98 31.45 -34.70
CA ARG C 90 1.70 31.70 -33.29
C ARG C 90 1.22 30.39 -32.70
N TYR C 91 1.37 30.24 -31.39
CA TYR C 91 0.92 29.04 -30.69
C TYR C 91 -0.18 29.40 -29.71
N PHE C 92 -1.30 28.69 -29.81
CA PHE C 92 -2.37 28.79 -28.84
C PHE C 92 -2.33 27.53 -28.01
N HIS C 93 -2.95 27.59 -26.84
CA HIS C 93 -2.76 26.55 -25.83
C HIS C 93 -4.03 26.34 -25.05
N SER C 94 -4.48 25.09 -24.98
CA SER C 94 -5.53 24.72 -24.03
C SER C 94 -5.08 23.54 -23.17
N TYR C 95 -5.71 23.40 -22.01
CA TYR C 95 -5.31 22.40 -21.03
C TYR C 95 -6.53 21.68 -20.49
N LYS C 96 -6.59 20.37 -20.69
CA LYS C 96 -7.79 19.63 -20.35
C LYS C 96 -7.46 18.20 -19.91
N LYS C 97 -8.04 17.78 -18.79
CA LYS C 97 -7.83 16.43 -18.26
C LYS C 97 -6.36 16.02 -18.26
N GLY C 98 -5.51 16.91 -17.75
CA GLY C 98 -4.10 16.62 -17.63
C GLY C 98 -3.28 16.64 -18.92
N VAL C 99 -3.89 17.02 -20.04
CA VAL C 99 -3.18 17.08 -21.32
C VAL C 99 -3.13 18.49 -21.89
N ASP C 100 -1.96 18.91 -22.36
CA ASP C 100 -1.78 20.18 -23.06
C ASP C 100 -2.07 20.01 -24.54
N HIS C 101 -2.94 20.86 -25.07
CA HIS C 101 -3.19 20.89 -26.50
C HIS C 101 -2.65 22.18 -27.05
N ILE C 102 -1.66 22.06 -27.91
CA ILE C 102 -1.01 23.20 -28.54
C ILE C 102 -1.53 23.30 -29.96
N TRP C 103 -1.93 24.49 -30.37
CA TRP C 103 -2.49 24.70 -31.67
C TRP C 103 -1.65 25.68 -32.46
N VAL C 104 -1.22 25.26 -33.65
CA VAL C 104 -0.38 26.07 -34.51
C VAL C 104 -1.25 26.98 -35.33
N ASP C 105 -1.07 28.29 -35.16
CA ASP C 105 -1.94 29.28 -35.80
C ASP C 105 -1.25 29.93 -36.99
N HIS C 106 -1.94 29.94 -38.13
CA HIS C 106 -1.46 30.59 -39.35
C HIS C 106 -2.65 30.78 -40.28
N HIS C 107 -2.59 31.82 -41.10
CA HIS C 107 -3.64 32.13 -42.07
C HIS C 107 -4.05 30.92 -42.94
N VAL C 108 -3.11 30.05 -43.29
CA VAL C 108 -3.39 28.93 -44.18
C VAL C 108 -4.15 27.81 -43.49
N TYR C 109 -4.19 27.81 -42.16
CA TYR C 109 -5.00 26.84 -41.43
C TYR C 109 -6.38 27.39 -41.08
N LEU C 110 -6.44 28.62 -40.61
CA LEU C 110 -7.70 29.15 -40.06
C LEU C 110 -8.67 29.54 -41.15
N SER C 111 -8.17 30.32 -42.11
CA SER C 111 -9.01 30.99 -43.09
C SER C 111 -9.26 30.19 -44.39
N LYS C 112 -9.08 28.87 -44.36
CA LYS C 112 -9.46 28.02 -45.49
C LYS C 112 -10.98 28.00 -45.72
N THR C 113 -11.73 27.98 -44.62
CA THR C 113 -13.19 28.02 -44.67
C THR C 113 -13.72 28.64 -43.37
N PRO C 114 -14.85 29.38 -43.45
CA PRO C 114 -15.51 29.84 -42.22
C PRO C 114 -16.24 28.72 -41.44
N LEU C 115 -16.50 27.59 -42.10
CA LEU C 115 -17.18 26.44 -41.47
C LEU C 115 -16.29 25.75 -40.41
N VAL C 116 -16.92 25.34 -39.32
CA VAL C 116 -16.20 24.77 -38.16
C VAL C 116 -15.99 23.25 -38.29
N ASN C 117 -14.72 22.83 -38.18
CA ASN C 117 -14.31 21.41 -38.28
C ASN C 117 -14.75 20.74 -39.60
N LYS C 118 -14.53 21.45 -40.71
CA LYS C 118 -14.84 20.93 -42.04
C LYS C 118 -13.72 21.32 -43.00
N LYS C 119 -13.49 20.48 -44.00
CA LYS C 119 -12.51 20.77 -45.06
C LYS C 119 -11.09 21.00 -44.50
N LEU C 120 -10.64 20.05 -43.69
CA LEU C 120 -9.28 20.04 -43.16
C LEU C 120 -8.24 19.81 -44.27
N TYR C 121 -8.53 18.87 -45.18
CA TYR C 121 -7.56 18.42 -46.20
C TYR C 121 -7.81 18.95 -47.62
N GLY C 122 -9.04 19.43 -47.88
CA GLY C 122 -9.37 20.03 -49.18
C GLY C 122 -10.80 20.55 -49.22
N PRO C 123 -11.16 21.25 -50.31
CA PRO C 123 -12.51 21.84 -50.44
C PRO C 123 -13.63 20.83 -50.71
N LYS C 124 -13.40 19.92 -51.65
CA LYS C 124 -14.37 18.88 -52.03
C LYS C 124 -14.15 17.60 -51.21
N ASP C 125 -14.87 16.53 -51.54
CA ASP C 125 -14.77 15.24 -50.85
C ASP C 125 -13.38 14.58 -50.97
N SER C 126 -13.00 14.19 -52.18
CA SER C 126 -11.70 13.54 -52.42
C SER C 126 -10.60 14.53 -52.80
N VAL C 127 -10.98 15.75 -53.15
CA VAL C 127 -10.03 16.76 -53.63
C VAL C 127 -9.19 17.31 -52.47
N ASP C 128 -7.90 17.51 -52.74
CA ASP C 128 -6.96 18.09 -51.78
C ASP C 128 -6.63 19.54 -52.14
N TYR C 129 -6.29 20.35 -51.13
CA TYR C 129 -5.72 21.67 -51.35
C TYR C 129 -4.40 21.51 -52.11
N ILE C 130 -4.15 22.39 -53.09
CA ILE C 130 -2.89 22.36 -53.84
C ILE C 130 -1.68 22.44 -52.91
N ASP C 131 -1.80 23.26 -51.87
CA ASP C 131 -0.66 23.61 -51.01
C ASP C 131 -0.53 22.71 -49.77
N ASN C 132 -1.00 21.48 -49.85
CA ASN C 132 -0.86 20.57 -48.72
C ASN C 132 0.61 20.26 -48.38
N VAL C 133 1.46 20.25 -49.40
CA VAL C 133 2.90 20.10 -49.18
C VAL C 133 3.39 21.18 -48.21
N GLU C 134 3.11 22.43 -48.52
CA GLU C 134 3.60 23.53 -47.71
C GLU C 134 2.94 23.54 -46.32
N ARG C 135 1.63 23.32 -46.26
CA ARG C 135 0.86 23.34 -45.01
C ARG C 135 1.35 22.32 -44.01
N PHE C 136 1.61 21.09 -44.46
CA PHE C 136 1.96 20.03 -43.53
C PHE C 136 3.45 19.92 -43.25
N ALA C 137 4.29 20.31 -44.20
CA ALA C 137 5.70 20.51 -43.90
C ALA C 137 5.83 21.58 -42.81
N MET C 138 5.04 22.65 -42.91
CA MET C 138 5.07 23.72 -41.91
C MET C 138 4.62 23.23 -40.53
N LEU C 139 3.62 22.36 -40.49
CA LEU C 139 3.17 21.77 -39.24
C LEU C 139 4.29 21.01 -38.54
N SER C 140 5.05 20.22 -39.29
CA SER C 140 6.14 19.42 -38.72
C SER C 140 7.24 20.30 -38.14
N GLN C 141 7.59 21.36 -38.86
CA GLN C 141 8.56 22.34 -38.37
C GLN C 141 8.08 23.05 -37.13
N ALA C 142 6.81 23.47 -37.12
CA ALA C 142 6.26 24.22 -36.00
C ALA C 142 6.20 23.36 -34.74
N ALA C 143 5.91 22.08 -34.90
CA ALA C 143 5.72 21.19 -33.77
C ALA C 143 7.03 20.94 -33.04
N LEU C 144 8.14 20.93 -33.76
CA LEU C 144 9.45 20.65 -33.17
C LEU C 144 9.84 21.71 -32.13
N ALA C 145 9.40 22.94 -32.34
CA ALA C 145 9.74 24.02 -31.43
C ALA C 145 8.92 23.99 -30.13
N VAL C 146 7.83 23.24 -30.12
CA VAL C 146 6.88 23.30 -29.00
C VAL C 146 7.50 22.83 -27.67
N PRO C 147 8.22 21.69 -27.68
CA PRO C 147 8.87 21.27 -26.43
C PRO C 147 9.92 22.26 -25.90
N LEU C 148 10.42 23.15 -26.75
CA LEU C 148 11.44 24.11 -26.32
C LEU C 148 10.85 25.44 -25.86
N LEU C 149 9.65 25.78 -26.33
CA LEU C 149 9.12 27.14 -26.20
C LEU C 149 7.87 27.28 -25.34
N VAL C 150 6.98 26.30 -25.40
CA VAL C 150 5.64 26.47 -24.82
C VAL C 150 5.55 25.94 -23.39
N PRO C 151 5.31 26.82 -22.40
CA PRO C 151 5.17 26.34 -21.03
C PRO C 151 3.88 25.57 -20.85
N LEU C 152 3.96 24.41 -20.21
CA LEU C 152 2.86 23.47 -20.15
C LEU C 152 2.22 23.50 -18.77
N GLY C 153 1.15 22.73 -18.63
CA GLY C 153 0.41 22.64 -17.39
C GLY C 153 -0.67 23.69 -17.30
N ALA C 154 -1.39 23.67 -16.18
CA ALA C 154 -2.41 24.68 -15.91
C ALA C 154 -1.78 26.06 -16.02
N LYS C 155 -2.25 26.83 -17.00
CA LYS C 155 -1.76 28.19 -17.26
C LYS C 155 -0.25 28.27 -17.41
N GLY C 156 0.36 27.27 -18.04
CA GLY C 156 1.78 27.30 -18.33
C GLY C 156 2.68 27.38 -17.12
N SER C 157 2.21 26.87 -15.98
CA SER C 157 2.96 26.93 -14.74
C SER C 157 4.12 25.92 -14.62
N GLN C 158 4.20 24.95 -15.53
CA GLN C 158 5.15 23.83 -15.39
C GLN C 158 6.44 23.99 -16.19
N GLY C 159 6.59 25.10 -16.91
CA GLY C 159 7.74 25.23 -17.80
C GLY C 159 7.61 24.31 -18.99
N VAL C 160 8.59 24.36 -19.88
CA VAL C 160 8.54 23.65 -21.15
C VAL C 160 8.86 22.16 -21.01
N MET C 161 8.50 21.37 -22.01
CA MET C 161 8.73 19.92 -21.98
C MET C 161 10.23 19.58 -22.04
N GLY C 162 10.99 20.33 -22.82
CA GLY C 162 12.43 20.14 -22.89
C GLY C 162 12.88 19.17 -23.97
N GLU C 163 14.17 18.85 -23.96
CA GLU C 163 14.79 18.12 -25.06
C GLU C 163 14.68 16.60 -24.96
N ASN C 164 14.35 16.06 -23.79
CA ASN C 164 14.21 14.60 -23.67
C ASN C 164 12.80 14.17 -24.00
N THR C 165 12.45 14.34 -25.27
CA THR C 165 11.08 14.23 -25.71
C THR C 165 10.95 13.13 -26.76
N ILE C 166 9.84 12.40 -26.70
CA ILE C 166 9.45 11.45 -27.73
C ILE C 166 8.36 12.11 -28.57
N PHE C 167 8.65 12.31 -29.85
CA PHE C 167 7.66 12.83 -30.79
C PHE C 167 6.89 11.66 -31.41
N VAL C 168 5.56 11.66 -31.24
CA VAL C 168 4.71 10.67 -31.91
C VAL C 168 4.05 11.31 -33.12
N CYS C 169 4.53 10.93 -34.30
CA CYS C 169 4.06 11.46 -35.57
C CYS C 169 2.93 10.60 -36.13
N ASN C 170 1.74 11.19 -36.20
CA ASN C 170 0.57 10.47 -36.65
C ASN C 170 0.35 10.64 -38.13
N ASP C 171 0.44 9.53 -38.87
CA ASP C 171 0.14 9.47 -40.31
C ASP C 171 1.06 10.30 -41.22
N TRP C 172 0.80 10.25 -42.52
CA TRP C 172 1.71 10.85 -43.49
C TRP C 172 1.91 12.34 -43.33
N HIS C 173 0.91 13.04 -42.79
CA HIS C 173 0.95 14.51 -42.69
C HIS C 173 2.13 15.01 -41.88
N THR C 174 2.53 14.24 -40.88
CA THR C 174 3.59 14.60 -39.97
C THR C 174 4.86 13.76 -40.18
N SER C 175 4.93 13.03 -41.29
CA SER C 175 6.00 12.04 -41.46
C SER C 175 7.36 12.62 -41.83
N LEU C 176 7.42 13.92 -42.13
CA LEU C 176 8.72 14.58 -42.35
C LEU C 176 9.37 15.08 -41.06
N LEU C 177 8.64 15.07 -39.95
CA LEU C 177 9.17 15.57 -38.68
C LEU C 177 10.52 14.94 -38.28
N PRO C 178 10.68 13.62 -38.48
CA PRO C 178 11.98 13.00 -38.17
C PRO C 178 13.13 13.53 -39.01
N LEU C 179 12.85 13.93 -40.25
CA LEU C 179 13.88 14.50 -41.10
C LEU C 179 14.26 15.89 -40.61
N TYR C 180 13.26 16.71 -40.31
CA TYR C 180 13.53 18.05 -39.78
C TYR C 180 14.22 18.01 -38.42
N LEU C 181 13.84 17.05 -37.59
CA LEU C 181 14.50 16.85 -36.30
C LEU C 181 16.00 16.68 -36.48
N LYS C 182 16.38 15.79 -37.40
CA LYS C 182 17.79 15.55 -37.68
C LYS C 182 18.47 16.75 -38.28
N GLU C 183 17.85 17.34 -39.30
CA GLU C 183 18.52 18.36 -40.08
C GLU C 183 18.60 19.71 -39.38
N TYR C 184 17.50 20.16 -38.80
CA TYR C 184 17.44 21.50 -38.21
C TYR C 184 17.87 21.54 -36.75
N TYR C 185 17.78 20.42 -36.04
CA TYR C 185 18.02 20.44 -34.59
C TYR C 185 19.22 19.62 -34.17
N GLN C 186 19.17 18.32 -34.42
CA GLN C 186 20.23 17.42 -33.96
C GLN C 186 21.58 17.71 -34.58
N SER C 187 21.58 18.27 -35.79
CA SER C 187 22.82 18.67 -36.44
C SER C 187 23.50 19.83 -35.69
N GLN C 188 22.76 20.57 -34.87
CA GLN C 188 23.38 21.61 -34.02
C GLN C 188 23.41 21.23 -32.55
N GLY C 189 23.26 19.94 -32.23
CA GLY C 189 23.27 19.51 -30.82
C GLY C 189 22.03 19.83 -29.99
N ILE C 190 20.90 20.05 -30.65
CA ILE C 190 19.62 20.22 -29.95
C ILE C 190 18.81 18.95 -30.14
N PHE C 191 18.03 18.58 -29.13
CA PHE C 191 17.23 17.34 -29.16
C PHE C 191 18.07 16.10 -29.40
N VAL C 192 19.31 16.13 -28.93
CA VAL C 192 20.25 15.06 -29.25
C VAL C 192 19.74 13.70 -28.79
N ASN C 193 18.96 13.68 -27.70
CA ASN C 193 18.38 12.44 -27.16
C ASN C 193 16.88 12.27 -27.43
N ALA C 194 16.27 13.19 -28.17
CA ALA C 194 14.88 13.04 -28.54
C ALA C 194 14.69 11.83 -29.44
N LYS C 195 13.49 11.24 -29.38
CA LYS C 195 13.14 10.07 -30.19
C LYS C 195 11.90 10.37 -31.02
N THR C 196 11.76 9.69 -32.15
CA THR C 196 10.56 9.82 -32.95
C THR C 196 9.91 8.46 -33.14
N VAL C 197 8.59 8.46 -33.08
CA VAL C 197 7.80 7.27 -33.34
C VAL C 197 6.82 7.62 -34.46
N MET C 198 6.82 6.81 -35.50
CA MET C 198 5.90 6.95 -36.60
C MET C 198 4.68 6.09 -36.26
N LEU C 199 3.55 6.74 -35.96
CA LEU C 199 2.32 6.00 -35.68
C LEU C 199 1.43 6.03 -36.90
N LEU C 200 1.28 4.89 -37.53
CA LEU C 200 0.54 4.76 -38.78
C LEU C 200 -0.90 4.37 -38.51
N HIS C 201 -1.83 5.19 -38.99
CA HIS C 201 -3.26 4.88 -38.85
C HIS C 201 -3.89 4.37 -40.14
N ASN C 202 -3.30 4.70 -41.29
CA ASN C 202 -3.83 4.30 -42.59
C ASN C 202 -2.78 4.39 -43.69
N ILE C 203 -2.41 3.23 -44.24
CA ILE C 203 -1.34 3.11 -45.23
C ILE C 203 -1.79 3.52 -46.65
N ALA C 204 -3.09 3.70 -46.85
CA ALA C 204 -3.60 4.05 -48.17
C ALA C 204 -3.16 5.45 -48.60
N PHE C 205 -2.85 6.31 -47.64
CA PHE C 205 -2.41 7.68 -47.92
C PHE C 205 -1.01 7.87 -47.36
N GLN C 206 -0.08 8.24 -48.25
CA GLN C 206 1.36 8.16 -47.96
C GLN C 206 2.14 9.46 -48.19
N GLY C 207 1.47 10.51 -48.65
CA GLY C 207 2.14 11.75 -49.00
C GLY C 207 2.96 11.56 -50.27
N ARG C 208 2.32 11.02 -51.30
CA ARG C 208 2.93 10.93 -52.60
C ARG C 208 2.75 12.27 -53.30
N PHE C 209 3.86 12.89 -53.69
CA PHE C 209 3.86 14.18 -54.37
C PHE C 209 4.86 14.16 -55.51
N PRO C 210 4.64 15.00 -56.53
CA PRO C 210 5.61 15.05 -57.61
C PRO C 210 7.00 15.45 -57.14
N SER C 211 8.02 14.97 -57.82
CA SER C 211 9.39 15.24 -57.39
C SER C 211 9.75 16.71 -57.53
N SER C 212 9.03 17.40 -58.41
CA SER C 212 9.14 18.85 -58.57
C SER C 212 8.73 19.64 -57.33
N LYS C 213 8.07 18.99 -56.37
CA LYS C 213 7.77 19.62 -55.09
C LYS C 213 8.88 19.44 -54.05
N PHE C 214 10.04 18.94 -54.46
CA PHE C 214 11.12 18.68 -53.49
C PHE C 214 11.68 19.96 -52.87
N ASP C 215 11.82 21.02 -53.66
CA ASP C 215 12.41 22.25 -53.18
C ASP C 215 11.56 22.88 -52.06
N ALA C 216 10.25 22.65 -52.11
CA ALA C 216 9.35 23.20 -51.09
C ALA C 216 9.55 22.61 -49.70
N LEU C 217 10.25 21.48 -49.60
CA LEU C 217 10.51 20.84 -48.31
C LEU C 217 11.64 21.50 -47.51
N ASN C 218 12.48 22.29 -48.16
CA ASN C 218 13.68 22.87 -47.53
C ASN C 218 14.55 21.84 -46.83
N LEU C 219 14.83 20.75 -47.53
CA LEU C 219 15.72 19.73 -47.04
C LEU C 219 16.84 19.52 -48.05
N PRO C 220 18.05 19.20 -47.55
CA PRO C 220 19.15 18.94 -48.45
C PRO C 220 19.03 17.59 -49.16
N ALA C 221 19.87 17.39 -50.16
CA ALA C 221 19.77 16.24 -51.04
C ALA C 221 20.10 14.91 -50.35
N LYS C 222 20.67 14.96 -49.16
CA LYS C 222 20.95 13.72 -48.43
C LYS C 222 19.69 12.96 -48.08
N TYR C 223 18.53 13.62 -48.05
CA TYR C 223 17.26 12.95 -47.79
C TYR C 223 16.49 12.54 -49.04
N LEU C 224 17.09 12.79 -50.21
CA LEU C 224 16.40 12.58 -51.49
C LEU C 224 16.11 11.10 -51.74
N SER C 225 17.09 10.27 -51.45
CA SER C 225 16.94 8.83 -51.62
C SER C 225 15.84 8.24 -50.73
N ASP C 226 15.76 8.70 -49.49
CA ASP C 226 14.71 8.24 -48.57
C ASP C 226 13.32 8.64 -49.06
N LEU C 227 13.21 9.83 -49.64
CA LEU C 227 11.95 10.34 -50.17
C LEU C 227 11.56 9.70 -51.50
N SER C 228 12.53 9.11 -52.21
CA SER C 228 12.31 8.64 -53.58
C SER C 228 11.41 7.43 -53.66
N PHE C 229 10.68 7.31 -54.77
CA PHE C 229 9.64 6.31 -54.92
C PHE C 229 9.22 6.13 -56.37
N ASN C 230 8.97 4.88 -56.76
CA ASN C 230 8.50 4.57 -58.11
C ASN C 230 7.23 3.79 -58.09
N THR C 231 6.26 4.19 -58.90
CA THR C 231 4.96 3.54 -58.94
C THR C 231 4.14 3.91 -60.17
N GLN C 232 3.04 3.19 -60.38
CA GLN C 232 2.09 3.50 -61.46
C GLN C 232 0.84 4.25 -60.95
N PHE C 233 0.78 4.51 -59.65
CA PHE C 233 -0.42 5.10 -59.03
C PHE C 233 -0.13 6.40 -58.27
N PRO C 251 5.89 2.87 -64.64
CA PRO C 251 6.13 3.36 -63.28
C PRO C 251 6.94 4.68 -63.29
N MET C 252 6.37 5.72 -62.68
CA MET C 252 6.95 7.05 -62.71
C MET C 252 7.61 7.42 -61.38
N TYR C 253 8.56 8.34 -61.43
CA TYR C 253 9.30 8.76 -60.26
C TYR C 253 8.55 9.86 -59.50
N MET C 254 8.57 9.79 -58.17
CA MET C 254 7.94 10.80 -57.33
C MET C 254 8.49 10.75 -55.90
N LEU C 255 7.96 11.61 -55.03
CA LEU C 255 8.27 11.60 -53.60
C LEU C 255 7.21 10.84 -52.82
N ASN C 256 7.61 10.32 -51.66
CA ASN C 256 6.73 9.59 -50.76
C ASN C 256 7.17 9.90 -49.34
N TRP C 257 6.39 10.76 -48.65
CA TRP C 257 6.74 11.23 -47.32
C TRP C 257 6.75 10.13 -46.29
N LEU C 258 5.74 9.25 -46.34
CA LEU C 258 5.60 8.21 -45.33
C LEU C 258 6.78 7.26 -45.39
N LYS C 259 7.23 6.95 -46.60
CA LYS C 259 8.44 6.14 -46.80
C LYS C 259 9.63 6.77 -46.07
N ALA C 260 9.85 8.06 -46.32
CA ALA C 260 10.95 8.78 -45.66
C ALA C 260 10.79 8.76 -44.14
N GLY C 261 9.55 8.90 -43.68
CA GLY C 261 9.25 8.85 -42.25
C GLY C 261 9.60 7.50 -41.65
N PHE C 262 9.22 6.42 -42.32
CA PHE C 262 9.58 5.08 -41.87
C PHE C 262 11.09 4.90 -41.79
N LEU C 263 11.80 5.43 -42.78
CA LEU C 263 13.24 5.24 -42.86
C LEU C 263 14.02 6.09 -41.87
N ASN C 264 13.39 7.11 -41.29
CA ASN C 264 14.09 8.04 -40.42
C ASN C 264 13.63 8.04 -38.97
N CYS C 265 12.54 7.37 -38.66
CA CYS C 265 12.05 7.34 -37.29
C CYS C 265 12.89 6.37 -36.49
N ASP C 266 12.75 6.43 -35.17
CA ASP C 266 13.39 5.45 -34.29
C ASP C 266 12.56 4.20 -34.17
N GLN C 267 11.25 4.32 -34.31
CA GLN C 267 10.39 3.13 -34.32
C GLN C 267 9.06 3.39 -35.01
N ALA C 268 8.60 2.40 -35.75
CA ALA C 268 7.36 2.50 -36.50
C ALA C 268 6.30 1.62 -35.85
N LEU C 269 5.15 2.19 -35.54
CA LEU C 269 4.04 1.48 -34.93
C LEU C 269 2.78 1.66 -35.76
N THR C 270 1.81 0.78 -35.54
CA THR C 270 0.49 0.95 -36.12
C THR C 270 -0.63 0.48 -35.17
N VAL C 271 -1.87 0.51 -35.64
CA VAL C 271 -3.01 0.50 -34.74
C VAL C 271 -3.71 -0.87 -34.58
N SER C 272 -3.07 -1.93 -35.04
CA SER C 272 -3.43 -3.30 -34.67
C SER C 272 -2.36 -4.28 -35.14
N PRO C 273 -2.09 -5.34 -34.35
CA PRO C 273 -1.10 -6.36 -34.75
C PRO C 273 -1.39 -6.99 -36.11
N ASN C 274 -2.65 -7.23 -36.41
CA ASN C 274 -2.99 -7.91 -37.66
C ASN C 274 -2.80 -6.98 -38.85
N PHE C 275 -3.10 -5.69 -38.68
CA PHE C 275 -2.83 -4.73 -39.73
C PHE C 275 -1.34 -4.62 -40.02
N ALA C 276 -0.53 -4.63 -38.97
CA ALA C 276 0.92 -4.60 -39.10
C ALA C 276 1.40 -5.77 -39.95
N HIS C 277 0.84 -6.93 -39.65
CA HIS C 277 1.08 -8.14 -40.40
C HIS C 277 0.72 -7.97 -41.87
N GLU C 278 -0.45 -7.39 -42.15
CA GLU C 278 -0.89 -7.19 -43.53
C GLU C 278 0.05 -6.27 -44.27
N VAL C 279 0.48 -5.20 -43.61
CA VAL C 279 1.32 -4.19 -44.23
C VAL C 279 2.68 -4.77 -44.64
N THR C 280 3.27 -5.57 -43.76
CA THR C 280 4.61 -6.12 -44.01
C THR C 280 4.61 -7.35 -44.91
N SER C 281 3.43 -7.91 -45.19
CA SER C 281 3.34 -9.20 -45.87
C SER C 281 3.17 -9.17 -47.39
N SER C 282 2.68 -8.09 -47.97
CA SER C 282 2.52 -8.02 -49.43
C SER C 282 2.35 -6.61 -49.96
N PRO C 283 2.67 -6.40 -51.24
CA PRO C 283 2.44 -5.10 -51.88
C PRO C 283 1.00 -4.61 -51.81
N MET C 284 0.03 -5.52 -51.76
CA MET C 284 -1.38 -5.15 -51.63
C MET C 284 -1.65 -4.59 -50.24
N GLY C 285 -1.24 -5.35 -49.23
CA GLY C 285 -1.52 -4.99 -47.84
C GLY C 285 -0.79 -3.76 -47.38
N GLY C 286 0.44 -3.57 -47.87
CA GLY C 286 1.23 -2.38 -47.52
C GLY C 286 1.20 -1.29 -48.57
N VAL C 287 0.32 -1.44 -49.57
CA VAL C 287 0.18 -0.44 -50.64
C VAL C 287 1.57 0.03 -51.10
N GLU C 288 2.39 -0.95 -51.48
CA GLU C 288 3.74 -0.78 -52.03
C GLU C 288 4.82 -0.39 -51.04
N LEU C 289 4.48 -0.20 -49.76
CA LEU C 289 5.49 0.11 -48.73
C LEU C 289 5.79 -1.10 -47.85
N ASP C 290 5.41 -2.29 -48.31
CA ASP C 290 5.61 -3.53 -47.54
C ASP C 290 7.09 -3.81 -47.25
N ALA C 291 7.94 -3.60 -48.25
CA ALA C 291 9.37 -3.88 -48.07
C ALA C 291 10.02 -2.86 -47.15
N VAL C 292 9.62 -1.60 -47.26
CA VAL C 292 10.11 -0.58 -46.32
C VAL C 292 9.68 -0.91 -44.89
N ALA C 293 8.41 -1.26 -44.71
CA ALA C 293 7.88 -1.61 -43.40
C ALA C 293 8.60 -2.82 -42.81
N ARG C 294 8.83 -3.84 -43.62
CA ARG C 294 9.64 -5.01 -43.23
C ARG C 294 11.04 -4.61 -42.81
N ASP C 295 11.68 -3.83 -43.65
CA ASP C 295 13.04 -3.37 -43.40
C ASP C 295 13.13 -2.67 -42.05
N VAL C 296 12.21 -1.77 -41.78
CA VAL C 296 12.25 -0.94 -40.58
C VAL C 296 11.67 -1.68 -39.36
N GLY C 297 10.77 -2.64 -39.60
CA GLY C 297 10.06 -3.30 -38.52
C GLY C 297 8.86 -2.45 -38.12
N LEU C 298 7.71 -3.09 -38.01
CA LEU C 298 6.46 -2.41 -37.75
C LEU C 298 5.67 -3.25 -36.76
N THR C 299 5.34 -2.67 -35.60
CA THR C 299 4.58 -3.34 -34.54
C THR C 299 3.20 -2.71 -34.44
N GLY C 300 2.20 -3.53 -34.16
CA GLY C 300 0.84 -3.06 -34.02
C GLY C 300 0.35 -3.13 -32.58
N ILE C 301 -0.42 -2.12 -32.18
CA ILE C 301 -1.09 -2.09 -30.89
C ILE C 301 -2.54 -1.69 -31.14
N THR C 302 -3.46 -2.59 -30.78
CA THR C 302 -4.89 -2.37 -31.02
C THR C 302 -5.39 -1.13 -30.26
N ASN C 303 -6.08 -0.24 -30.97
CA ASN C 303 -6.66 0.94 -30.34
C ASN C 303 -7.67 0.55 -29.26
N GLY C 304 -7.69 1.32 -28.18
CA GLY C 304 -8.81 1.30 -27.27
C GLY C 304 -9.72 2.48 -27.59
N THR C 305 -10.58 2.82 -26.64
CA THR C 305 -11.49 3.92 -26.80
C THR C 305 -11.91 4.49 -25.44
N LYS C 306 -12.30 5.76 -25.42
CA LYS C 306 -12.85 6.37 -24.22
C LYS C 306 -14.26 5.88 -23.99
N ILE C 307 -14.64 5.83 -22.73
CA ILE C 307 -15.92 5.29 -22.30
C ILE C 307 -16.96 6.40 -22.08
N GLU C 308 -16.50 7.60 -21.71
CA GLU C 308 -17.38 8.70 -21.30
C GLU C 308 -18.66 8.92 -22.14
N THR C 309 -18.50 9.23 -23.42
CA THR C 309 -19.66 9.50 -24.28
C THR C 309 -20.40 8.22 -24.69
N TRP C 310 -19.65 7.14 -24.90
CA TRP C 310 -20.18 5.89 -25.44
C TRP C 310 -20.26 4.77 -24.40
N ASN C 311 -21.34 4.74 -23.65
CA ASN C 311 -21.67 3.58 -22.83
C ASN C 311 -23.16 3.61 -22.51
N PRO C 312 -23.79 2.43 -22.50
CA PRO C 312 -25.24 2.38 -22.37
C PRO C 312 -25.77 2.89 -21.04
N GLN C 313 -24.92 2.91 -20.00
CA GLN C 313 -25.36 3.33 -18.66
C GLN C 313 -25.58 4.83 -18.58
N LYS C 314 -24.70 5.62 -19.21
CA LYS C 314 -24.76 7.08 -19.12
C LYS C 314 -25.06 7.80 -20.45
N ASP C 315 -25.19 7.06 -21.55
CA ASP C 315 -25.49 7.66 -22.86
C ASP C 315 -26.58 8.72 -22.74
N LYS C 316 -26.33 9.91 -23.28
CA LYS C 316 -27.24 11.06 -23.11
C LYS C 316 -28.21 11.27 -24.27
N PHE C 317 -28.19 10.40 -25.27
CA PHE C 317 -29.06 10.55 -26.44
C PHE C 317 -30.18 9.52 -26.46
N ILE C 318 -29.87 8.28 -26.09
CA ILE C 318 -30.81 7.17 -26.24
C ILE C 318 -31.99 7.26 -25.28
N LEU C 319 -33.07 6.57 -25.63
CA LEU C 319 -34.32 6.65 -24.88
C LEU C 319 -34.29 5.91 -23.56
N ALA C 320 -33.43 4.92 -23.42
CA ALA C 320 -33.31 4.20 -22.16
C ALA C 320 -31.90 3.71 -21.93
N ASN C 321 -31.35 4.09 -20.79
CA ASN C 321 -30.08 3.58 -20.34
C ASN C 321 -30.21 2.14 -19.84
N TYR C 322 -29.12 1.40 -19.89
CA TYR C 322 -29.12 0.03 -19.41
C TYR C 322 -27.70 -0.43 -19.11
N ASN C 323 -27.61 -1.54 -18.38
CA ASN C 323 -26.34 -2.21 -18.13
C ASN C 323 -26.53 -3.70 -18.45
N SER C 324 -25.52 -4.53 -18.17
CA SER C 324 -25.61 -5.94 -18.54
C SER C 324 -26.79 -6.65 -17.85
N ARG C 325 -27.11 -6.23 -16.64
CA ARG C 325 -28.24 -6.81 -15.93
C ARG C 325 -29.59 -6.43 -16.55
N THR C 326 -29.72 -5.18 -17.00
CA THR C 326 -31.01 -4.69 -17.48
C THR C 326 -31.09 -4.61 -19.01
N ILE C 327 -30.19 -5.31 -19.69
CA ILE C 327 -30.12 -5.26 -21.14
C ILE C 327 -31.42 -5.71 -21.82
N ASN C 328 -32.11 -6.70 -21.26
CA ASN C 328 -33.34 -7.19 -21.86
C ASN C 328 -34.47 -6.16 -21.88
N SER C 329 -34.51 -5.27 -20.87
CA SER C 329 -35.47 -4.17 -20.83
C SER C 329 -35.01 -3.00 -21.72
N GLY C 330 -33.93 -2.33 -21.31
CA GLY C 330 -33.51 -1.06 -21.91
C GLY C 330 -33.14 -1.16 -23.37
N LYS C 331 -32.48 -2.24 -23.76
CA LYS C 331 -32.05 -2.39 -25.14
C LYS C 331 -33.23 -2.67 -26.08
N LYS C 332 -34.24 -3.38 -25.59
CA LYS C 332 -35.46 -3.58 -26.38
C LYS C 332 -36.16 -2.27 -26.65
N LEU C 333 -36.20 -1.40 -25.64
CA LEU C 333 -36.83 -0.10 -25.81
C LEU C 333 -36.05 0.73 -26.82
N CYS C 334 -34.71 0.69 -26.73
CA CYS C 334 -33.85 1.34 -27.73
C CYS C 334 -34.10 0.80 -29.13
N LYS C 335 -34.28 -0.52 -29.25
CA LYS C 335 -34.56 -1.14 -30.55
C LYS C 335 -35.85 -0.60 -31.16
N VAL C 336 -36.94 -0.66 -30.40
CA VAL C 336 -38.23 -0.12 -30.84
C VAL C 336 -38.14 1.36 -31.17
N ALA C 337 -37.34 2.12 -30.42
CA ALA C 337 -37.12 3.55 -30.69
C ALA C 337 -36.41 3.78 -32.02
N LEU C 338 -35.37 2.99 -32.28
CA LEU C 338 -34.65 3.05 -33.56
C LEU C 338 -35.58 2.72 -34.71
N GLN C 339 -36.33 1.64 -34.57
CA GLN C 339 -37.27 1.20 -35.59
C GLN C 339 -38.23 2.32 -35.95
N LYS C 340 -38.87 2.90 -34.95
CA LYS C 340 -39.81 4.01 -35.18
C LYS C 340 -39.11 5.22 -35.79
N GLU C 341 -37.94 5.56 -35.28
CA GLU C 341 -37.20 6.72 -35.81
C GLU C 341 -36.91 6.58 -37.31
N CYS C 342 -36.69 5.35 -37.77
CA CYS C 342 -36.27 5.09 -39.14
C CYS C 342 -37.44 4.74 -40.07
N GLY C 343 -38.65 4.75 -39.54
CA GLY C 343 -39.84 4.41 -40.33
C GLY C 343 -39.99 2.91 -40.59
N LEU C 344 -39.31 2.09 -39.80
CA LEU C 344 -39.36 0.64 -39.97
C LEU C 344 -40.46 0.04 -39.10
N THR C 345 -40.94 -1.14 -39.48
CA THR C 345 -41.94 -1.83 -38.69
C THR C 345 -41.39 -2.08 -37.29
N VAL C 346 -42.17 -1.69 -36.28
CA VAL C 346 -41.77 -1.83 -34.90
C VAL C 346 -42.04 -3.26 -34.42
N ASP C 347 -40.97 -4.00 -34.17
CA ASP C 347 -41.05 -5.38 -33.72
C ASP C 347 -39.67 -5.79 -33.21
N PRO C 348 -39.54 -5.98 -31.88
CA PRO C 348 -38.21 -6.28 -31.34
C PRO C 348 -37.69 -7.67 -31.66
N ASP C 349 -38.50 -8.51 -32.32
CA ASP C 349 -38.07 -9.86 -32.71
C ASP C 349 -37.44 -9.94 -34.09
N ILE C 350 -37.46 -8.86 -34.86
CA ILE C 350 -36.80 -8.83 -36.16
C ILE C 350 -35.34 -8.38 -35.97
N PRO C 351 -34.37 -9.21 -36.37
CA PRO C 351 -32.97 -8.84 -36.17
C PRO C 351 -32.60 -7.61 -36.99
N LEU C 352 -31.91 -6.66 -36.36
CA LEU C 352 -31.59 -5.39 -37.01
C LEU C 352 -30.08 -5.21 -37.13
N PHE C 353 -29.63 -4.88 -38.34
CA PHE C 353 -28.23 -4.58 -38.63
C PHE C 353 -28.03 -3.07 -38.82
N GLY C 354 -26.98 -2.53 -38.22
CA GLY C 354 -26.68 -1.10 -38.32
C GLY C 354 -25.30 -0.83 -38.91
N PHE C 355 -25.23 0.12 -39.84
CA PHE C 355 -23.95 0.58 -40.39
C PHE C 355 -23.77 2.06 -40.14
N ILE C 356 -22.60 2.44 -39.67
CA ILE C 356 -22.25 3.85 -39.51
C ILE C 356 -20.85 4.05 -40.08
N GLY C 357 -20.72 4.87 -41.11
CA GLY C 357 -19.38 5.14 -41.65
C GLY C 357 -19.35 5.98 -42.91
N ARG C 358 -18.16 6.47 -43.23
CA ARG C 358 -17.92 7.21 -44.48
C ARG C 358 -18.44 6.38 -45.66
N LEU C 359 -19.08 7.05 -46.61
CA LEU C 359 -19.57 6.39 -47.83
C LEU C 359 -18.45 6.36 -48.88
N GLU C 360 -17.40 5.60 -48.59
CA GLU C 360 -16.18 5.56 -49.39
C GLU C 360 -15.75 4.11 -49.55
N ASN C 361 -14.95 3.84 -50.58
CA ASN C 361 -14.54 2.47 -50.91
C ASN C 361 -14.11 1.63 -49.70
N GLN C 362 -13.29 2.21 -48.84
CA GLN C 362 -12.76 1.50 -47.67
C GLN C 362 -13.84 0.77 -46.87
N LYS C 363 -15.00 1.42 -46.66
CA LYS C 363 -16.02 0.94 -45.72
C LYS C 363 -17.10 0.02 -46.30
N GLY C 364 -17.18 -0.06 -47.63
CA GLY C 364 -18.09 -1.01 -48.28
C GLY C 364 -19.57 -0.69 -48.16
N ALA C 365 -19.91 0.59 -48.02
CA ALA C 365 -21.31 1.01 -48.03
C ALA C 365 -21.97 0.68 -49.37
N ASP C 366 -21.21 0.77 -50.45
CA ASP C 366 -21.71 0.39 -51.79
C ASP C 366 -22.15 -1.08 -51.85
N VAL C 367 -21.48 -1.93 -51.09
CA VAL C 367 -21.82 -3.35 -50.99
C VAL C 367 -23.19 -3.55 -50.33
N ILE C 368 -23.44 -2.79 -49.27
CA ILE C 368 -24.71 -2.92 -48.54
C ILE C 368 -25.88 -2.52 -49.44
N ILE C 369 -25.74 -1.39 -50.13
CA ILE C 369 -26.77 -0.91 -51.04
C ILE C 369 -27.02 -1.90 -52.17
N ALA C 370 -25.95 -2.43 -52.75
CA ALA C 370 -26.05 -3.39 -53.84
C ALA C 370 -26.65 -4.73 -53.39
N ALA C 371 -26.54 -5.02 -52.09
CA ALA C 371 -27.01 -6.30 -51.54
C ALA C 371 -28.52 -6.37 -51.32
N MET C 372 -29.21 -5.23 -51.45
CA MET C 372 -30.63 -5.14 -51.07
C MET C 372 -31.54 -6.18 -51.70
N PRO C 373 -31.39 -6.43 -53.03
CA PRO C 373 -32.24 -7.46 -53.64
C PRO C 373 -32.13 -8.83 -52.97
N LYS C 374 -30.93 -9.19 -52.52
CA LYS C 374 -30.73 -10.47 -51.85
C LYS C 374 -31.11 -10.44 -50.36
N LEU C 375 -31.13 -9.25 -49.77
CA LEU C 375 -31.31 -9.13 -48.32
C LEU C 375 -32.72 -9.44 -47.84
N LYS C 376 -33.73 -9.19 -48.67
CA LYS C 376 -35.11 -9.42 -48.27
C LYS C 376 -35.34 -10.86 -47.79
N GLN C 377 -34.61 -11.78 -48.40
CA GLN C 377 -34.68 -13.21 -48.06
C GLN C 377 -34.30 -13.50 -46.60
N LEU C 378 -33.47 -12.64 -46.00
CA LEU C 378 -32.95 -12.88 -44.65
C LEU C 378 -33.90 -12.54 -43.51
N ASN C 379 -34.98 -11.80 -43.81
CA ASN C 379 -35.95 -11.38 -42.80
C ASN C 379 -35.32 -10.57 -41.68
N CYS C 380 -34.63 -9.50 -42.08
CA CYS C 380 -33.95 -8.61 -41.13
C CYS C 380 -34.19 -7.16 -41.51
N GLN C 381 -33.74 -6.26 -40.65
CA GLN C 381 -33.78 -4.83 -40.94
C GLN C 381 -32.37 -4.29 -41.05
N VAL C 382 -32.20 -3.25 -41.86
CA VAL C 382 -30.89 -2.63 -42.07
C VAL C 382 -31.00 -1.12 -41.99
N VAL C 383 -30.15 -0.51 -41.18
CA VAL C 383 -30.08 0.94 -41.08
C VAL C 383 -28.68 1.38 -41.45
N ILE C 384 -28.58 2.38 -42.33
CA ILE C 384 -27.29 2.83 -42.86
C ILE C 384 -27.11 4.33 -42.70
N LEU C 385 -26.06 4.73 -42.00
CA LEU C 385 -25.79 6.13 -41.74
C LEU C 385 -24.38 6.50 -42.22
N GLY C 386 -24.31 7.50 -43.11
CA GLY C 386 -23.01 7.92 -43.66
C GLY C 386 -23.08 9.10 -44.62
N ILE C 387 -21.91 9.73 -44.83
CA ILE C 387 -21.75 10.78 -45.84
C ILE C 387 -20.49 10.55 -46.70
N GLY C 388 -20.51 11.06 -47.92
CA GLY C 388 -19.38 10.95 -48.84
C GLY C 388 -19.73 11.38 -50.25
N SER C 389 -19.84 10.41 -51.16
CA SER C 389 -20.11 10.69 -52.57
C SER C 389 -21.53 11.20 -52.75
N PRO C 390 -21.70 12.29 -53.51
CA PRO C 390 -23.03 12.79 -53.85
C PRO C 390 -24.01 11.73 -54.34
N LYS C 391 -23.56 10.79 -55.18
CA LYS C 391 -24.49 9.79 -55.72
C LYS C 391 -24.52 8.48 -54.93
N LEU C 392 -23.62 8.33 -53.97
CA LEU C 392 -23.82 7.29 -52.95
C LEU C 392 -24.88 7.78 -51.96
N GLU C 393 -24.72 9.02 -51.51
CA GLU C 393 -25.70 9.69 -50.64
C GLU C 393 -27.11 9.73 -51.25
N GLN C 394 -27.18 9.99 -52.55
CA GLN C 394 -28.47 10.01 -53.25
C GLN C 394 -29.08 8.61 -53.34
N GLU C 395 -28.24 7.61 -53.53
CA GLU C 395 -28.69 6.22 -53.54
C GLU C 395 -29.15 5.79 -52.16
N LEU C 396 -28.36 6.15 -51.16
CA LEU C 396 -28.65 5.83 -49.77
C LEU C 396 -30.07 6.25 -49.42
N GLU C 397 -30.40 7.52 -49.67
CA GLU C 397 -31.71 8.07 -49.32
C GLU C 397 -32.86 7.43 -50.08
N SER C 398 -32.58 6.86 -51.24
CA SER C 398 -33.61 6.23 -52.06
C SER C 398 -33.92 4.79 -51.66
N VAL C 399 -33.12 4.23 -50.75
CA VAL C 399 -33.20 2.81 -50.40
C VAL C 399 -34.55 2.40 -49.78
N ALA C 400 -35.13 3.28 -48.97
CA ALA C 400 -36.37 3.00 -48.27
C ALA C 400 -37.55 2.80 -49.22
N ASP C 401 -37.51 3.49 -50.35
CA ASP C 401 -38.60 3.40 -51.34
C ASP C 401 -38.77 1.97 -51.84
N LYS C 402 -37.71 1.42 -52.40
CA LYS C 402 -37.75 0.05 -52.95
C LYS C 402 -37.72 -1.02 -51.86
N TYR C 403 -37.07 -0.73 -50.74
CA TYR C 403 -36.87 -1.73 -49.70
C TYR C 403 -37.40 -1.24 -48.35
N PRO C 404 -38.57 -1.76 -47.92
CA PRO C 404 -39.23 -1.27 -46.70
C PRO C 404 -38.48 -1.64 -45.42
N PHE C 405 -37.73 -2.75 -45.45
CA PHE C 405 -36.97 -3.23 -44.30
C PHE C 405 -35.66 -2.45 -44.07
N ALA C 406 -35.36 -1.49 -44.94
CA ALA C 406 -34.09 -0.77 -44.86
C ALA C 406 -34.32 0.74 -44.85
N LYS C 407 -33.32 1.45 -44.35
CA LYS C 407 -33.40 2.89 -44.24
C LYS C 407 -32.00 3.49 -44.33
N GLY C 408 -31.86 4.49 -45.19
CA GLY C 408 -30.59 5.18 -45.37
C GLY C 408 -30.70 6.64 -44.97
N VAL C 409 -29.65 7.15 -44.36
CA VAL C 409 -29.63 8.55 -43.93
C VAL C 409 -28.28 9.15 -44.27
N ALA C 410 -28.29 10.13 -45.18
CA ALA C 410 -27.06 10.77 -45.63
C ALA C 410 -26.78 12.03 -44.83
N ARG C 411 -26.36 11.85 -43.59
CA ARG C 411 -26.01 12.98 -42.72
C ARG C 411 -24.95 12.56 -41.74
N PHE C 412 -24.26 13.55 -41.18
CA PHE C 412 -23.50 13.31 -39.98
C PHE C 412 -24.42 13.64 -38.82
N ASP C 413 -24.77 12.62 -38.04
CA ASP C 413 -25.82 12.75 -37.03
C ASP C 413 -25.48 11.89 -35.81
N SER C 414 -24.92 12.53 -34.79
CA SER C 414 -24.50 11.83 -33.57
C SER C 414 -25.68 11.16 -32.87
N LYS C 415 -26.80 11.87 -32.77
CA LYS C 415 -27.98 11.32 -32.12
C LYS C 415 -28.41 9.99 -32.75
N LEU C 416 -28.47 9.95 -34.08
CA LEU C 416 -28.88 8.73 -34.78
C LEU C 416 -27.81 7.64 -34.67
N ALA C 417 -26.55 8.03 -34.66
CA ALA C 417 -25.47 7.07 -34.44
C ALA C 417 -25.66 6.36 -33.09
N HIS C 418 -26.01 7.13 -32.07
CA HIS C 418 -26.26 6.59 -30.74
C HIS C 418 -27.46 5.65 -30.76
N PHE C 419 -28.54 6.09 -31.38
CA PHE C 419 -29.73 5.25 -31.53
C PHE C 419 -29.41 3.91 -32.21
N ILE C 420 -28.54 3.94 -33.22
CA ILE C 420 -28.19 2.74 -33.98
C ILE C 420 -27.35 1.78 -33.16
N THR C 421 -26.33 2.34 -32.49
CA THR C 421 -25.42 1.54 -31.68
C THR C 421 -26.15 0.80 -30.56
N ALA C 422 -27.10 1.48 -29.92
CA ALA C 422 -27.86 0.90 -28.82
C ALA C 422 -29.00 0.01 -29.32
N GLY C 423 -29.68 0.46 -30.36
CA GLY C 423 -30.91 -0.20 -30.82
C GLY C 423 -30.67 -1.44 -31.68
N ALA C 424 -29.60 -1.41 -32.47
CA ALA C 424 -29.30 -2.50 -33.38
C ALA C 424 -28.88 -3.75 -32.63
N ASP C 425 -29.14 -4.91 -33.22
CA ASP C 425 -28.65 -6.17 -32.70
C ASP C 425 -27.23 -6.42 -33.18
N TYR C 426 -26.95 -5.98 -34.39
CA TYR C 426 -25.67 -6.23 -35.03
C TYR C 426 -25.05 -4.94 -35.59
N CYS C 427 -23.72 -4.86 -35.48
CA CYS C 427 -22.95 -3.77 -36.06
C CYS C 427 -22.24 -4.29 -37.32
N LEU C 428 -22.66 -3.79 -38.47
CA LEU C 428 -22.25 -4.32 -39.77
C LEU C 428 -21.13 -3.48 -40.39
N MET C 429 -19.95 -4.08 -40.55
CA MET C 429 -18.79 -3.38 -41.11
C MET C 429 -18.12 -4.19 -42.24
N PRO C 430 -18.63 -4.04 -43.48
CA PRO C 430 -18.06 -4.73 -44.62
C PRO C 430 -16.86 -3.99 -45.22
N SER C 431 -15.86 -3.72 -44.39
CA SER C 431 -14.70 -2.96 -44.81
C SER C 431 -13.82 -3.76 -45.77
N ARG C 432 -13.26 -3.09 -46.76
CA ARG C 432 -12.30 -3.68 -47.68
C ARG C 432 -10.89 -3.69 -47.07
N PHE C 433 -10.59 -2.70 -46.25
CA PHE C 433 -9.42 -2.72 -45.38
C PHE C 433 -9.75 -1.88 -44.15
N GLU C 434 -9.15 -2.22 -43.02
CA GLU C 434 -9.48 -1.55 -41.77
C GLU C 434 -8.34 -1.66 -40.76
N PRO C 435 -7.48 -0.65 -40.70
CA PRO C 435 -6.33 -0.67 -39.79
C PRO C 435 -6.72 -1.07 -38.36
N CYS C 436 -7.81 -0.50 -37.83
CA CYS C 436 -8.37 -0.96 -36.55
C CYS C 436 -9.89 -0.94 -36.53
N GLY C 437 -10.46 0.24 -36.72
CA GLY C 437 -11.91 0.42 -36.64
C GLY C 437 -12.32 0.83 -35.23
N LEU C 438 -13.35 1.64 -35.13
CA LEU C 438 -13.84 2.10 -33.83
C LEU C 438 -15.29 1.68 -33.53
N ASN C 439 -16.14 1.64 -34.55
CA ASN C 439 -17.53 1.24 -34.39
C ASN C 439 -17.74 -0.03 -33.61
N GLN C 440 -16.93 -1.04 -33.89
CA GLN C 440 -17.10 -2.35 -33.28
C GLN C 440 -16.82 -2.31 -31.78
N LEU C 441 -15.93 -1.42 -31.36
CA LEU C 441 -15.60 -1.26 -29.95
C LEU C 441 -16.78 -0.63 -29.22
N TYR C 442 -17.31 0.44 -29.77
CA TYR C 442 -18.52 1.05 -29.23
C TYR C 442 -19.65 0.04 -29.16
N ALA C 443 -19.87 -0.66 -30.26
CA ALA C 443 -20.96 -1.62 -30.35
C ALA C 443 -20.90 -2.64 -29.22
N MET C 444 -19.72 -3.21 -28.99
CA MET C 444 -19.57 -4.22 -27.95
C MET C 444 -19.89 -3.69 -26.55
N MET C 445 -19.53 -2.45 -26.26
CA MET C 445 -19.87 -1.86 -24.96
C MET C 445 -21.39 -1.74 -24.75
N TYR C 446 -22.13 -1.66 -25.86
CA TYR C 446 -23.60 -1.59 -25.83
C TYR C 446 -24.26 -2.98 -25.94
N GLY C 447 -23.47 -4.04 -26.03
CA GLY C 447 -24.01 -5.39 -26.19
C GLY C 447 -24.49 -5.66 -27.60
N THR C 448 -24.00 -4.86 -28.54
CA THR C 448 -24.37 -4.98 -29.95
C THR C 448 -23.25 -5.76 -30.63
N ILE C 449 -23.62 -6.81 -31.35
CA ILE C 449 -22.67 -7.81 -31.83
C ILE C 449 -22.08 -7.44 -33.19
N PRO C 450 -20.75 -7.33 -33.27
CA PRO C 450 -20.14 -7.03 -34.57
C PRO C 450 -20.22 -8.16 -35.60
N VAL C 451 -20.53 -7.79 -36.83
CA VAL C 451 -20.43 -8.68 -37.99
C VAL C 451 -19.55 -7.94 -38.98
N VAL C 452 -18.32 -8.39 -39.12
CA VAL C 452 -17.25 -7.59 -39.71
C VAL C 452 -16.47 -8.33 -40.79
N ALA C 453 -15.84 -7.56 -41.68
CA ALA C 453 -14.95 -8.13 -42.67
C ALA C 453 -13.68 -8.65 -41.99
N PRO C 454 -13.11 -9.74 -42.52
CA PRO C 454 -11.92 -10.34 -41.94
C PRO C 454 -10.64 -9.62 -42.39
N VAL C 455 -10.49 -8.36 -42.00
CA VAL C 455 -9.31 -7.59 -42.39
C VAL C 455 -8.82 -6.73 -41.24
N GLY C 456 -7.51 -6.53 -41.20
CA GLY C 456 -6.88 -5.63 -40.23
C GLY C 456 -7.30 -5.89 -38.80
N GLY C 457 -7.54 -4.82 -38.05
CA GLY C 457 -7.86 -4.92 -36.64
C GLY C 457 -9.24 -5.45 -36.31
N LEU C 458 -10.08 -5.63 -37.32
CA LEU C 458 -11.37 -6.27 -37.10
C LEU C 458 -11.17 -7.73 -36.70
N VAL C 459 -10.15 -8.36 -37.26
CA VAL C 459 -9.77 -9.72 -36.87
C VAL C 459 -9.32 -9.75 -35.40
N ASP C 460 -8.52 -8.76 -35.01
CA ASP C 460 -8.02 -8.66 -33.64
C ASP C 460 -9.11 -8.36 -32.61
N THR C 461 -10.05 -7.51 -32.97
CA THR C 461 -11.03 -6.99 -32.02
C THR C 461 -12.31 -7.81 -31.91
N VAL C 462 -12.58 -8.63 -32.93
CA VAL C 462 -13.78 -9.45 -32.97
C VAL C 462 -13.43 -10.93 -33.15
N PRO C 463 -12.88 -11.56 -32.08
CA PRO C 463 -12.73 -13.01 -32.09
C PRO C 463 -14.10 -13.69 -31.98
N PRO C 464 -14.15 -15.03 -32.12
CA PRO C 464 -15.43 -15.75 -32.17
C PRO C 464 -16.38 -15.62 -30.95
N GLN C 465 -15.84 -15.29 -29.78
CA GLN C 465 -16.64 -15.10 -28.57
C GLN C 465 -17.52 -13.85 -28.65
N PHE C 466 -17.06 -12.84 -29.40
CA PHE C 466 -17.75 -11.55 -29.43
C PHE C 466 -18.59 -11.28 -30.69
N GLY C 467 -18.28 -11.96 -31.79
CA GLY C 467 -18.98 -11.67 -33.04
C GLY C 467 -18.61 -12.58 -34.19
N PHE C 468 -18.95 -12.17 -35.40
CA PHE C 468 -18.82 -13.02 -36.59
C PHE C 468 -18.05 -12.35 -37.72
N LEU C 469 -17.33 -13.15 -38.49
CA LEU C 469 -16.59 -12.67 -39.65
C LEU C 469 -17.32 -12.98 -40.94
N MET C 470 -17.26 -12.03 -41.88
CA MET C 470 -17.70 -12.24 -43.25
C MET C 470 -16.60 -12.94 -44.03
N ASN C 471 -16.86 -13.23 -45.30
CA ASN C 471 -15.78 -13.51 -46.23
C ASN C 471 -15.19 -12.18 -46.68
N LYS C 472 -14.04 -12.23 -47.33
CA LYS C 472 -13.31 -11.04 -47.75
C LYS C 472 -14.11 -10.21 -48.76
N ILE C 473 -14.14 -8.89 -48.56
CA ILE C 473 -14.77 -7.98 -49.50
C ILE C 473 -13.71 -7.54 -50.50
N PRO C 474 -13.82 -7.97 -51.76
CA PRO C 474 -12.71 -7.75 -52.68
C PRO C 474 -12.48 -6.29 -53.06
N MET C 475 -11.21 -5.92 -53.21
CA MET C 475 -10.82 -4.57 -53.58
C MET C 475 -11.01 -4.37 -55.08
N PRO C 476 -11.06 -3.11 -55.53
CA PRO C 476 -11.00 -2.83 -56.98
C PRO C 476 -9.68 -3.34 -57.56
N LYS C 477 -9.66 -3.76 -58.83
CA LYS C 477 -8.44 -4.32 -59.41
C LYS C 477 -7.25 -3.34 -59.40
N ILE C 478 -7.52 -2.04 -59.49
CA ILE C 478 -6.52 -1.01 -59.20
C ILE C 478 -7.16 0.14 -58.44
N PRO C 479 -6.35 0.90 -57.66
CA PRO C 479 -6.92 2.07 -56.99
C PRO C 479 -7.46 3.08 -58.00
N GLY C 480 -8.35 3.97 -57.54
CA GLY C 480 -8.99 4.95 -58.42
C GLY C 480 -10.15 4.35 -59.20
N VAL C 481 -9.86 3.29 -59.97
CA VAL C 481 -10.89 2.54 -60.71
C VAL C 481 -12.08 2.22 -59.82
N THR C 482 -13.26 2.64 -60.26
CA THR C 482 -14.50 2.29 -59.60
C THR C 482 -14.69 0.77 -59.71
N VAL C 483 -15.05 0.13 -58.62
CA VAL C 483 -15.13 -1.33 -58.55
C VAL C 483 -16.13 -1.85 -59.60
N SER C 484 -15.82 -3.00 -60.19
CA SER C 484 -16.66 -3.57 -61.23
C SER C 484 -17.91 -4.17 -60.63
N GLU C 485 -18.98 -4.25 -61.43
CA GLU C 485 -20.21 -4.90 -61.02
C GLU C 485 -19.93 -6.34 -60.60
N GLU C 486 -18.98 -6.96 -61.29
CA GLU C 486 -18.49 -8.30 -60.95
C GLU C 486 -18.02 -8.39 -59.50
N LEU C 487 -17.00 -7.62 -59.16
CA LEU C 487 -16.40 -7.66 -57.82
C LEU C 487 -17.33 -7.13 -56.73
N LEU C 488 -18.17 -6.16 -57.08
CA LEU C 488 -19.20 -5.67 -56.17
C LEU C 488 -20.13 -6.80 -55.72
N GLN C 489 -20.50 -7.67 -56.65
CA GLN C 489 -21.42 -8.75 -56.34
C GLN C 489 -20.76 -9.86 -55.52
N GLN C 490 -19.44 -10.01 -55.67
CA GLN C 490 -18.69 -10.94 -54.83
C GLN C 490 -18.67 -10.46 -53.39
N GLY C 491 -18.52 -9.15 -53.23
CA GLY C 491 -18.59 -8.52 -51.92
C GLY C 491 -19.94 -8.74 -51.27
N VAL C 492 -21.01 -8.54 -52.04
CA VAL C 492 -22.38 -8.77 -51.55
C VAL C 492 -22.51 -10.17 -50.97
N ASP C 493 -22.09 -11.16 -51.76
CA ASP C 493 -22.16 -12.55 -51.33
C ASP C 493 -21.29 -12.81 -50.10
N ALA C 494 -20.10 -12.20 -50.08
CA ALA C 494 -19.17 -12.35 -48.97
C ALA C 494 -19.73 -11.76 -47.67
N MET C 495 -20.42 -10.62 -47.77
CA MET C 495 -21.04 -9.98 -46.61
C MET C 495 -22.17 -10.86 -46.07
N ILE C 496 -23.01 -11.35 -46.97
CA ILE C 496 -24.18 -12.12 -46.58
C ILE C 496 -23.83 -13.45 -45.89
N VAL C 497 -22.71 -14.05 -46.28
CA VAL C 497 -22.21 -15.23 -45.58
C VAL C 497 -22.03 -14.94 -44.09
N GLY C 498 -21.43 -13.79 -43.78
CA GLY C 498 -21.24 -13.37 -42.39
C GLY C 498 -22.55 -13.11 -41.69
N MET C 499 -23.47 -12.44 -42.38
CA MET C 499 -24.77 -12.11 -41.79
C MET C 499 -25.56 -13.37 -41.46
N LYS C 500 -25.50 -14.36 -42.36
CA LYS C 500 -26.18 -15.64 -42.14
C LYS C 500 -25.59 -16.41 -40.96
N LYS C 501 -24.26 -16.40 -40.83
CA LYS C 501 -23.62 -17.01 -39.66
C LYS C 501 -24.23 -16.44 -38.39
N ALA C 502 -24.37 -15.12 -38.33
CA ALA C 502 -24.90 -14.44 -37.15
C ALA C 502 -26.36 -14.75 -36.91
N LEU C 503 -27.16 -14.71 -37.96
CA LEU C 503 -28.61 -14.92 -37.85
C LEU C 503 -28.95 -16.35 -37.42
N GLN C 504 -28.08 -17.30 -37.73
CA GLN C 504 -28.22 -18.67 -37.26
C GLN C 504 -28.33 -18.76 -35.74
N GLU C 505 -27.70 -17.82 -35.03
CA GLU C 505 -27.74 -17.79 -33.58
C GLU C 505 -28.67 -16.74 -32.99
N TYR C 506 -29.27 -15.89 -33.84
CA TYR C 506 -30.09 -14.79 -33.35
C TYR C 506 -31.21 -15.31 -32.44
N GLY C 507 -31.36 -14.67 -31.28
CA GLY C 507 -32.43 -15.01 -30.34
C GLY C 507 -32.19 -16.21 -29.43
N THR C 508 -31.14 -16.99 -29.70
CA THR C 508 -30.85 -18.20 -28.94
C THR C 508 -30.13 -17.85 -27.64
N PRO C 509 -30.01 -18.82 -26.72
CA PRO C 509 -29.20 -18.59 -25.52
C PRO C 509 -27.78 -18.11 -25.80
N LYS C 510 -27.20 -18.57 -26.91
CA LYS C 510 -25.84 -18.15 -27.31
C LYS C 510 -25.79 -16.67 -27.68
N PHE C 511 -26.85 -16.19 -28.32
CA PHE C 511 -27.02 -14.78 -28.64
C PHE C 511 -26.98 -13.95 -27.36
N LYS C 512 -27.81 -14.32 -26.39
CA LYS C 512 -27.85 -13.62 -25.09
C LYS C 512 -26.48 -13.61 -24.41
N LYS C 513 -25.77 -14.75 -24.48
CA LYS C 513 -24.46 -14.86 -23.86
C LYS C 513 -23.43 -13.99 -24.58
N MET C 514 -23.48 -13.96 -25.90
CA MET C 514 -22.54 -13.18 -26.71
C MET C 514 -22.65 -11.69 -26.39
N ARG C 515 -23.85 -11.20 -26.15
CA ARG C 515 -24.06 -9.80 -25.79
C ARG C 515 -23.42 -9.47 -24.43
N LEU C 516 -23.62 -10.35 -23.46
CA LEU C 516 -23.04 -10.16 -22.13
C LEU C 516 -21.52 -10.21 -22.21
N ASP C 517 -21.00 -11.12 -23.03
CA ASP C 517 -19.54 -11.24 -23.22
C ASP C 517 -18.98 -9.98 -23.88
N CYS C 518 -19.74 -9.43 -24.84
CA CYS C 518 -19.37 -8.18 -25.47
C CYS C 518 -19.33 -7.05 -24.45
N MET C 519 -20.37 -6.95 -23.62
CA MET C 519 -20.42 -5.86 -22.63
C MET C 519 -19.33 -5.97 -21.57
N ALA C 520 -18.89 -7.21 -21.29
CA ALA C 520 -17.80 -7.44 -20.32
C ALA C 520 -16.42 -7.21 -20.93
N ASN C 521 -16.36 -7.08 -22.26
CA ASN C 521 -15.10 -6.88 -22.98
C ASN C 521 -14.52 -5.49 -22.75
N ASP C 522 -13.34 -5.43 -22.15
CA ASP C 522 -12.69 -4.17 -21.83
C ASP C 522 -11.96 -3.63 -23.07
N VAL C 523 -12.45 -2.51 -23.60
CA VAL C 523 -11.89 -1.89 -24.79
C VAL C 523 -11.35 -0.48 -24.49
N SER C 524 -11.05 -0.21 -23.22
CA SER C 524 -10.51 1.07 -22.82
C SER C 524 -9.05 1.20 -23.25
N TRP C 525 -8.49 2.38 -23.04
CA TRP C 525 -7.09 2.65 -23.39
C TRP C 525 -6.06 2.08 -22.40
N LYS C 526 -6.54 1.57 -21.28
CA LYS C 526 -5.68 1.11 -20.18
C LYS C 526 -4.57 0.14 -20.62
N LYS C 527 -4.94 -0.98 -21.22
CA LYS C 527 -3.97 -2.00 -21.67
C LYS C 527 -3.10 -1.55 -22.84
N PRO C 528 -3.71 -1.00 -23.90
CA PRO C 528 -2.85 -0.56 -24.99
C PRO C 528 -1.91 0.58 -24.62
N ALA C 529 -2.37 1.52 -23.78
CA ALA C 529 -1.50 2.62 -23.33
C ALA C 529 -0.28 2.06 -22.65
N ALA C 530 -0.48 1.04 -21.82
CA ALA C 530 0.62 0.38 -21.12
C ALA C 530 1.64 -0.22 -22.09
N LYS C 531 1.17 -0.72 -23.23
CA LYS C 531 2.07 -1.23 -24.26
C LYS C 531 2.85 -0.12 -24.93
N TYR C 532 2.22 1.01 -25.19
CA TYR C 532 2.92 2.18 -25.70
C TYR C 532 4.03 2.62 -24.72
N VAL C 533 3.71 2.65 -23.43
CA VAL C 533 4.67 3.05 -22.41
C VAL C 533 5.88 2.14 -22.45
N ASP C 534 5.67 0.83 -22.56
CA ASP C 534 6.78 -0.14 -22.66
C ASP C 534 7.69 0.15 -23.86
N ILE C 535 7.09 0.35 -25.01
CA ILE C 535 7.84 0.69 -26.21
C ILE C 535 8.60 2.01 -26.01
N PHE C 536 7.93 3.02 -25.46
CA PHE C 536 8.56 4.32 -25.21
C PHE C 536 9.75 4.20 -24.24
N GLU C 537 9.59 3.40 -23.19
CA GLU C 537 10.65 3.23 -22.20
C GLU C 537 11.89 2.57 -22.79
N GLN C 538 11.70 1.64 -23.72
CA GLN C 538 12.81 0.99 -24.41
C GLN C 538 13.59 1.97 -25.28
N LEU C 539 12.88 2.91 -25.92
CA LEU C 539 13.51 3.90 -26.79
C LEU C 539 14.42 4.85 -26.03
N VAL C 540 13.98 5.33 -24.87
CA VAL C 540 14.75 6.33 -24.12
C VAL C 540 15.82 5.72 -23.19
N ASN C 541 15.85 4.40 -23.04
CA ASN C 541 16.83 3.73 -22.18
C ASN C 541 17.80 2.86 -22.96
N SER C 542 17.43 1.60 -23.23
CA SER C 542 18.32 0.59 -23.84
C SER C 542 19.31 0.02 -22.82
C2 BGC D . -13.19 8.17 17.00
C3 BGC D . -12.49 9.40 16.44
C4 BGC D . -13.43 10.61 16.56
C5 BGC D . -14.07 10.74 17.96
C6 BGC D . -15.27 11.68 17.90
C1 BGC D . -13.54 8.46 18.46
O1 BGC D . -14.05 7.28 19.11
O2 BGC D . -12.37 6.99 16.90
O3 BGC D . -12.07 9.22 15.07
O4 BGC D . -12.70 11.80 16.31
O5 BGC D . -14.53 9.49 18.50
O6 BGC D . -15.23 12.48 19.09
C1 GLC D . -12.92 12.39 15.01
C2 GLC D . -11.57 12.73 14.35
C3 GLC D . -10.88 13.85 15.13
C4 GLC D . -11.80 15.06 15.25
C5 GLC D . -13.10 14.62 15.94
C6 GLC D . -14.09 15.77 16.19
O2 GLC D . -10.71 11.59 14.32
O3 GLC D . -9.65 14.22 14.54
O4 GLC D . -11.11 16.08 15.97
O5 GLC D . -13.72 13.58 15.17
O6 GLC D . -14.54 16.38 14.97
C1 AC1 D . -10.99 17.32 15.29
O2 AC1 D . -8.63 16.81 15.05
C2 AC1 D . -9.56 17.84 15.42
C4A AC1 D . -8.10 23.32 20.10
C3 AC1 D . -9.27 18.35 16.83
O3 AC1 D . -7.98 18.98 16.79
C4 AC1 D . -10.35 19.34 17.32
N4A AC1 D . -10.13 19.89 18.68
C5 AC1 D . -11.70 18.61 17.21
O5 AC1 D . -11.94 18.25 15.84
C6 AC1 D . -12.88 19.45 17.67
C1B AC1 D . -8.94 20.62 19.11
C2B AC1 D . -8.93 21.01 20.62
O2B AC1 D . -10.00 20.45 21.37
C3B AC1 D . -9.02 22.49 20.94
O3B AC1 D . -8.64 22.70 22.30
O4 AC1 D . -8.43 24.68 20.35
C5B AC1 D . -8.26 22.99 18.64
C7B AC1 D . -8.69 21.81 18.22
C6B AC1 D . -7.90 24.02 17.62
O6B AC1 D . -6.52 24.33 17.84
C2 BGC E . -7.34 11.86 -51.48
C3 BGC E . -6.96 11.94 -50.01
C4 BGC E . -8.17 11.98 -49.08
C5 BGC E . -9.33 11.07 -49.52
C6 BGC E . -10.62 11.47 -48.81
C1 BGC E . -8.42 10.80 -51.71
O1 BGC E . -8.76 10.71 -53.09
O2 BGC E . -6.19 11.53 -52.27
O3 BGC E . -6.16 13.11 -49.77
O4 BGC E . -7.74 11.59 -47.77
O5 BGC E . -9.57 11.15 -50.93
O6 BGC E . -11.53 10.36 -48.83
C1 GLC E . -7.44 12.66 -46.86
C2 GLC E . -6.10 12.40 -46.16
C3 GLC E . -6.20 11.20 -45.24
C4 GLC E . -7.35 11.38 -44.24
C5 GLC E . -8.67 11.72 -44.97
C6 GLC E . -9.79 12.13 -43.99
O2 GLC E . -5.07 12.18 -47.12
O3 GLC E . -4.97 11.00 -44.54
O4 GLC E . -7.44 10.18 -43.45
O5 GLC E . -8.49 12.80 -45.90
O6 GLC E . -10.73 11.07 -43.78
C1 AC1 E . -7.67 10.39 -42.05
O2 AC1 E . -5.31 10.02 -41.64
C2 AC1 E . -6.63 9.64 -41.19
C4A AC1 E . -8.60 3.47 -37.55
C3 AC1 E . -6.85 8.11 -41.19
O3 AC1 E . -5.94 7.53 -40.27
C4 AC1 E . -8.31 7.74 -40.85
N4A AC1 E . -8.61 6.29 -40.81
C5 AC1 E . -9.16 8.54 -41.88
O5 AC1 E . -8.97 9.94 -41.67
C6 AC1 E . -10.67 8.34 -41.86
C1B AC1 E . -7.96 5.31 -39.91
C2B AC1 E . -8.49 3.87 -40.07
O2B AC1 E . -9.38 3.77 -41.18
C3B AC1 E . -9.26 3.29 -38.90
O3B AC1 E . -9.29 1.88 -39.07
O4 AC1 E . -9.58 3.12 -36.55
C5B AC1 E . -8.10 4.87 -37.42
C7B AC1 E . -7.92 5.71 -38.45
C6B AC1 E . -7.69 5.31 -36.04
O6B AC1 E . -6.45 4.67 -35.72
PB ADP F . -13.03 22.01 19.99
O1B ADP F . -12.24 21.19 20.98
O2B ADP F . -12.20 22.49 18.83
O3B ADP F . -14.37 21.44 19.65
PA ADP F . -12.81 24.84 20.55
O1A ADP F . -11.33 24.84 20.20
O2A ADP F . -13.34 25.72 21.68
O3A ADP F . -13.34 23.33 20.86
O5' ADP F . -13.65 25.18 19.22
C5' ADP F . -15.02 24.82 19.08
C4' ADP F . -15.71 25.89 18.23
O4' ADP F . -17.00 25.47 17.79
C3' ADP F . -15.92 27.15 19.05
O3' ADP F . -15.58 28.26 18.23
C2' ADP F . -17.39 27.12 19.42
O2' ADP F . -17.87 28.45 19.46
C1' ADP F . -18.04 26.29 18.32
N9 ADP F . -19.14 25.40 18.73
C8 ADP F . -19.04 24.23 19.42
N7 ADP F . -20.26 23.65 19.59
C5 ADP F . -21.16 24.44 18.99
C6 ADP F . -22.64 24.43 18.79
N6 ADP F . -23.40 23.43 19.27
N1 ADP F . -23.19 25.45 18.10
C2 ADP F . -22.46 26.47 17.61
N3 ADP F . -21.12 26.53 17.76
C4 ADP F . -20.44 25.57 18.42
S SO4 G . -18.02 18.40 -10.39
O1 SO4 G . -17.05 17.97 -11.43
O2 SO4 G . -17.89 17.58 -9.16
O3 SO4 G . -19.38 18.22 -10.93
O4 SO4 G . -17.80 19.83 -10.06
S SO4 H . 11.66 30.22 -3.83
O1 SO4 H . 11.65 28.77 -4.12
O2 SO4 H . 12.55 30.48 -2.68
O3 SO4 H . 10.29 30.70 -3.52
O4 SO4 H . 12.15 30.92 -5.05
S SO4 I . -4.44 -7.10 13.62
O1 SO4 I . -3.19 -6.42 13.20
O2 SO4 I . -4.35 -8.56 13.33
O3 SO4 I . -5.58 -6.55 12.86
O4 SO4 I . -4.61 -6.90 15.07
S SO4 J . -8.40 7.63 15.73
O1 SO4 J . -7.38 8.67 15.45
O2 SO4 J . -7.86 6.30 15.31
O3 SO4 J . -9.63 7.97 14.98
O4 SO4 J . -8.68 7.60 17.18
PB ADP K . 23.76 -28.72 21.73
O1B ADP K . 23.39 -30.08 22.29
O2B ADP K . 23.24 -28.49 20.34
O3B ADP K . 23.52 -27.59 22.69
PA ADP K . 26.35 -29.62 22.38
O1A ADP K . 27.62 -28.83 22.66
O2A ADP K . 25.59 -30.24 23.53
O3A ADP K . 25.35 -28.68 21.53
O5' ADP K . 26.71 -30.81 21.35
C5' ADP K . 25.83 -31.91 21.08
C4' ADP K . 26.66 -33.17 20.81
O4' ADP K . 27.94 -32.85 20.23
C3' ADP K . 26.94 -33.94 22.10
O3' ADP K . 26.75 -35.34 21.90
C2' ADP K . 28.39 -33.62 22.41
O2' ADP K . 29.05 -34.66 23.14
C1' ADP K . 28.98 -33.41 21.03
N9 ADP K . 30.14 -32.51 21.08
C8 ADP K . 30.15 -31.19 21.40
N7 ADP K . 31.41 -30.68 21.29
C5 ADP K . 32.21 -31.67 20.91
C6 ADP K . 33.65 -31.81 20.62
N6 ADP K . 34.50 -30.77 20.72
N1 ADP K . 34.10 -33.02 20.23
C2 ADP K . 33.27 -34.09 20.12
N3 ADP K . 31.94 -34.03 20.37
C4 ADP K . 31.38 -32.87 20.76
C1 GLC L . 19.31 -27.57 21.82
C2 GLC L . 19.79 -27.70 23.30
C3 GLC L . 19.95 -29.10 23.86
C4 GLC L . 18.96 -30.05 23.25
C5 GLC L . 19.16 -30.01 21.72
C6 GLC L . 18.35 -31.05 20.96
O1 GLC L . 20.30 -27.01 20.99
O2 GLC L . 20.98 -26.99 23.58
O3 GLC L . 19.76 -29.07 25.26
O4 GLC L . 19.27 -31.34 23.77
O5 GLC L . 18.83 -28.75 21.20
O6 GLC L . 17.01 -31.02 21.34
S SO4 M . 14.32 -1.34 11.69
O1 SO4 M . 15.59 -1.57 10.96
O2 SO4 M . 14.38 -1.93 13.05
O3 SO4 M . 14.06 0.12 11.75
O4 SO4 M . 13.23 -2.03 10.97
S SO4 N . -4.35 -40.26 4.03
O1 SO4 N . -3.17 -41.16 4.08
O2 SO4 N . -4.28 -39.45 2.79
O3 SO4 N . -4.37 -39.37 5.22
O4 SO4 N . -5.58 -41.08 4.01
PB ADP O . -12.30 5.69 -39.80
PB ADP O . -12.63 6.28 -40.00
O1B ADP O . -11.59 4.78 -40.77
O1B ADP O . -12.00 5.46 -41.09
O2B ADP O . -13.00 6.85 -40.45
O2B ADP O . -11.73 7.36 -39.44
O3B ADP O . -11.49 6.02 -38.57
O3B ADP O . -13.29 5.47 -38.92
PA ADP O . -13.70 4.49 -37.63
PA ADP O . -15.34 6.64 -40.13
O1A ADP O . -12.35 4.15 -37.04
O1A ADP O . -16.39 7.03 -41.13
O2A ADP O . -14.87 3.56 -37.46
O2A ADP O . -15.26 5.21 -39.64
O3A ADP O . -13.51 4.77 -39.22
O3A ADP O . -13.88 7.05 -40.66
O5' ADP O . -14.14 5.94 -37.11
O5' ADP O . -15.54 7.57 -38.84
C5' ADP O . -15.29 6.60 -37.63
C5' ADP O . -15.12 7.11 -37.56
C4' ADP O . -16.00 7.32 -36.50
C4' ADP O . -16.23 7.27 -36.51
O4' ADP O . -16.92 8.31 -36.99
O4' ADP O . -17.15 8.31 -36.85
C3' ADP O . -16.82 6.37 -35.64
C3' ADP O . -17.04 5.99 -36.36
O3' ADP O . -16.60 6.67 -34.27
O3' ADP O . -17.21 5.63 -34.99
C2' ADP O . -18.27 6.63 -35.98
C2' ADP O . -18.37 6.30 -36.97
O2' ADP O . -19.07 6.56 -34.80
O2' ADP O . -19.43 5.64 -36.28
C1' ADP O . -18.25 8.04 -36.55
C1' ADP O . -18.49 7.80 -36.85
N9 ADP O . -19.15 8.21 -37.71
N9 ADP O . -19.21 8.30 -38.03
C8 ADP O . -18.98 7.71 -38.95
C8 ADP O . -18.73 8.26 -39.29
N7 ADP O . -19.99 8.10 -39.77
N7 ADP O . -19.64 8.79 -40.15
C5 ADP O . -20.83 8.87 -39.04
C5 ADP O . -20.71 9.16 -39.43
C6 ADP O . -22.09 9.60 -39.29
C6 ADP O . -22.01 9.79 -39.72
N6 ADP O . -22.66 9.58 -40.50
N6 ADP O . -22.35 10.11 -40.99
N1 ADP O . -22.63 10.27 -38.24
N1 ADP O . -22.85 10.01 -38.67
C2 ADP O . -22.06 10.29 -37.03
C2 ADP O . -22.53 9.68 -37.41
N3 ADP O . -20.92 9.65 -36.75
N3 ADP O . -21.36 9.10 -37.08
C4 ADP O . -20.27 8.93 -37.69
C4 ADP O . -20.43 8.83 -38.02
S SO4 P . -7.47 35.45 -33.12
O1 SO4 P . -6.18 36.18 -32.84
O2 SO4 P . -7.32 34.44 -34.19
O3 SO4 P . -7.95 34.78 -31.88
O4 SO4 P . -8.47 36.46 -33.58
S SO4 Q . 7.84 16.17 -62.02
O1 SO4 Q . 8.73 16.83 -63.03
O2 SO4 Q . 8.66 15.61 -60.93
O3 SO4 Q . 6.86 17.12 -61.46
O4 SO4 Q . 7.10 15.04 -62.65
S SO4 R . 13.50 15.92 -18.12
O1 SO4 R . 14.63 16.18 -19.04
O2 SO4 R . 14.03 15.58 -16.78
O3 SO4 R . 12.67 17.14 -18.04
O4 SO4 R . 12.70 14.78 -18.63
#